data_3KTI
#
_entry.id   3KTI
#
_cell.length_a   121.645
_cell.length_b   151.756
_cell.length_c   100.665
_cell.angle_alpha   90.000
_cell.angle_beta   120.030
_cell.angle_gamma   90.000
#
_symmetry.space_group_name_H-M   'C 1 2 1'
#
loop_
_entity.id
_entity.type
_entity.pdbx_description
1 polymer 'ATP-dependent Clp protease proteolytic subunit'
2 polymer 'Acyldepsipeptide 1'
3 non-polymer 'DIMETHYL SULFOXIDE'
4 non-polymer '2-[N-CYCLOHEXYLAMINO]ETHANE SULFONIC ACID'
5 water water
#
loop_
_entity_poly.entity_id
_entity_poly.type
_entity_poly.pdbx_seq_one_letter_code
_entity_poly.pdbx_strand_id
1 'polypeptide(L)'
;NLIPTVIEQTNRGERAYDIYSRLLKDRIIMLGSAIDDNVANSIVSQLLFLAAEDPEKEISLYINSPGGSITAGMAIYDTM
QFIKPKVSTICIGMAASMGAFLLAAGEKGKRYALPNSEVMIHQPLGGAQGQATEIEIAAKRILLLRDKLNKVLAERTGQP
LEVIERDTDRDNFKSAEEALEYGLIDKILTHTEDKKHHH
;
A,B,C,D,E,F,G
2 'polypeptide(L)' (OTT)FSP(MAA)A(MP8) H,I,J,K,L,M,N
#
loop_
_chem_comp.id
_chem_comp.type
_chem_comp.name
_chem_comp.formula
DMS non-polymer 'DIMETHYL SULFOXIDE' 'C2 H6 O S'
NHE non-polymer '2-[N-CYCLOHEXYLAMINO]ETHANE SULFONIC ACID' 'C8 H17 N O3 S'
OTT non-polymer '(2E,4E,6E)-octa-2,4,6-trienoic acid' 'C8 H10 O2'
#
# COMPACT_ATOMS: atom_id res chain seq x y z
N ASP A 18 5.81 18.10 -7.70
CA ASP A 18 4.40 17.76 -8.02
C ASP A 18 3.80 18.77 -9.00
N ILE A 19 2.88 18.30 -9.84
CA ILE A 19 2.25 19.16 -10.83
C ILE A 19 1.22 20.09 -10.20
N TYR A 20 0.73 19.74 -9.02
CA TYR A 20 -0.26 20.56 -8.32
C TYR A 20 0.39 21.59 -7.41
N SER A 21 1.56 21.27 -6.88
CA SER A 21 2.26 22.20 -6.00
C SER A 21 2.61 23.45 -6.82
N ARG A 22 2.95 23.24 -8.08
CA ARG A 22 3.29 24.33 -8.98
C ARG A 22 2.04 25.17 -9.24
N LEU A 23 0.89 24.50 -9.36
CA LEU A 23 -0.38 25.20 -9.60
C LEU A 23 -0.74 26.03 -8.37
N LEU A 24 -0.55 25.44 -7.19
CA LEU A 24 -0.85 26.13 -5.95
C LEU A 24 0.02 27.38 -5.88
N LYS A 25 1.26 27.26 -6.33
CA LYS A 25 2.19 28.39 -6.32
C LYS A 25 1.63 29.57 -7.12
N ASP A 26 0.79 29.26 -8.11
CA ASP A 26 0.17 30.30 -8.94
C ASP A 26 -1.24 30.62 -8.46
N ARG A 27 -1.54 30.21 -7.22
CA ARG A 27 -2.84 30.43 -6.59
C ARG A 27 -4.02 29.73 -7.26
N ILE A 28 -3.78 28.51 -7.73
CA ILE A 28 -4.81 27.70 -8.36
C ILE A 28 -5.08 26.51 -7.47
N ILE A 29 -6.32 26.34 -7.04
CA ILE A 29 -6.68 25.20 -6.21
C ILE A 29 -7.45 24.26 -7.12
N MET A 30 -7.11 22.98 -7.04
CA MET A 30 -7.74 21.98 -7.89
C MET A 30 -8.75 21.09 -7.17
N LEU A 31 -10.03 21.27 -7.47
CA LEU A 31 -11.08 20.42 -6.89
C LEU A 31 -11.45 19.47 -8.02
N GLY A 32 -10.69 18.39 -8.15
CA GLY A 32 -10.94 17.44 -9.22
C GLY A 32 -11.28 16.03 -8.79
N SER A 33 -12.21 15.91 -7.84
CA SER A 33 -12.65 14.60 -7.37
C SER A 33 -13.96 14.77 -6.63
N ALA A 34 -14.55 13.65 -6.23
CA ALA A 34 -15.80 13.71 -5.48
C ALA A 34 -15.45 14.43 -4.17
N ILE A 35 -16.37 15.25 -3.69
CA ILE A 35 -16.15 15.99 -2.45
C ILE A 35 -16.52 15.19 -1.21
N ASP A 36 -15.56 15.05 -0.30
CA ASP A 36 -15.76 14.36 0.97
C ASP A 36 -14.99 15.19 1.98
N ASP A 37 -15.09 14.84 3.27
CA ASP A 37 -14.41 15.64 4.28
C ASP A 37 -12.93 15.89 4.01
N ASN A 38 -12.19 14.83 3.67
CA ASN A 38 -10.77 14.97 3.39
C ASN A 38 -10.50 15.97 2.27
N VAL A 39 -11.25 15.87 1.17
CA VAL A 39 -11.07 16.80 0.08
C VAL A 39 -11.39 18.21 0.56
N ALA A 40 -12.52 18.34 1.24
CA ALA A 40 -12.95 19.63 1.76
C ALA A 40 -11.89 20.24 2.68
N ASN A 41 -11.42 19.47 3.64
CA ASN A 41 -10.42 19.97 4.57
C ASN A 41 -9.16 20.43 3.86
N SER A 42 -8.78 19.69 2.81
CA SER A 42 -7.61 20.06 2.04
C SER A 42 -7.82 21.39 1.32
N ILE A 43 -8.99 21.55 0.68
CA ILE A 43 -9.33 22.78 -0.05
C ILE A 43 -9.39 23.98 0.90
N VAL A 44 -10.01 23.79 2.06
CA VAL A 44 -10.14 24.82 3.06
C VAL A 44 -8.76 25.30 3.52
N SER A 45 -7.85 24.35 3.70
CA SER A 45 -6.49 24.63 4.14
C SER A 45 -5.76 25.47 3.10
N GLN A 46 -5.94 25.11 1.83
CA GLN A 46 -5.30 25.84 0.75
C GLN A 46 -5.84 27.25 0.65
N LEU A 47 -7.15 27.42 0.84
CA LEU A 47 -7.75 28.74 0.78
C LEU A 47 -7.19 29.64 1.86
N LEU A 48 -7.07 29.10 3.07
CA LEU A 48 -6.53 29.86 4.19
C LEU A 48 -5.05 30.19 3.95
N PHE A 49 -4.31 29.20 3.46
CA PHE A 49 -2.90 29.39 3.16
C PHE A 49 -2.73 30.52 2.15
N LEU A 50 -3.36 30.38 0.99
CA LEU A 50 -3.27 31.40 -0.07
C LEU A 50 -3.72 32.77 0.39
N ALA A 51 -4.77 32.82 1.20
CA ALA A 51 -5.28 34.10 1.70
C ALA A 51 -4.25 34.73 2.63
N ALA A 52 -3.50 33.87 3.33
CA ALA A 52 -2.48 34.32 4.26
C ALA A 52 -1.27 34.84 3.49
N GLU A 53 -0.92 34.15 2.40
CA GLU A 53 0.21 34.54 1.57
C GLU A 53 -0.02 35.93 0.95
N ASP A 54 -1.24 36.18 0.51
CA ASP A 54 -1.58 37.45 -0.11
C ASP A 54 -3.09 37.63 -0.14
N PRO A 55 -3.66 38.27 0.89
CA PRO A 55 -5.10 38.52 1.01
C PRO A 55 -5.68 39.45 -0.06
N GLU A 56 -4.85 39.89 -0.98
CA GLU A 56 -5.30 40.80 -2.03
C GLU A 56 -5.34 40.09 -3.39
N LYS A 57 -4.38 39.21 -3.63
CA LYS A 57 -4.30 38.48 -4.89
C LYS A 57 -5.45 37.48 -4.98
N GLU A 58 -6.11 37.46 -6.13
CA GLU A 58 -7.24 36.55 -6.34
C GLU A 58 -6.82 35.09 -6.37
N ILE A 59 -7.77 34.21 -6.09
CA ILE A 59 -7.52 32.78 -6.08
C ILE A 59 -8.44 32.15 -7.13
N SER A 60 -7.98 31.06 -7.75
CA SER A 60 -8.76 30.37 -8.77
C SER A 60 -9.04 28.93 -8.37
N LEU A 61 -10.32 28.57 -8.32
CA LEU A 61 -10.71 27.21 -7.96
C LEU A 61 -11.19 26.49 -9.22
N TYR A 62 -10.37 25.58 -9.72
CA TYR A 62 -10.69 24.81 -10.90
C TYR A 62 -11.57 23.65 -10.45
N ILE A 63 -12.68 23.42 -11.18
CA ILE A 63 -13.61 22.37 -10.77
C ILE A 63 -13.99 21.35 -11.83
N ASN A 64 -13.75 20.07 -11.53
CA ASN A 64 -14.09 18.93 -12.36
C ASN A 64 -14.48 17.92 -11.29
N SER A 65 -15.72 18.04 -10.81
CA SER A 65 -16.19 17.18 -9.73
C SER A 65 -17.65 16.74 -9.92
N PRO A 66 -17.99 15.52 -9.49
CA PRO A 66 -19.37 15.02 -9.61
C PRO A 66 -20.12 15.44 -8.34
N GLY A 67 -19.42 16.17 -7.47
CA GLY A 67 -20.01 16.62 -6.22
C GLY A 67 -19.71 15.72 -5.04
N GLY A 68 -20.59 15.73 -4.05
CA GLY A 68 -20.37 14.88 -2.89
C GLY A 68 -21.13 15.35 -1.66
N SER A 69 -20.48 15.25 -0.50
CA SER A 69 -21.11 15.66 0.76
C SER A 69 -21.51 17.13 0.78
N ILE A 70 -22.67 17.39 1.35
CA ILE A 70 -23.21 18.74 1.45
C ILE A 70 -22.45 19.55 2.53
N THR A 71 -22.20 18.91 3.67
CA THR A 71 -21.49 19.59 4.75
C THR A 71 -20.05 19.90 4.33
N ALA A 72 -19.40 18.96 3.65
CA ALA A 72 -18.03 19.19 3.20
C ALA A 72 -18.05 20.33 2.18
N GLY A 73 -19.00 20.28 1.27
CA GLY A 73 -19.13 21.33 0.27
C GLY A 73 -19.37 22.69 0.89
N MET A 74 -20.23 22.73 1.92
CA MET A 74 -20.52 24.00 2.59
C MET A 74 -19.28 24.51 3.32
N ALA A 75 -18.43 23.60 3.78
CA ALA A 75 -17.19 23.97 4.45
C ALA A 75 -16.34 24.76 3.49
N ILE A 76 -16.33 24.32 2.23
CA ILE A 76 -15.56 24.99 1.20
C ILE A 76 -16.22 26.33 0.87
N TYR A 77 -17.53 26.31 0.69
CA TYR A 77 -18.30 27.52 0.41
C TYR A 77 -18.06 28.63 1.44
N ASP A 78 -18.15 28.28 2.72
CA ASP A 78 -17.97 29.24 3.80
C ASP A 78 -16.56 29.82 3.91
N THR A 79 -15.57 29.03 3.49
CA THR A 79 -14.19 29.48 3.54
C THR A 79 -13.95 30.44 2.39
N MET A 80 -14.56 30.16 1.24
CA MET A 80 -14.44 31.01 0.06
C MET A 80 -15.02 32.39 0.36
N GLN A 81 -16.12 32.43 1.10
CA GLN A 81 -16.75 33.69 1.44
C GLN A 81 -16.01 34.41 2.56
N PHE A 82 -15.41 33.64 3.46
CA PHE A 82 -14.70 34.22 4.59
C PHE A 82 -13.43 34.98 4.23
N ILE A 83 -12.56 34.35 3.44
CA ILE A 83 -11.29 34.98 3.08
C ILE A 83 -11.45 36.25 2.27
N LYS A 84 -10.45 37.13 2.37
CA LYS A 84 -10.47 38.40 1.66
C LYS A 84 -10.26 38.26 0.15
N PRO A 85 -9.38 37.34 -0.28
CA PRO A 85 -9.16 37.18 -1.72
C PRO A 85 -10.46 36.78 -2.43
N LYS A 86 -10.66 37.27 -3.65
CA LYS A 86 -11.84 36.91 -4.42
C LYS A 86 -11.48 35.58 -5.08
N VAL A 87 -12.39 34.62 -4.97
CA VAL A 87 -12.18 33.29 -5.54
C VAL A 87 -12.95 33.13 -6.83
N SER A 88 -12.23 32.99 -7.93
CA SER A 88 -12.88 32.79 -9.21
C SER A 88 -13.03 31.28 -9.40
N THR A 89 -14.02 30.87 -10.18
CA THR A 89 -14.22 29.45 -10.39
C THR A 89 -14.24 29.11 -11.87
N ILE A 90 -13.70 27.94 -12.22
CA ILE A 90 -13.65 27.51 -13.61
C ILE A 90 -14.17 26.08 -13.74
N CYS A 91 -15.21 25.89 -14.53
CA CYS A 91 -15.76 24.55 -14.72
C CYS A 91 -14.98 23.83 -15.82
N ILE A 92 -14.32 22.74 -15.44
CA ILE A 92 -13.54 21.94 -16.38
C ILE A 92 -14.17 20.54 -16.47
N GLY A 93 -14.57 20.15 -17.67
CA GLY A 93 -15.18 18.85 -17.82
C GLY A 93 -16.59 18.84 -17.25
N MET A 94 -16.72 18.64 -15.95
CA MET A 94 -18.03 18.60 -15.30
C MET A 94 -18.10 19.07 -13.86
N ALA A 95 -19.08 19.94 -13.58
CA ALA A 95 -19.33 20.42 -12.23
C ALA A 95 -20.77 20.03 -11.96
N ALA A 96 -20.95 18.96 -11.19
CA ALA A 96 -22.28 18.46 -10.87
C ALA A 96 -22.59 18.55 -9.38
N SER A 97 -23.87 18.76 -9.07
CA SER A 97 -24.33 18.84 -7.69
C SER A 97 -23.52 19.85 -6.87
N MET A 98 -23.00 19.43 -5.71
CA MET A 98 -22.22 20.34 -4.87
C MET A 98 -21.09 21.02 -5.64
N GLY A 99 -20.57 20.35 -6.66
CA GLY A 99 -19.50 20.93 -7.47
C GLY A 99 -20.04 22.11 -8.26
N ALA A 100 -21.28 21.98 -8.72
CA ALA A 100 -21.92 23.04 -9.48
C ALA A 100 -22.28 24.17 -8.50
N PHE A 101 -22.59 23.79 -7.26
CA PHE A 101 -22.94 24.74 -6.22
C PHE A 101 -21.73 25.66 -5.98
N LEU A 102 -20.55 25.06 -5.86
CA LEU A 102 -19.32 25.84 -5.62
C LEU A 102 -18.95 26.67 -6.84
N LEU A 103 -19.19 26.13 -8.04
CA LEU A 103 -18.90 26.84 -9.27
C LEU A 103 -19.70 28.14 -9.25
N ALA A 104 -20.99 28.01 -8.92
CA ALA A 104 -21.89 29.15 -8.86
C ALA A 104 -21.59 30.11 -7.72
N ALA A 105 -20.75 29.68 -6.77
CA ALA A 105 -20.39 30.50 -5.62
C ALA A 105 -19.16 31.37 -5.84
N GLY A 106 -18.60 31.28 -7.04
CA GLY A 106 -17.44 32.09 -7.36
C GLY A 106 -17.79 33.56 -7.40
N GLU A 107 -16.80 34.42 -7.19
CA GLU A 107 -16.97 35.86 -7.23
C GLU A 107 -17.75 36.23 -8.49
N LYS A 108 -18.83 36.99 -8.35
CA LYS A 108 -19.63 37.38 -9.50
C LYS A 108 -18.76 38.05 -10.56
N GLY A 109 -18.83 37.56 -11.79
CA GLY A 109 -18.02 38.12 -12.86
C GLY A 109 -16.76 37.29 -13.08
N LYS A 110 -16.48 36.38 -12.15
CA LYS A 110 -15.29 35.53 -12.26
C LYS A 110 -15.63 34.04 -12.22
N ARG A 111 -16.79 33.69 -12.73
CA ARG A 111 -17.22 32.29 -12.79
C ARG A 111 -17.10 31.90 -14.26
N TYR A 112 -16.21 30.94 -14.56
CA TYR A 112 -15.97 30.52 -15.93
C TYR A 112 -16.23 29.04 -16.20
N ALA A 113 -16.28 28.71 -17.49
CA ALA A 113 -16.48 27.33 -17.94
C ALA A 113 -15.86 27.19 -19.33
N LEU A 114 -15.31 26.03 -19.61
CA LEU A 114 -14.73 25.78 -20.91
C LEU A 114 -15.93 25.49 -21.83
N PRO A 115 -15.77 25.76 -23.14
CA PRO A 115 -16.81 25.57 -24.16
C PRO A 115 -17.64 24.29 -24.08
N ASN A 116 -17.00 23.16 -23.80
CA ASN A 116 -17.72 21.89 -23.76
C ASN A 116 -17.96 21.28 -22.38
N SER A 117 -17.63 22.01 -21.32
CA SER A 117 -17.85 21.50 -19.98
C SER A 117 -19.34 21.45 -19.68
N GLU A 118 -19.73 20.62 -18.70
CA GLU A 118 -21.12 20.49 -18.30
C GLU A 118 -21.33 20.91 -16.86
N VAL A 119 -22.52 21.38 -16.56
CA VAL A 119 -22.89 21.78 -15.22
C VAL A 119 -24.23 21.08 -14.96
N MET A 120 -24.36 20.39 -13.84
CA MET A 120 -25.60 19.72 -13.52
C MET A 120 -26.03 20.05 -12.11
N ILE A 121 -27.32 20.31 -11.94
CA ILE A 121 -27.86 20.60 -10.64
C ILE A 121 -29.05 19.68 -10.39
N HIS A 122 -29.27 19.31 -9.14
CA HIS A 122 -30.37 18.43 -8.78
C HIS A 122 -30.61 18.62 -7.29
N GLN A 123 -31.22 17.64 -6.63
CA GLN A 123 -31.44 17.82 -5.20
C GLN A 123 -30.59 16.91 -4.35
N PRO A 124 -30.48 17.24 -3.04
CA PRO A 124 -29.69 16.44 -2.12
C PRO A 124 -30.15 14.99 -2.10
N LEU A 125 -29.19 14.09 -1.95
CA LEU A 125 -29.47 12.67 -1.89
C LEU A 125 -29.13 12.18 -0.48
N GLY A 126 -29.87 11.20 0.00
CA GLY A 126 -29.62 10.68 1.34
C GLY A 126 -30.36 9.41 1.65
N GLY A 127 -30.40 9.05 2.93
CA GLY A 127 -31.07 7.83 3.33
C GLY A 127 -31.51 7.86 4.78
N ALA A 128 -32.38 6.92 5.15
CA ALA A 128 -32.89 6.82 6.51
C ALA A 128 -33.53 5.47 6.72
N GLN A 129 -33.14 4.80 7.80
CA GLN A 129 -33.68 3.49 8.12
C GLN A 129 -33.94 3.40 9.62
N GLY A 130 -35.07 2.83 9.98
CA GLY A 130 -35.39 2.71 11.40
C GLY A 130 -36.82 3.07 11.74
N GLN A 131 -37.02 3.57 12.95
CA GLN A 131 -38.34 3.94 13.41
C GLN A 131 -38.87 5.18 12.71
N ALA A 132 -40.20 5.25 12.57
CA ALA A 132 -40.86 6.39 11.96
C ALA A 132 -40.24 7.71 12.44
N THR A 133 -40.09 7.85 13.75
CA THR A 133 -39.53 9.09 14.31
C THR A 133 -38.13 9.39 13.79
N GLU A 134 -37.32 8.35 13.59
CA GLU A 134 -35.96 8.54 13.10
C GLU A 134 -35.97 8.92 11.62
N ILE A 135 -36.87 8.31 10.86
CA ILE A 135 -36.97 8.61 9.45
C ILE A 135 -37.41 10.06 9.32
N GLU A 136 -38.26 10.49 10.23
CA GLU A 136 -38.76 11.85 10.21
C GLU A 136 -37.62 12.86 10.39
N ILE A 137 -36.76 12.60 11.37
CA ILE A 137 -35.62 13.47 11.63
C ILE A 137 -34.70 13.60 10.41
N ALA A 138 -34.37 12.48 9.79
CA ALA A 138 -33.50 12.49 8.62
C ALA A 138 -34.17 13.24 7.46
N ALA A 139 -35.47 13.04 7.33
CA ALA A 139 -36.24 13.70 6.27
C ALA A 139 -36.22 15.21 6.47
N LYS A 140 -36.56 15.66 7.69
CA LYS A 140 -36.58 17.08 7.98
C LYS A 140 -35.23 17.70 7.70
N ARG A 141 -34.16 16.98 8.01
CA ARG A 141 -32.83 17.52 7.77
C ARG A 141 -32.51 17.70 6.29
N ILE A 142 -32.66 16.64 5.49
CA ILE A 142 -32.35 16.74 4.07
C ILE A 142 -33.22 17.78 3.37
N LEU A 143 -34.47 17.93 3.81
CA LEU A 143 -35.35 18.94 3.22
C LEU A 143 -34.83 20.33 3.59
N LEU A 144 -34.32 20.47 4.81
CA LEU A 144 -33.76 21.74 5.26
C LEU A 144 -32.51 22.06 4.44
N LEU A 145 -31.66 21.05 4.24
CA LEU A 145 -30.45 21.24 3.45
C LEU A 145 -30.80 21.67 2.02
N ARG A 146 -31.82 21.04 1.45
CA ARG A 146 -32.22 21.39 0.10
C ARG A 146 -32.70 22.83 0.04
N ASP A 147 -33.45 23.26 1.05
CA ASP A 147 -33.95 24.62 1.07
C ASP A 147 -32.78 25.61 1.18
N LYS A 148 -31.82 25.28 2.04
CA LYS A 148 -30.65 26.13 2.24
C LYS A 148 -29.85 26.26 0.95
N LEU A 149 -29.54 25.13 0.32
CA LEU A 149 -28.78 25.16 -0.94
C LEU A 149 -29.54 25.88 -2.05
N ASN A 150 -30.85 25.67 -2.14
CA ASN A 150 -31.63 26.35 -3.17
C ASN A 150 -31.67 27.86 -2.96
N LYS A 151 -31.81 28.29 -1.71
CA LYS A 151 -31.86 29.73 -1.44
C LYS A 151 -30.56 30.38 -1.89
N VAL A 152 -29.44 29.69 -1.71
CA VAL A 152 -28.16 30.25 -2.12
C VAL A 152 -28.07 30.25 -3.64
N LEU A 153 -28.49 29.17 -4.27
CA LEU A 153 -28.47 29.11 -5.73
C LEU A 153 -29.30 30.25 -6.32
N ALA A 154 -30.45 30.52 -5.71
CA ALA A 154 -31.32 31.59 -6.20
C ALA A 154 -30.57 32.92 -6.11
N GLU A 155 -29.99 33.17 -4.95
CA GLU A 155 -29.23 34.40 -4.73
C GLU A 155 -28.08 34.56 -5.71
N ARG A 156 -27.32 33.49 -5.91
CA ARG A 156 -26.15 33.51 -6.81
C ARG A 156 -26.46 33.60 -8.31
N THR A 157 -27.54 32.95 -8.76
CA THR A 157 -27.89 33.00 -10.18
C THR A 157 -28.80 34.18 -10.52
N GLY A 158 -29.59 34.64 -9.54
CA GLY A 158 -30.50 35.73 -9.78
C GLY A 158 -31.90 35.20 -10.11
N GLN A 159 -32.03 33.87 -10.22
CA GLN A 159 -33.31 33.23 -10.53
C GLN A 159 -34.22 33.22 -9.31
N PRO A 160 -35.54 33.20 -9.54
CA PRO A 160 -36.41 33.18 -8.35
C PRO A 160 -36.30 31.79 -7.70
N LEU A 161 -36.56 31.72 -6.41
CA LEU A 161 -36.48 30.47 -5.68
C LEU A 161 -37.40 29.38 -6.24
N GLU A 162 -38.60 29.76 -6.66
CA GLU A 162 -39.53 28.77 -7.20
C GLU A 162 -38.94 28.15 -8.46
N VAL A 163 -38.14 28.92 -9.19
CA VAL A 163 -37.51 28.41 -10.40
C VAL A 163 -36.43 27.41 -10.04
N ILE A 164 -35.56 27.77 -9.09
CA ILE A 164 -34.51 26.86 -8.66
C ILE A 164 -35.16 25.56 -8.16
N GLU A 165 -36.25 25.70 -7.41
CA GLU A 165 -36.95 24.54 -6.86
C GLU A 165 -37.43 23.54 -7.90
N ARG A 166 -38.19 23.99 -8.89
CA ARG A 166 -38.65 23.03 -9.89
C ARG A 166 -37.52 22.54 -10.79
N ASP A 167 -36.54 23.39 -11.06
CA ASP A 167 -35.43 23.00 -11.94
C ASP A 167 -34.46 21.98 -11.35
N THR A 168 -34.45 21.83 -10.03
CA THR A 168 -33.57 20.88 -9.37
C THR A 168 -34.30 19.60 -8.97
N ASP A 169 -35.56 19.48 -9.39
CA ASP A 169 -36.34 18.30 -9.04
C ASP A 169 -35.64 17.02 -9.49
N ARG A 170 -35.13 17.00 -10.71
CA ARG A 170 -34.42 15.84 -11.27
C ARG A 170 -33.08 16.32 -11.80
N ASP A 171 -32.20 15.38 -12.15
CA ASP A 171 -30.90 15.71 -12.72
C ASP A 171 -31.08 16.70 -13.87
N ASN A 172 -30.52 17.88 -13.72
CA ASN A 172 -30.64 18.93 -14.71
C ASN A 172 -29.27 19.26 -15.30
N PHE A 173 -28.99 18.69 -16.47
CA PHE A 173 -27.72 18.89 -17.17
C PHE A 173 -27.77 20.10 -18.09
N LYS A 174 -26.78 20.99 -17.94
CA LYS A 174 -26.70 22.18 -18.77
C LYS A 174 -25.35 22.28 -19.46
N SER A 175 -25.34 22.91 -20.63
CA SER A 175 -24.12 23.12 -21.39
C SER A 175 -23.53 24.40 -20.83
N ALA A 176 -22.31 24.72 -21.25
CA ALA A 176 -21.68 25.94 -20.78
C ALA A 176 -22.57 27.14 -21.11
N GLU A 177 -23.10 27.19 -22.34
CA GLU A 177 -23.96 28.30 -22.72
C GLU A 177 -25.20 28.39 -21.84
N GLU A 178 -25.85 27.24 -21.64
CA GLU A 178 -27.04 27.18 -20.82
C GLU A 178 -26.75 27.62 -19.38
N ALA A 179 -25.60 27.19 -18.87
CA ALA A 179 -25.18 27.54 -17.52
C ALA A 179 -25.06 29.04 -17.42
N LEU A 180 -24.47 29.65 -18.45
CA LEU A 180 -24.30 31.10 -18.49
C LEU A 180 -25.66 31.80 -18.54
N GLU A 181 -26.53 31.32 -19.42
CA GLU A 181 -27.83 31.95 -19.55
C GLU A 181 -28.71 31.74 -18.32
N TYR A 182 -28.34 30.80 -17.47
CA TYR A 182 -29.10 30.51 -16.24
C TYR A 182 -28.57 31.36 -15.08
N GLY A 183 -27.30 31.75 -15.16
CA GLY A 183 -26.70 32.55 -14.10
C GLY A 183 -25.73 31.79 -13.21
N LEU A 184 -25.40 30.55 -13.58
CA LEU A 184 -24.48 29.73 -12.80
C LEU A 184 -23.03 30.18 -13.05
N ILE A 185 -22.78 30.68 -14.26
CA ILE A 185 -21.45 31.18 -14.64
C ILE A 185 -21.59 32.53 -15.33
N ASP A 186 -20.47 33.24 -15.46
CA ASP A 186 -20.48 34.56 -16.08
C ASP A 186 -19.86 34.60 -17.47
N LYS A 187 -18.86 33.76 -17.71
CA LYS A 187 -18.21 33.75 -19.00
C LYS A 187 -17.70 32.38 -19.44
N ILE A 188 -17.57 32.22 -20.76
CA ILE A 188 -17.08 30.99 -21.34
C ILE A 188 -15.70 31.24 -21.91
N LEU A 189 -14.71 30.44 -21.49
CA LEU A 189 -13.34 30.58 -21.97
C LEU A 189 -13.25 30.05 -23.39
N THR A 190 -12.60 30.79 -24.29
CA THR A 190 -12.49 30.33 -25.66
C THR A 190 -11.06 30.19 -26.17
N HIS A 191 -10.34 31.32 -26.28
CA HIS A 191 -8.97 31.30 -26.77
C HIS A 191 -8.03 32.20 -25.96
N ASP B 18 3.96 20.07 3.43
CA ASP B 18 2.61 19.67 3.92
C ASP B 18 1.84 20.92 4.39
N ILE B 19 0.55 20.96 4.08
CA ILE B 19 -0.29 22.10 4.45
C ILE B 19 -0.63 22.09 5.94
N TYR B 20 -0.89 20.91 6.49
CA TYR B 20 -1.23 20.78 7.89
C TYR B 20 -0.05 21.14 8.80
N SER B 21 1.16 20.87 8.32
CA SER B 21 2.35 21.21 9.08
C SER B 21 2.50 22.72 9.09
N ARG B 22 2.06 23.34 8.00
CA ARG B 22 2.12 24.79 7.85
C ARG B 22 1.15 25.44 8.83
N LEU B 23 -0.02 24.81 8.99
CA LEU B 23 -1.05 25.32 9.90
C LEU B 23 -0.68 25.07 11.35
N LEU B 24 0.03 23.97 11.62
CA LEU B 24 0.43 23.65 12.98
C LEU B 24 1.40 24.71 13.48
N LYS B 25 2.17 25.28 12.55
CA LYS B 25 3.13 26.33 12.89
C LYS B 25 2.37 27.57 13.36
N ASP B 26 1.15 27.75 12.87
CA ASP B 26 0.31 28.87 13.27
C ASP B 26 -0.55 28.48 14.46
N ARG B 27 -0.19 27.37 15.10
CA ARG B 27 -0.91 26.86 16.26
C ARG B 27 -2.36 26.47 15.94
N ILE B 28 -2.57 25.94 14.75
CA ILE B 28 -3.88 25.49 14.32
C ILE B 28 -3.85 23.98 14.21
N ILE B 29 -4.74 23.31 14.94
CA ILE B 29 -4.83 21.87 14.91
C ILE B 29 -6.10 21.48 14.15
N MET B 30 -5.97 20.51 13.26
CA MET B 30 -7.11 20.06 12.46
C MET B 30 -7.69 18.72 12.89
N LEU B 31 -8.96 18.74 13.27
CA LEU B 31 -9.68 17.54 13.65
C LEU B 31 -10.68 17.35 12.50
N GLY B 32 -10.20 16.76 11.41
CA GLY B 32 -11.06 16.59 10.24
C GLY B 32 -11.45 15.17 9.87
N SER B 33 -11.70 14.32 10.86
CA SER B 33 -12.09 12.96 10.57
C SER B 33 -12.82 12.38 11.77
N ALA B 34 -13.32 11.15 11.61
CA ALA B 34 -14.01 10.49 12.70
C ALA B 34 -12.96 10.38 13.81
N ILE B 35 -13.39 10.34 15.06
CA ILE B 35 -12.47 10.27 16.16
C ILE B 35 -12.24 8.87 16.71
N ASP B 36 -11.02 8.37 16.56
CA ASP B 36 -10.67 7.06 17.11
C ASP B 36 -9.39 7.29 17.92
N ASP B 37 -8.89 6.25 18.56
CA ASP B 37 -7.69 6.37 19.38
C ASP B 37 -6.50 7.00 18.69
N ASN B 38 -6.25 6.62 17.43
CA ASN B 38 -5.12 7.19 16.68
C ASN B 38 -5.27 8.69 16.49
N VAL B 39 -6.45 9.11 16.04
CA VAL B 39 -6.70 10.53 15.83
C VAL B 39 -6.52 11.25 17.16
N ALA B 40 -7.10 10.69 18.21
CA ALA B 40 -7.02 11.26 19.55
C ALA B 40 -5.58 11.43 20.02
N ASN B 41 -4.80 10.36 19.96
CA ASN B 41 -3.40 10.42 20.39
C ASN B 41 -2.61 11.47 19.60
N SER B 42 -2.96 11.65 18.34
CA SER B 42 -2.30 12.62 17.48
C SER B 42 -2.62 14.04 17.95
N ILE B 43 -3.90 14.30 18.16
CA ILE B 43 -4.35 15.61 18.59
C ILE B 43 -3.81 15.94 19.98
N VAL B 44 -3.79 14.93 20.86
CA VAL B 44 -3.28 15.09 22.21
C VAL B 44 -1.82 15.53 22.12
N SER B 45 -1.08 14.88 21.23
CA SER B 45 0.33 15.19 21.02
C SER B 45 0.53 16.61 20.52
N GLN B 46 -0.28 17.01 19.55
CA GLN B 46 -0.19 18.36 19.00
C GLN B 46 -0.47 19.38 20.09
N LEU B 47 -1.42 19.09 20.96
CA LEU B 47 -1.76 20.01 22.05
C LEU B 47 -0.61 20.15 23.05
N LEU B 48 -0.01 19.03 23.42
CA LEU B 48 1.10 19.04 24.36
C LEU B 48 2.29 19.73 23.72
N PHE B 49 2.47 19.48 22.42
CA PHE B 49 3.55 20.08 21.65
C PHE B 49 3.40 21.60 21.63
N LEU B 50 2.27 22.07 21.12
CA LEU B 50 2.02 23.51 21.05
C LEU B 50 2.12 24.17 22.42
N ALA B 51 1.61 23.48 23.44
CA ALA B 51 1.62 23.99 24.80
C ALA B 51 3.05 24.12 25.32
N ALA B 52 3.96 23.33 24.76
CA ALA B 52 5.36 23.35 25.16
C ALA B 52 6.03 24.53 24.48
N GLU B 53 5.77 24.68 23.19
CA GLU B 53 6.32 25.77 22.39
C GLU B 53 6.00 27.12 23.03
N ASP B 54 4.85 27.22 23.67
CA ASP B 54 4.45 28.47 24.30
C ASP B 54 3.11 28.31 25.00
N PRO B 55 3.14 28.23 26.35
CA PRO B 55 1.94 28.07 27.18
C PRO B 55 1.08 29.33 27.26
N GLU B 56 1.52 30.38 26.59
CA GLU B 56 0.78 31.65 26.63
C GLU B 56 -0.10 31.84 25.40
N LYS B 57 0.46 31.55 24.23
CA LYS B 57 -0.27 31.72 22.98
C LYS B 57 -1.44 30.75 22.83
N GLU B 58 -2.56 31.27 22.34
CA GLU B 58 -3.77 30.48 22.13
C GLU B 58 -3.57 29.40 21.06
N ILE B 59 -4.43 28.39 21.12
CA ILE B 59 -4.39 27.29 20.17
C ILE B 59 -5.79 27.19 19.55
N SER B 60 -5.85 27.00 18.24
CA SER B 60 -7.13 26.88 17.55
C SER B 60 -7.38 25.45 17.05
N LEU B 61 -8.50 24.88 17.47
CA LEU B 61 -8.86 23.54 17.08
C LEU B 61 -9.99 23.63 16.07
N TYR B 62 -9.69 23.35 14.81
CA TYR B 62 -10.68 23.39 13.74
C TYR B 62 -11.37 22.03 13.69
N ILE B 63 -12.70 22.03 13.66
CA ILE B 63 -13.44 20.79 13.68
C ILE B 63 -14.44 20.57 12.53
N ASN B 64 -14.26 19.46 11.81
CA ASN B 64 -15.16 19.03 10.73
C ASN B 64 -15.10 17.53 10.93
N SER B 65 -15.95 17.04 11.83
CA SER B 65 -15.93 15.63 12.20
C SER B 65 -17.30 15.05 12.54
N PRO B 66 -17.50 13.76 12.22
CA PRO B 66 -18.78 13.12 12.51
C PRO B 66 -18.76 12.55 13.93
N GLY B 67 -17.64 12.78 14.62
CA GLY B 67 -17.51 12.28 15.97
C GLY B 67 -16.77 10.95 15.99
N GLY B 68 -17.10 10.10 16.95
CA GLY B 68 -16.43 8.82 17.07
C GLY B 68 -16.37 8.37 18.52
N SER B 69 -15.34 7.60 18.86
CA SER B 69 -15.16 7.09 20.22
C SER B 69 -15.26 8.12 21.34
N ILE B 70 -16.01 7.77 22.37
CA ILE B 70 -16.19 8.64 23.51
C ILE B 70 -14.86 8.74 24.29
N THR B 71 -14.21 7.60 24.59
CA THR B 71 -12.96 7.66 25.34
C THR B 71 -11.89 8.43 24.58
N ALA B 72 -11.83 8.26 23.26
CA ALA B 72 -10.84 8.99 22.46
C ALA B 72 -11.15 10.49 22.55
N GLY B 73 -12.43 10.83 22.47
CA GLY B 73 -12.85 12.22 22.56
C GLY B 73 -12.51 12.82 23.92
N MET B 74 -12.74 12.06 24.98
CA MET B 74 -12.45 12.55 26.33
C MET B 74 -10.96 12.80 26.55
N ALA B 75 -10.12 12.01 25.88
CA ALA B 75 -8.68 12.17 25.98
C ALA B 75 -8.33 13.55 25.43
N ILE B 76 -9.02 13.94 24.35
CA ILE B 76 -8.80 15.24 23.73
C ILE B 76 -9.32 16.33 24.67
N TYR B 77 -10.54 16.14 25.17
CA TYR B 77 -11.15 17.10 26.09
C TYR B 77 -10.23 17.37 27.28
N ASP B 78 -9.80 16.30 27.95
CA ASP B 78 -8.94 16.40 29.12
C ASP B 78 -7.62 17.11 28.88
N THR B 79 -7.03 16.90 27.70
CA THR B 79 -5.77 17.53 27.36
C THR B 79 -6.02 19.03 27.18
N MET B 80 -7.11 19.36 26.49
CA MET B 80 -7.49 20.75 26.27
C MET B 80 -7.60 21.45 27.60
N GLN B 81 -8.17 20.75 28.59
CA GLN B 81 -8.35 21.33 29.92
C GLN B 81 -7.05 21.45 30.71
N PHE B 82 -6.15 20.49 30.53
CA PHE B 82 -4.88 20.46 31.25
C PHE B 82 -3.89 21.55 30.84
N ILE B 83 -3.71 21.75 29.55
CA ILE B 83 -2.76 22.74 29.08
C ILE B 83 -3.16 24.17 29.42
N LYS B 84 -2.15 25.01 29.62
CA LYS B 84 -2.38 26.41 29.97
C LYS B 84 -2.96 27.23 28.82
N PRO B 85 -2.48 27.02 27.59
CA PRO B 85 -3.04 27.80 26.48
C PRO B 85 -4.55 27.62 26.37
N LYS B 86 -5.24 28.70 26.03
CA LYS B 86 -6.69 28.63 25.88
C LYS B 86 -6.92 28.03 24.50
N VAL B 87 -7.88 27.13 24.39
CA VAL B 87 -8.16 26.49 23.12
C VAL B 87 -9.47 26.96 22.50
N SER B 88 -9.36 27.68 21.40
CA SER B 88 -10.54 28.17 20.71
C SER B 88 -10.94 27.09 19.71
N THR B 89 -12.24 27.00 19.43
CA THR B 89 -12.73 25.99 18.50
C THR B 89 -13.58 26.59 17.41
N ILE B 90 -13.50 26.00 16.22
CA ILE B 90 -14.25 26.44 15.06
C ILE B 90 -14.93 25.26 14.37
N CYS B 91 -16.23 25.35 14.18
CA CYS B 91 -16.97 24.31 13.51
C CYS B 91 -17.00 24.60 12.01
N ILE B 92 -16.35 23.74 11.24
CA ILE B 92 -16.28 23.89 9.78
C ILE B 92 -17.02 22.72 9.12
N GLY B 93 -18.14 23.01 8.47
CA GLY B 93 -18.90 21.97 7.82
C GLY B 93 -19.82 21.27 8.81
N MET B 94 -19.29 20.29 9.53
CA MET B 94 -20.08 19.56 10.52
C MET B 94 -19.30 19.15 11.75
N ALA B 95 -19.91 19.36 12.91
CA ALA B 95 -19.31 18.95 14.17
C ALA B 95 -20.42 18.14 14.80
N ALA B 96 -20.31 16.82 14.73
CA ALA B 96 -21.34 15.94 15.28
C ALA B 96 -20.83 15.05 16.41
N SER B 97 -21.74 14.71 17.32
CA SER B 97 -21.46 13.84 18.44
C SER B 97 -20.23 14.32 19.24
N MET B 98 -19.22 13.46 19.40
CA MET B 98 -18.04 13.86 20.15
C MET B 98 -17.32 15.05 19.50
N GLY B 99 -17.60 15.26 18.21
CA GLY B 99 -17.01 16.38 17.50
C GLY B 99 -17.71 17.64 17.98
N ALA B 100 -19.01 17.51 18.26
CA ALA B 100 -19.82 18.61 18.75
C ALA B 100 -19.48 18.88 20.22
N PHE B 101 -19.09 17.81 20.93
CA PHE B 101 -18.73 17.90 22.35
C PHE B 101 -17.47 18.75 22.49
N LEU B 102 -16.48 18.47 21.64
CA LEU B 102 -15.22 19.21 21.66
C LEU B 102 -15.41 20.65 21.21
N LEU B 103 -16.36 20.88 20.31
CA LEU B 103 -16.63 22.23 19.86
C LEU B 103 -17.11 23.03 21.07
N ALA B 104 -18.06 22.45 21.82
CA ALA B 104 -18.61 23.11 23.00
C ALA B 104 -17.61 23.24 24.15
N ALA B 105 -16.48 22.52 24.05
CA ALA B 105 -15.47 22.54 25.10
C ALA B 105 -14.40 23.62 24.91
N GLY B 106 -14.45 24.33 23.78
CA GLY B 106 -13.47 25.38 23.57
C GLY B 106 -13.63 26.46 24.63
N GLU B 107 -12.62 27.30 24.76
CA GLU B 107 -12.63 28.38 25.75
C GLU B 107 -13.91 29.22 25.59
N LYS B 108 -14.58 29.49 26.71
CA LYS B 108 -15.80 30.30 26.67
C LYS B 108 -15.54 31.62 25.97
N GLY B 109 -16.31 31.89 24.92
CA GLY B 109 -16.14 33.12 24.18
C GLY B 109 -15.33 32.91 22.92
N LYS B 110 -14.64 31.77 22.84
CA LYS B 110 -13.83 31.49 21.65
C LYS B 110 -14.31 30.23 20.92
N ARG B 111 -15.61 29.99 20.98
CA ARG B 111 -16.20 28.85 20.28
C ARG B 111 -16.92 29.45 19.08
N TYR B 112 -16.43 29.13 17.89
CA TYR B 112 -16.99 29.69 16.66
C TYR B 112 -17.59 28.67 15.69
N ALA B 113 -18.28 29.19 14.69
CA ALA B 113 -18.88 28.36 13.64
C ALA B 113 -19.07 29.19 12.38
N LEU B 114 -18.74 28.62 11.23
CA LEU B 114 -18.93 29.30 9.98
C LEU B 114 -20.44 29.35 9.74
N PRO B 115 -20.92 30.35 8.99
CA PRO B 115 -22.34 30.57 8.66
C PRO B 115 -23.21 29.37 8.32
N ASN B 116 -22.71 28.43 7.54
CA ASN B 116 -23.53 27.28 7.17
C ASN B 116 -23.12 25.96 7.81
N SER B 117 -22.31 26.04 8.86
CA SER B 117 -21.87 24.86 9.59
C SER B 117 -23.05 24.20 10.28
N GLU B 118 -22.90 22.91 10.57
CA GLU B 118 -23.91 22.14 11.28
C GLU B 118 -23.31 21.58 12.54
N VAL B 119 -24.14 21.38 13.54
CA VAL B 119 -23.73 20.83 14.82
C VAL B 119 -24.81 19.86 15.23
N MET B 120 -24.44 18.61 15.53
CA MET B 120 -25.44 17.63 15.96
C MET B 120 -25.02 16.93 17.25
N ILE B 121 -25.96 16.81 18.19
CA ILE B 121 -25.72 16.15 19.46
C ILE B 121 -26.75 15.02 19.59
N HIS B 122 -26.34 13.90 20.19
CA HIS B 122 -27.23 12.76 20.39
C HIS B 122 -26.69 11.93 21.55
N GLN B 123 -27.19 10.72 21.75
CA GLN B 123 -26.68 9.92 22.85
C GLN B 123 -25.60 8.94 22.43
N PRO B 124 -24.89 8.36 23.40
CA PRO B 124 -23.83 7.40 23.06
C PRO B 124 -24.45 6.20 22.38
N LEU B 125 -23.65 5.55 21.55
CA LEU B 125 -24.06 4.36 20.82
C LEU B 125 -23.13 3.23 21.21
N GLY B 126 -23.65 2.01 21.25
CA GLY B 126 -22.84 0.87 21.62
C GLY B 126 -23.61 -0.43 21.48
N GLY B 127 -23.11 -1.49 22.12
CA GLY B 127 -23.78 -2.76 22.03
C GLY B 127 -23.39 -3.70 23.15
N ALA B 128 -23.92 -4.92 23.12
CA ALA B 128 -23.62 -5.91 24.14
C ALA B 128 -24.36 -7.21 23.83
N GLN B 129 -23.64 -8.32 23.94
CA GLN B 129 -24.20 -9.65 23.69
C GLN B 129 -23.59 -10.65 24.67
N GLY B 130 -24.44 -11.44 25.31
CA GLY B 130 -23.98 -12.41 26.28
C GLY B 130 -25.01 -12.65 27.36
N GLN B 131 -24.54 -12.98 28.56
CA GLN B 131 -25.46 -13.22 29.68
C GLN B 131 -26.08 -11.93 30.20
N ALA B 132 -27.23 -12.08 30.84
CA ALA B 132 -27.94 -10.95 31.43
C ALA B 132 -26.96 -10.09 32.21
N THR B 133 -26.18 -10.73 33.06
CA THR B 133 -25.18 -10.04 33.88
C THR B 133 -24.22 -9.20 33.04
N GLU B 134 -23.80 -9.74 31.90
CA GLU B 134 -22.88 -9.01 31.03
C GLU B 134 -23.58 -7.83 30.34
N ILE B 135 -24.82 -8.03 29.92
CA ILE B 135 -25.58 -6.97 29.28
C ILE B 135 -25.76 -5.81 30.26
N GLU B 136 -25.97 -6.15 31.53
CA GLU B 136 -26.17 -5.17 32.59
C GLU B 136 -24.91 -4.31 32.79
N ILE B 137 -23.75 -4.95 32.76
CA ILE B 137 -22.47 -4.25 32.92
C ILE B 137 -22.31 -3.24 31.80
N ALA B 138 -22.65 -3.67 30.58
CA ALA B 138 -22.55 -2.80 29.41
C ALA B 138 -23.57 -1.67 29.50
N ALA B 139 -24.78 -1.99 29.94
CA ALA B 139 -25.83 -0.99 30.07
C ALA B 139 -25.46 0.09 31.09
N LYS B 140 -25.07 -0.35 32.29
CA LYS B 140 -24.68 0.60 33.33
C LYS B 140 -23.58 1.52 32.85
N ARG B 141 -22.60 0.97 32.13
CA ARG B 141 -21.49 1.77 31.63
C ARG B 141 -21.87 2.82 30.60
N ILE B 142 -22.67 2.46 29.59
CA ILE B 142 -23.02 3.43 28.57
C ILE B 142 -23.94 4.52 29.16
N LEU B 143 -24.77 4.15 30.12
CA LEU B 143 -25.64 5.13 30.76
C LEU B 143 -24.81 6.07 31.63
N LEU B 144 -23.71 5.57 32.19
CA LEU B 144 -22.84 6.42 33.01
C LEU B 144 -22.09 7.39 32.11
N LEU B 145 -21.61 6.89 30.97
CA LEU B 145 -20.88 7.72 30.03
C LEU B 145 -21.79 8.82 29.54
N ARG B 146 -23.06 8.48 29.30
CA ARG B 146 -24.03 9.46 28.84
C ARG B 146 -24.22 10.57 29.89
N ASP B 147 -24.34 10.17 31.15
CA ASP B 147 -24.50 11.14 32.23
C ASP B 147 -23.26 12.03 32.33
N LYS B 148 -22.10 11.42 32.20
CA LYS B 148 -20.82 12.15 32.28
C LYS B 148 -20.69 13.18 31.18
N LEU B 149 -21.05 12.79 29.95
CA LEU B 149 -20.97 13.70 28.81
C LEU B 149 -22.03 14.78 28.90
N ASN B 150 -23.22 14.38 29.34
CA ASN B 150 -24.33 15.32 29.46
C ASN B 150 -24.11 16.37 30.54
N LYS B 151 -23.45 15.99 31.63
CA LYS B 151 -23.18 16.96 32.68
C LYS B 151 -22.21 18.00 32.18
N VAL B 152 -21.22 17.57 31.39
CA VAL B 152 -20.26 18.53 30.85
C VAL B 152 -20.94 19.47 29.85
N LEU B 153 -21.80 18.92 28.99
CA LEU B 153 -22.52 19.76 28.03
C LEU B 153 -23.39 20.76 28.76
N ALA B 154 -24.01 20.31 29.84
CA ALA B 154 -24.88 21.17 30.65
C ALA B 154 -24.08 22.37 31.12
N GLU B 155 -22.93 22.10 31.75
CA GLU B 155 -22.07 23.17 32.26
C GLU B 155 -21.65 24.10 31.13
N ARG B 156 -21.24 23.51 30.01
CA ARG B 156 -20.77 24.26 28.85
C ARG B 156 -21.81 25.11 28.12
N THR B 157 -23.05 24.65 28.07
CA THR B 157 -24.09 25.36 27.33
C THR B 157 -24.95 26.29 28.16
N GLY B 158 -25.13 25.96 29.43
CA GLY B 158 -25.99 26.74 30.29
C GLY B 158 -27.34 26.03 30.41
N GLN B 159 -27.49 24.92 29.69
CA GLN B 159 -28.74 24.15 29.75
C GLN B 159 -28.63 23.19 30.94
N PRO B 160 -29.76 22.94 31.63
CA PRO B 160 -29.69 22.01 32.76
C PRO B 160 -29.55 20.58 32.22
N LEU B 161 -29.05 19.68 33.06
CA LEU B 161 -28.83 18.29 32.70
C LEU B 161 -30.02 17.58 32.04
N GLU B 162 -31.20 17.73 32.64
CA GLU B 162 -32.38 17.07 32.10
C GLU B 162 -32.82 17.65 30.76
N VAL B 163 -32.38 18.86 30.43
CA VAL B 163 -32.73 19.42 29.12
C VAL B 163 -31.77 18.79 28.12
N ILE B 164 -30.49 18.73 28.48
CA ILE B 164 -29.48 18.10 27.62
C ILE B 164 -29.94 16.69 27.28
N GLU B 165 -30.36 15.95 28.32
CA GLU B 165 -30.82 14.58 28.16
C GLU B 165 -32.01 14.45 27.21
N ARG B 166 -33.03 15.27 27.42
CA ARG B 166 -34.23 15.27 26.59
C ARG B 166 -33.89 15.62 25.14
N ASP B 167 -33.03 16.61 24.98
CA ASP B 167 -32.64 17.10 23.67
C ASP B 167 -31.66 16.20 22.89
N THR B 168 -31.06 15.23 23.54
CA THR B 168 -30.15 14.33 22.85
C THR B 168 -30.76 12.93 22.76
N ASP B 169 -32.02 12.81 23.15
CA ASP B 169 -32.67 11.51 23.08
C ASP B 169 -32.55 10.96 21.67
N ARG B 170 -32.80 11.81 20.68
CA ARG B 170 -32.69 11.42 19.29
C ARG B 170 -31.75 12.40 18.60
N ASP B 171 -31.21 12.03 17.44
CA ASP B 171 -30.31 12.91 16.68
C ASP B 171 -30.88 14.32 16.61
N ASN B 172 -30.10 15.29 17.11
CA ASN B 172 -30.53 16.67 17.14
C ASN B 172 -29.62 17.57 16.33
N PHE B 173 -30.01 17.84 15.08
CA PHE B 173 -29.22 18.68 14.19
C PHE B 173 -29.54 20.17 14.37
N LYS B 174 -28.51 20.99 14.51
CA LYS B 174 -28.69 22.43 14.69
C LYS B 174 -27.88 23.28 13.70
N SER B 175 -28.45 24.41 13.29
CA SER B 175 -27.75 25.31 12.39
C SER B 175 -26.80 26.10 13.27
N ALA B 176 -25.97 26.94 12.67
CA ALA B 176 -25.03 27.75 13.44
C ALA B 176 -25.82 28.67 14.38
N GLU B 177 -26.94 29.19 13.88
CA GLU B 177 -27.77 30.08 14.69
C GLU B 177 -28.35 29.35 15.90
N GLU B 178 -28.90 28.16 15.69
CA GLU B 178 -29.46 27.39 16.80
C GLU B 178 -28.37 26.94 17.77
N ALA B 179 -27.19 26.62 17.25
CA ALA B 179 -26.09 26.19 18.13
C ALA B 179 -25.72 27.33 19.08
N LEU B 180 -25.72 28.54 18.54
CA LEU B 180 -25.40 29.74 19.33
C LEU B 180 -26.47 29.93 20.40
N GLU B 181 -27.73 29.91 19.96
CA GLU B 181 -28.85 30.07 20.88
C GLU B 181 -28.83 29.04 22.00
N TYR B 182 -28.38 27.83 21.69
CA TYR B 182 -28.34 26.74 22.65
C TYR B 182 -27.16 26.86 23.62
N GLY B 183 -26.13 27.59 23.21
CA GLY B 183 -24.97 27.76 24.06
C GLY B 183 -23.82 26.83 23.71
N LEU B 184 -23.87 26.23 22.52
CA LEU B 184 -22.80 25.31 22.11
C LEU B 184 -21.62 26.09 21.54
N ILE B 185 -21.90 27.29 21.03
CA ILE B 185 -20.87 28.17 20.48
C ILE B 185 -21.12 29.58 20.98
N ASP B 186 -20.17 30.46 20.75
CA ASP B 186 -20.29 31.83 21.19
C ASP B 186 -20.51 32.80 20.05
N LYS B 187 -19.90 32.52 18.90
CA LYS B 187 -20.06 33.43 17.78
C LYS B 187 -20.01 32.78 16.41
N ILE B 188 -20.72 33.38 15.47
CA ILE B 188 -20.75 32.89 14.11
C ILE B 188 -19.87 33.82 13.26
N LEU B 189 -18.92 33.24 12.56
CA LEU B 189 -18.01 34.01 11.70
C LEU B 189 -18.64 34.36 10.36
N THR B 190 -19.02 35.62 10.17
CA THR B 190 -19.63 36.03 8.91
C THR B 190 -18.61 35.93 7.77
N HIS B 191 -17.70 36.90 7.70
CA HIS B 191 -16.66 36.89 6.66
C HIS B 191 -15.36 37.51 7.18
N ASP C 18 8.44 12.48 12.95
CA ASP C 18 7.03 12.29 13.41
C ASP C 18 6.78 13.14 14.67
N ILE C 19 5.54 13.15 15.14
CA ILE C 19 5.20 13.92 16.33
C ILE C 19 5.60 13.13 17.57
N TYR C 20 5.71 11.81 17.41
CA TYR C 20 6.09 10.94 18.51
C TYR C 20 7.61 10.93 18.72
N SER C 21 8.34 11.12 17.63
CA SER C 21 9.80 11.15 17.71
C SER C 21 10.16 12.32 18.62
N ARG C 22 9.35 13.37 18.54
CA ARG C 22 9.54 14.58 19.34
C ARG C 22 9.26 14.29 20.81
N LEU C 23 8.26 13.45 21.06
CA LEU C 23 7.90 13.08 22.43
C LEU C 23 8.96 12.15 23.02
N LEU C 24 9.56 11.32 22.18
CA LEU C 24 10.58 10.39 22.64
C LEU C 24 11.77 11.17 23.18
N LYS C 25 12.07 12.29 22.52
CA LYS C 25 13.17 13.15 22.94
C LYS C 25 12.95 13.57 24.39
N ASP C 26 11.68 13.76 24.76
CA ASP C 26 11.32 14.16 26.12
C ASP C 26 11.09 12.98 27.04
N ARG C 27 11.50 11.80 26.59
CA ARG C 27 11.35 10.57 27.36
C ARG C 27 9.89 10.18 27.59
N ILE C 28 9.08 10.36 26.56
CA ILE C 28 7.67 10.02 26.65
C ILE C 28 7.39 8.88 25.67
N ILE C 29 6.89 7.77 26.19
CA ILE C 29 6.56 6.62 25.35
C ILE C 29 5.06 6.56 25.16
N MET C 30 4.64 6.41 23.91
CA MET C 30 3.22 6.36 23.58
C MET C 30 2.65 4.97 23.38
N LEU C 31 1.79 4.54 24.31
CA LEU C 31 1.13 3.24 24.19
C LEU C 31 -0.32 3.60 23.89
N GLY C 32 -0.59 3.89 22.62
CA GLY C 32 -1.94 4.28 22.22
C GLY C 32 -2.66 3.36 21.26
N SER C 33 -2.54 2.05 21.49
CA SER C 33 -3.22 1.08 20.64
C SER C 33 -3.29 -0.26 21.35
N ALA C 34 -4.01 -1.21 20.73
CA ALA C 34 -4.13 -2.55 21.30
C ALA C 34 -2.71 -3.11 21.42
N ILE C 35 -2.47 -3.88 22.48
CA ILE C 35 -1.15 -4.46 22.70
C ILE C 35 -0.94 -5.82 22.02
N ASP C 36 -0.05 -5.84 21.03
CA ASP C 36 0.30 -7.09 20.34
C ASP C 36 1.83 -7.13 20.35
N ASP C 37 2.41 -8.20 19.80
CA ASP C 37 3.87 -8.33 19.80
C ASP C 37 4.60 -7.17 19.10
N ASN C 38 4.04 -6.65 18.01
CA ASN C 38 4.65 -5.54 17.28
C ASN C 38 4.80 -4.33 18.21
N VAL C 39 3.70 -3.95 18.85
CA VAL C 39 3.69 -2.82 19.76
C VAL C 39 4.61 -3.06 20.95
N ALA C 40 4.49 -4.23 21.56
CA ALA C 40 5.31 -4.57 22.72
C ALA C 40 6.79 -4.45 22.43
N ASN C 41 7.22 -4.98 21.29
CA ASN C 41 8.63 -4.91 20.94
C ASN C 41 9.08 -3.47 20.72
N SER C 42 8.21 -2.67 20.13
CA SER C 42 8.52 -1.27 19.89
C SER C 42 8.71 -0.56 21.24
N ILE C 43 7.79 -0.81 22.16
CA ILE C 43 7.84 -0.20 23.49
C ILE C 43 9.08 -0.66 24.26
N VAL C 44 9.42 -1.94 24.14
CA VAL C 44 10.58 -2.49 24.82
C VAL C 44 11.84 -1.78 24.34
N SER C 45 11.96 -1.60 23.03
CA SER C 45 13.12 -0.94 22.45
C SER C 45 13.26 0.47 22.99
N GLN C 46 12.17 1.22 22.92
CA GLN C 46 12.16 2.60 23.38
C GLN C 46 12.60 2.68 24.84
N LEU C 47 12.09 1.76 25.66
CA LEU C 47 12.43 1.71 27.07
C LEU C 47 13.93 1.49 27.28
N LEU C 48 14.50 0.58 26.49
CA LEU C 48 15.93 0.28 26.59
C LEU C 48 16.73 1.49 26.08
N PHE C 49 16.23 2.09 25.01
CA PHE C 49 16.87 3.25 24.42
C PHE C 49 16.97 4.40 25.43
N LEU C 50 15.84 4.77 26.01
CA LEU C 50 15.82 5.86 27.00
C LEU C 50 16.65 5.57 28.24
N ALA C 51 16.63 4.32 28.70
CA ALA C 51 17.39 3.92 29.88
C ALA C 51 18.87 4.03 29.53
N ALA C 52 19.19 3.81 28.26
CA ALA C 52 20.56 3.88 27.77
C ALA C 52 20.99 5.34 27.66
N GLU C 53 20.11 6.18 27.11
CA GLU C 53 20.38 7.60 26.94
C GLU C 53 20.65 8.28 28.28
N ASP C 54 19.96 7.84 29.32
CA ASP C 54 20.12 8.41 30.65
C ASP C 54 19.40 7.52 31.66
N PRO C 55 20.14 6.62 32.31
CA PRO C 55 19.55 5.71 33.31
C PRO C 55 19.10 6.41 34.58
N GLU C 56 19.18 7.73 34.61
CA GLU C 56 18.79 8.50 35.79
C GLU C 56 17.41 9.15 35.65
N LYS C 57 17.22 9.93 34.60
CA LYS C 57 15.94 10.62 34.38
C LYS C 57 14.79 9.65 34.26
N GLU C 58 13.65 10.01 34.86
CA GLU C 58 12.47 9.18 34.82
C GLU C 58 11.91 9.11 33.41
N ILE C 59 11.09 8.10 33.14
CA ILE C 59 10.49 7.92 31.82
C ILE C 59 8.98 7.94 31.97
N SER C 60 8.30 8.57 31.02
CA SER C 60 6.85 8.65 31.06
C SER C 60 6.20 7.76 30.01
N LEU C 61 5.28 6.91 30.46
CA LEU C 61 4.56 6.01 29.55
C LEU C 61 3.10 6.44 29.50
N TYR C 62 2.70 7.07 28.41
CA TYR C 62 1.31 7.51 28.26
C TYR C 62 0.51 6.33 27.72
N ILE C 63 -0.59 6.02 28.39
CA ILE C 63 -1.42 4.88 28.01
C ILE C 63 -2.87 5.18 27.65
N ASN C 64 -3.25 4.76 26.44
CA ASN C 64 -4.63 4.88 25.96
C ASN C 64 -4.72 3.60 25.16
N SER C 65 -5.14 2.54 25.83
CA SER C 65 -5.21 1.24 25.18
C SER C 65 -6.28 0.31 25.77
N PRO C 66 -6.91 -0.51 24.92
CA PRO C 66 -7.94 -1.47 25.33
C PRO C 66 -7.28 -2.76 25.83
N GLY C 67 -5.94 -2.78 25.77
CA GLY C 67 -5.21 -3.95 26.21
C GLY C 67 -4.79 -4.85 25.07
N GLY C 68 -4.59 -6.13 25.35
CA GLY C 68 -4.17 -7.06 24.31
C GLY C 68 -3.54 -8.33 24.83
N SER C 69 -2.56 -8.85 24.11
CA SER C 69 -1.86 -10.08 24.48
C SER C 69 -1.21 -10.02 25.86
N ILE C 70 -1.43 -11.06 26.65
CA ILE C 70 -0.85 -11.12 27.99
C ILE C 70 0.67 -11.18 27.94
N THR C 71 1.23 -12.01 27.07
CA THR C 71 2.68 -12.12 26.96
C THR C 71 3.29 -10.82 26.46
N ALA C 72 2.68 -10.21 25.45
CA ALA C 72 3.19 -8.93 24.94
C ALA C 72 3.19 -7.92 26.09
N GLY C 73 2.13 -7.96 26.88
CA GLY C 73 2.01 -7.06 28.01
C GLY C 73 3.08 -7.31 29.05
N MET C 74 3.33 -8.58 29.37
CA MET C 74 4.35 -8.92 30.36
C MET C 74 5.74 -8.51 29.90
N ALA C 75 5.97 -8.50 28.59
CA ALA C 75 7.26 -8.12 28.05
C ALA C 75 7.54 -6.66 28.36
N ILE C 76 6.50 -5.84 28.25
CA ILE C 76 6.63 -4.42 28.54
C ILE C 76 6.82 -4.27 30.05
N TYR C 77 5.99 -4.96 30.81
CA TYR C 77 6.06 -4.93 32.26
C TYR C 77 7.45 -5.31 32.75
N ASP C 78 7.97 -6.43 32.27
CA ASP C 78 9.28 -6.91 32.69
C ASP C 78 10.39 -5.92 32.35
N THR C 79 10.27 -5.25 31.21
CA THR C 79 11.28 -4.27 30.81
C THR C 79 11.23 -3.06 31.75
N MET C 80 10.01 -2.61 32.06
CA MET C 80 9.84 -1.47 32.96
C MET C 80 10.49 -1.77 34.30
N GLN C 81 10.40 -3.03 34.74
CA GLN C 81 10.98 -3.42 36.01
C GLN C 81 12.50 -3.54 35.96
N PHE C 82 13.03 -3.98 34.82
CA PHE C 82 14.46 -4.16 34.65
C PHE C 82 15.27 -2.87 34.59
N ILE C 83 14.80 -1.89 33.82
CA ILE C 83 15.53 -0.64 33.68
C ILE C 83 15.63 0.15 34.98
N LYS C 84 16.75 0.87 35.12
CA LYS C 84 17.05 1.68 36.30
C LYS C 84 16.06 2.85 36.41
N PRO C 85 15.82 3.56 35.30
CA PRO C 85 14.90 4.71 35.30
C PRO C 85 13.51 4.35 35.83
N LYS C 86 13.00 5.18 36.73
CA LYS C 86 11.67 4.95 37.28
C LYS C 86 10.69 5.33 36.17
N VAL C 87 9.67 4.49 35.95
CA VAL C 87 8.71 4.75 34.88
C VAL C 87 7.34 5.20 35.37
N SER C 88 6.98 6.43 35.04
CA SER C 88 5.68 6.95 35.44
C SER C 88 4.68 6.55 34.35
N THR C 89 3.41 6.44 34.73
CA THR C 89 2.39 6.07 33.76
C THR C 89 1.21 7.03 33.84
N ILE C 90 0.67 7.37 32.67
CA ILE C 90 -0.45 8.29 32.61
C ILE C 90 -1.58 7.70 31.80
N CYS C 91 -2.74 7.53 32.42
CA CYS C 91 -3.88 6.99 31.68
C CYS C 91 -4.64 8.13 31.00
N ILE C 92 -4.60 8.14 29.67
CA ILE C 92 -5.35 9.15 28.94
C ILE C 92 -6.43 8.39 28.15
N GLY C 93 -7.68 8.80 28.33
CA GLY C 93 -8.75 8.13 27.62
C GLY C 93 -9.19 6.83 28.27
N MET C 94 -8.47 5.74 27.98
CA MET C 94 -8.80 4.44 28.54
C MET C 94 -7.59 3.53 28.70
N ALA C 95 -7.54 2.84 29.83
CA ALA C 95 -6.49 1.88 30.13
C ALA C 95 -7.25 0.64 30.57
N ALA C 96 -7.42 -0.31 29.66
CA ALA C 96 -8.17 -1.52 29.97
C ALA C 96 -7.36 -2.81 29.84
N SER C 97 -7.70 -3.79 30.68
CA SER C 97 -7.05 -5.09 30.64
C SER C 97 -5.54 -4.94 30.89
N MET C 98 -4.71 -5.40 29.96
CA MET C 98 -3.26 -5.30 30.16
C MET C 98 -2.79 -3.84 30.18
N GLY C 99 -3.57 -2.96 29.58
CA GLY C 99 -3.21 -1.55 29.58
C GLY C 99 -3.36 -1.04 30.99
N ALA C 100 -4.41 -1.50 31.66
CA ALA C 100 -4.68 -1.13 33.04
C ALA C 100 -3.58 -1.75 33.92
N PHE C 101 -3.13 -2.93 33.54
CA PHE C 101 -2.09 -3.64 34.28
C PHE C 101 -0.79 -2.82 34.23
N LEU C 102 -0.45 -2.34 33.04
CA LEU C 102 0.75 -1.55 32.85
C LEU C 102 0.64 -0.21 33.58
N LEU C 103 -0.56 0.35 33.60
CA LEU C 103 -0.80 1.61 34.29
C LEU C 103 -0.48 1.43 35.76
N ALA C 104 -1.06 0.39 36.36
CA ALA C 104 -0.83 0.10 37.78
C ALA C 104 0.59 -0.32 38.08
N ALA C 105 1.37 -0.65 37.06
CA ALA C 105 2.74 -1.09 37.25
C ALA C 105 3.70 0.09 37.25
N GLY C 106 3.16 1.30 37.10
CA GLY C 106 4.02 2.47 37.09
C GLY C 106 4.69 2.70 38.43
N GLU C 107 5.81 3.42 38.42
CA GLU C 107 6.54 3.73 39.64
C GLU C 107 5.55 4.16 40.71
N LYS C 108 5.60 3.51 41.86
CA LYS C 108 4.69 3.82 42.95
C LYS C 108 4.72 5.31 43.27
N GLY C 109 3.56 5.95 43.22
CA GLY C 109 3.48 7.38 43.49
C GLY C 109 3.55 8.18 42.20
N LYS C 110 3.95 7.51 41.12
CA LYS C 110 4.09 8.15 39.81
C LYS C 110 3.05 7.65 38.79
N ARG C 111 1.91 7.17 39.28
CA ARG C 111 0.84 6.66 38.41
C ARG C 111 -0.27 7.70 38.32
N TYR C 112 -0.50 8.22 37.11
CA TYR C 112 -1.52 9.25 36.91
C TYR C 112 -2.66 8.89 35.95
N ALA C 113 -3.69 9.71 35.97
CA ALA C 113 -4.85 9.54 35.10
C ALA C 113 -5.53 10.89 34.91
N LEU C 114 -5.94 11.20 33.69
CA LEU C 114 -6.64 12.45 33.42
C LEU C 114 -8.01 12.33 34.08
N PRO C 115 -8.66 13.48 34.36
CA PRO C 115 -9.98 13.54 35.00
C PRO C 115 -11.09 12.64 34.47
N ASN C 116 -11.25 12.56 33.16
CA ASN C 116 -12.30 11.72 32.61
C ASN C 116 -11.79 10.42 32.02
N SER C 117 -10.60 10.03 32.44
CA SER C 117 -9.99 8.78 32.00
C SER C 117 -10.81 7.62 32.53
N GLU C 118 -10.61 6.45 31.95
CA GLU C 118 -11.34 5.29 32.39
C GLU C 118 -10.33 4.14 32.51
N VAL C 119 -10.53 3.30 33.52
CA VAL C 119 -9.65 2.16 33.73
C VAL C 119 -10.52 0.93 33.91
N MET C 120 -10.18 -0.16 33.25
CA MET C 120 -10.98 -1.38 33.38
C MET C 120 -10.12 -2.61 33.61
N ILE C 121 -10.52 -3.43 34.57
CA ILE C 121 -9.80 -4.66 34.87
C ILE C 121 -10.79 -5.83 34.82
N HIS C 122 -10.28 -7.01 34.46
CA HIS C 122 -11.10 -8.20 34.35
C HIS C 122 -10.16 -9.40 34.31
N GLN C 123 -10.64 -10.54 33.84
CA GLN C 123 -9.75 -11.70 33.77
C GLN C 123 -9.27 -11.96 32.35
N PRO C 124 -8.20 -12.77 32.21
CA PRO C 124 -7.67 -13.06 30.88
C PRO C 124 -8.72 -13.75 30.00
N LEU C 125 -8.62 -13.51 28.70
CA LEU C 125 -9.52 -14.11 27.71
C LEU C 125 -8.68 -15.00 26.81
N GLY C 126 -9.30 -16.06 26.29
CA GLY C 126 -8.58 -16.96 25.42
C GLY C 126 -9.48 -18.00 24.77
N GLY C 127 -8.86 -19.02 24.20
CA GLY C 127 -9.61 -20.06 23.54
C GLY C 127 -8.93 -21.40 23.68
N ALA C 128 -9.65 -22.45 23.31
CA ALA C 128 -9.14 -23.82 23.38
C ALA C 128 -10.05 -24.69 22.52
N GLN C 129 -9.44 -25.39 21.56
CA GLN C 129 -10.20 -26.25 20.65
C GLN C 129 -9.40 -27.54 20.42
N GLY C 130 -10.10 -28.68 20.45
CA GLY C 130 -9.45 -29.97 20.25
C GLY C 130 -9.85 -31.06 21.23
N GLN C 131 -8.94 -32.00 21.45
CA GLN C 131 -9.20 -33.09 22.38
C GLN C 131 -9.25 -32.57 23.80
N ALA C 132 -9.86 -33.36 24.68
CA ALA C 132 -9.98 -33.01 26.08
C ALA C 132 -8.61 -32.64 26.66
N THR C 133 -7.59 -33.41 26.30
CA THR C 133 -6.23 -33.18 26.78
C THR C 133 -5.70 -31.82 26.37
N GLU C 134 -6.08 -31.39 25.16
CA GLU C 134 -5.63 -30.10 24.63
C GLU C 134 -6.33 -28.95 25.33
N ILE C 135 -7.62 -29.12 25.56
CA ILE C 135 -8.44 -28.10 26.23
C ILE C 135 -7.88 -27.90 27.63
N GLU C 136 -7.56 -29.01 28.28
CA GLU C 136 -7.03 -28.98 29.64
C GLU C 136 -5.72 -28.18 29.71
N ILE C 137 -4.88 -28.36 28.70
CA ILE C 137 -3.60 -27.64 28.62
C ILE C 137 -3.83 -26.13 28.49
N ALA C 138 -4.79 -25.75 27.67
CA ALA C 138 -5.09 -24.35 27.47
C ALA C 138 -5.71 -23.75 28.72
N ALA C 139 -6.55 -24.54 29.40
CA ALA C 139 -7.22 -24.11 30.61
C ALA C 139 -6.23 -23.88 31.77
N LYS C 140 -5.29 -24.82 31.95
CA LYS C 140 -4.31 -24.71 33.01
C LYS C 140 -3.44 -23.48 32.82
N ARG C 141 -3.08 -23.19 31.56
CA ARG C 141 -2.26 -22.03 31.26
C ARG C 141 -2.98 -20.70 31.52
N ILE C 142 -4.21 -20.57 31.01
CA ILE C 142 -4.92 -19.32 31.20
C ILE C 142 -5.23 -19.07 32.67
N LEU C 143 -5.41 -20.13 33.45
CA LEU C 143 -5.67 -19.99 34.87
C LEU C 143 -4.39 -19.54 35.59
N LEU C 144 -3.24 -20.09 35.19
CA LEU C 144 -1.98 -19.70 35.81
C LEU C 144 -1.73 -18.22 35.52
N LEU C 145 -2.03 -17.78 34.30
CA LEU C 145 -1.84 -16.39 33.93
C LEU C 145 -2.72 -15.49 34.78
N ARG C 146 -3.97 -15.90 34.99
CA ARG C 146 -4.91 -15.14 35.79
C ARG C 146 -4.34 -14.92 37.19
N ASP C 147 -3.82 -15.99 37.80
CA ASP C 147 -3.25 -15.91 39.14
C ASP C 147 -2.04 -14.99 39.15
N LYS C 148 -1.17 -15.16 38.15
CA LYS C 148 0.04 -14.37 38.03
C LYS C 148 -0.29 -12.89 37.95
N LEU C 149 -1.25 -12.54 37.09
CA LEU C 149 -1.63 -11.14 36.93
C LEU C 149 -2.32 -10.60 38.17
N ASN C 150 -3.24 -11.37 38.74
CA ASN C 150 -3.95 -10.93 39.94
C ASN C 150 -2.99 -10.73 41.12
N LYS C 151 -2.00 -11.61 41.24
CA LYS C 151 -1.02 -11.49 42.32
C LYS C 151 -0.31 -10.14 42.21
N VAL C 152 0.15 -9.80 41.01
CA VAL C 152 0.84 -8.52 40.82
C VAL C 152 -0.11 -7.34 41.10
N LEU C 153 -1.34 -7.43 40.59
CA LEU C 153 -2.32 -6.36 40.81
C LEU C 153 -2.60 -6.10 42.28
N ALA C 154 -2.55 -7.15 43.10
CA ALA C 154 -2.80 -6.99 44.53
C ALA C 154 -1.61 -6.27 45.17
N GLU C 155 -0.41 -6.54 44.67
CA GLU C 155 0.79 -5.92 45.20
C GLU C 155 0.82 -4.43 44.84
N ARG C 156 0.51 -4.14 43.58
CA ARG C 156 0.51 -2.77 43.06
C ARG C 156 -0.59 -1.88 43.61
N THR C 157 -1.75 -2.46 43.90
CA THR C 157 -2.86 -1.67 44.42
C THR C 157 -2.94 -1.70 45.94
N GLY C 158 -2.33 -2.71 46.55
CA GLY C 158 -2.37 -2.83 47.98
C GLY C 158 -3.67 -3.51 48.39
N GLN C 159 -4.39 -4.00 47.40
CA GLN C 159 -5.65 -4.68 47.62
C GLN C 159 -5.39 -6.16 47.91
N PRO C 160 -6.10 -6.76 48.87
CA PRO C 160 -5.86 -8.18 49.15
C PRO C 160 -6.22 -9.03 47.92
N LEU C 161 -5.45 -10.08 47.71
CA LEU C 161 -5.65 -10.97 46.57
C LEU C 161 -7.12 -11.36 46.41
N GLU C 162 -7.75 -11.73 47.52
CA GLU C 162 -9.15 -12.14 47.48
C GLU C 162 -10.04 -11.07 46.85
N VAL C 163 -9.71 -9.80 47.07
CA VAL C 163 -10.52 -8.72 46.51
C VAL C 163 -10.27 -8.62 45.02
N ILE C 164 -9.01 -8.69 44.61
CA ILE C 164 -8.65 -8.61 43.21
C ILE C 164 -9.38 -9.72 42.43
N GLU C 165 -9.42 -10.92 42.99
CA GLU C 165 -10.07 -12.06 42.34
C GLU C 165 -11.56 -11.85 42.14
N ARG C 166 -12.23 -11.39 43.18
CA ARG C 166 -13.66 -11.14 43.13
C ARG C 166 -13.98 -9.95 42.22
N ASP C 167 -13.17 -8.90 42.30
CA ASP C 167 -13.39 -7.71 41.51
C ASP C 167 -13.05 -7.82 40.02
N THR C 168 -12.28 -8.82 39.62
CA THR C 168 -11.95 -9.00 38.20
C THR C 168 -12.78 -10.13 37.57
N ASP C 169 -13.73 -10.67 38.33
CA ASP C 169 -14.56 -11.77 37.82
C ASP C 169 -15.19 -11.40 36.48
N ARG C 170 -15.73 -10.19 36.38
CA ARG C 170 -16.34 -9.70 35.15
C ARG C 170 -15.75 -8.32 34.85
N ASP C 171 -15.98 -7.80 33.65
CA ASP C 171 -15.46 -6.48 33.28
C ASP C 171 -15.80 -5.46 34.37
N ASN C 172 -14.75 -4.86 34.95
CA ASN C 172 -14.92 -3.90 36.03
C ASN C 172 -14.38 -2.52 35.63
N PHE C 173 -15.28 -1.65 35.19
CA PHE C 173 -14.92 -0.29 34.75
C PHE C 173 -14.87 0.69 35.91
N LYS C 174 -13.85 1.54 35.93
CA LYS C 174 -13.70 2.51 37.01
C LYS C 174 -13.34 3.90 36.47
N SER C 175 -13.85 4.94 37.14
CA SER C 175 -13.56 6.31 36.76
C SER C 175 -12.18 6.61 37.32
N ALA C 176 -11.63 7.77 37.02
CA ALA C 176 -10.33 8.12 37.55
C ALA C 176 -10.42 8.11 39.07
N GLU C 177 -11.53 8.62 39.61
CA GLU C 177 -11.74 8.66 41.05
C GLU C 177 -11.69 7.27 41.69
N GLU C 178 -12.47 6.34 41.15
CA GLU C 178 -12.51 4.98 41.69
C GLU C 178 -11.16 4.27 41.54
N ALA C 179 -10.47 4.52 40.44
CA ALA C 179 -9.17 3.90 40.20
C ALA C 179 -8.19 4.36 41.28
N LEU C 180 -8.34 5.62 41.70
CA LEU C 180 -7.48 6.19 42.73
C LEU C 180 -7.83 5.52 44.07
N GLU C 181 -9.12 5.43 44.37
CA GLU C 181 -9.57 4.82 45.61
C GLU C 181 -9.13 3.35 45.68
N TYR C 182 -9.12 2.67 44.53
CA TYR C 182 -8.75 1.26 44.46
C TYR C 182 -7.25 1.03 44.57
N GLY C 183 -6.47 2.06 44.27
CA GLY C 183 -5.03 1.93 44.35
C GLY C 183 -4.36 1.62 43.02
N LEU C 184 -5.07 1.87 41.91
CA LEU C 184 -4.52 1.61 40.59
C LEU C 184 -3.66 2.78 40.11
N ILE C 185 -4.00 3.98 40.58
CA ILE C 185 -3.24 5.18 40.23
C ILE C 185 -2.96 5.95 41.52
N ASP C 186 -2.01 6.87 41.46
CA ASP C 186 -1.64 7.67 42.62
C ASP C 186 -2.27 9.05 42.63
N LYS C 187 -2.33 9.69 41.47
CA LYS C 187 -2.88 11.03 41.36
C LYS C 187 -3.69 11.25 40.09
N ILE C 188 -4.64 12.18 40.15
CA ILE C 188 -5.46 12.53 38.99
C ILE C 188 -5.03 13.91 38.52
N LEU C 189 -4.55 14.00 37.28
CA LEU C 189 -4.11 15.28 36.72
C LEU C 189 -5.34 16.18 36.57
N THR C 190 -5.13 17.49 36.59
CA THR C 190 -6.23 18.42 36.45
C THR C 190 -5.82 19.66 35.66
N HIS C 191 -5.08 20.55 36.31
CA HIS C 191 -4.61 21.78 35.67
C HIS C 191 -3.10 21.78 35.52
N ASP D 18 15.37 4.42 12.21
CA ASP D 18 14.59 3.34 12.89
C ASP D 18 15.20 3.08 14.27
N ILE D 19 14.38 2.56 15.19
CA ILE D 19 14.85 2.25 16.53
C ILE D 19 15.63 0.94 16.53
N TYR D 20 15.23 0.01 15.68
CA TYR D 20 15.89 -1.28 15.57
C TYR D 20 17.30 -1.15 15.00
N SER D 21 17.46 -0.26 14.03
CA SER D 21 18.77 -0.04 13.43
C SER D 21 19.69 0.49 14.54
N ARG D 22 19.08 1.18 15.51
CA ARG D 22 19.81 1.75 16.63
C ARG D 22 20.27 0.65 17.58
N LEU D 23 19.47 -0.42 17.67
CA LEU D 23 19.81 -1.55 18.52
C LEU D 23 20.89 -2.40 17.85
N LEU D 24 20.84 -2.46 16.52
CA LEU D 24 21.80 -3.23 15.75
C LEU D 24 23.20 -2.68 15.96
N LYS D 25 23.30 -1.36 16.11
CA LYS D 25 24.60 -0.72 16.31
C LYS D 25 25.20 -1.16 17.64
N ASP D 26 24.37 -1.72 18.51
CA ASP D 26 24.82 -2.19 19.82
C ASP D 26 24.88 -3.72 19.80
N ARG D 27 24.86 -4.27 18.59
CA ARG D 27 24.93 -5.71 18.36
C ARG D 27 23.75 -6.50 18.92
N ILE D 28 22.58 -5.88 18.90
CA ILE D 28 21.36 -6.53 19.36
C ILE D 28 20.48 -6.81 18.15
N ILE D 29 20.13 -8.07 17.96
CA ILE D 29 19.26 -8.46 16.85
C ILE D 29 17.90 -8.79 17.46
N MET D 30 16.85 -8.25 16.85
CA MET D 30 15.49 -8.46 17.34
C MET D 30 14.67 -9.48 16.54
N LEU D 31 14.31 -10.59 17.18
CA LEU D 31 13.48 -11.62 16.55
C LEU D 31 12.16 -11.44 17.29
N GLY D 32 11.30 -10.57 16.76
CA GLY D 32 10.03 -10.31 17.41
C GLY D 32 8.79 -10.58 16.58
N SER D 33 8.82 -11.66 15.80
CA SER D 33 7.69 -12.03 14.97
C SER D 33 7.79 -13.50 14.62
N ALA D 34 6.75 -14.03 13.98
CA ALA D 34 6.75 -15.42 13.57
C ALA D 34 7.92 -15.61 12.61
N ILE D 35 8.49 -16.80 12.62
CA ILE D 35 9.62 -17.09 11.76
C ILE D 35 9.26 -17.68 10.40
N ASP D 36 9.58 -16.94 9.34
CA ASP D 36 9.36 -17.40 7.97
C ASP D 36 10.68 -17.13 7.26
N ASP D 37 10.78 -17.55 5.99
CA ASP D 37 12.02 -17.34 5.25
C ASP D 37 12.50 -15.90 5.22
N ASN D 38 11.57 -14.95 5.17
CA ASN D 38 11.95 -13.54 5.14
C ASN D 38 12.65 -13.14 6.43
N VAL D 39 12.02 -13.44 7.57
CA VAL D 39 12.61 -13.10 8.85
C VAL D 39 13.95 -13.81 9.02
N ALA D 40 14.00 -15.08 8.62
CA ALA D 40 15.22 -15.87 8.72
C ALA D 40 16.34 -15.25 7.90
N ASN D 41 16.05 -14.94 6.65
CA ASN D 41 17.04 -14.35 5.75
C ASN D 41 17.58 -13.03 6.30
N SER D 42 16.70 -12.25 6.92
CA SER D 42 17.09 -10.97 7.50
C SER D 42 18.01 -11.16 8.70
N ILE D 43 17.60 -12.04 9.63
CA ILE D 43 18.40 -12.30 10.81
C ILE D 43 19.74 -12.91 10.46
N VAL D 44 19.74 -13.83 9.50
CA VAL D 44 20.99 -14.45 9.07
C VAL D 44 21.93 -13.36 8.58
N SER D 45 21.39 -12.39 7.84
CA SER D 45 22.15 -11.27 7.31
C SER D 45 22.78 -10.41 8.41
N GLN D 46 21.99 -10.13 9.43
CA GLN D 46 22.46 -9.31 10.55
C GLN D 46 23.57 -10.03 11.29
N LEU D 47 23.41 -11.33 11.48
CA LEU D 47 24.40 -12.14 12.17
C LEU D 47 25.73 -12.12 11.42
N LEU D 48 25.66 -12.24 10.11
CA LEU D 48 26.86 -12.24 9.27
C LEU D 48 27.49 -10.86 9.28
N PHE D 49 26.63 -9.84 9.28
CA PHE D 49 27.07 -8.45 9.28
C PHE D 49 27.85 -8.14 10.56
N LEU D 50 27.21 -8.40 11.71
CA LEU D 50 27.85 -8.16 13.00
C LEU D 50 29.12 -8.98 13.18
N ALA D 51 29.12 -10.19 12.65
CA ALA D 51 30.28 -11.06 12.74
C ALA D 51 31.43 -10.45 11.96
N ALA D 52 31.10 -9.72 10.89
CA ALA D 52 32.09 -9.06 10.07
C ALA D 52 32.56 -7.76 10.72
N GLU D 53 31.64 -7.06 11.36
CA GLU D 53 31.96 -5.81 12.05
C GLU D 53 32.99 -6.06 13.13
N ASP D 54 32.79 -7.13 13.89
CA ASP D 54 33.69 -7.47 14.97
C ASP D 54 33.47 -8.93 15.38
N PRO D 55 34.31 -9.84 14.87
CA PRO D 55 34.19 -11.26 15.18
C PRO D 55 34.50 -11.64 16.64
N GLU D 56 34.79 -10.63 17.46
CA GLU D 56 35.12 -10.86 18.87
C GLU D 56 33.93 -10.50 19.76
N LYS D 57 33.32 -9.35 19.48
CA LYS D 57 32.19 -8.84 20.23
C LYS D 57 30.99 -9.80 20.24
N GLU D 58 30.43 -10.02 21.42
CA GLU D 58 29.29 -10.90 21.55
C GLU D 58 28.08 -10.26 20.87
N ILE D 59 27.10 -11.08 20.51
CA ILE D 59 25.88 -10.60 19.85
C ILE D 59 24.70 -11.03 20.70
N SER D 60 23.71 -10.15 20.84
CA SER D 60 22.54 -10.46 21.64
C SER D 60 21.29 -10.60 20.78
N LEU D 61 20.67 -11.78 20.84
CA LEU D 61 19.47 -12.06 20.07
C LEU D 61 18.26 -12.01 20.99
N TYR D 62 17.44 -11.00 20.82
CA TYR D 62 16.25 -10.84 21.64
C TYR D 62 15.13 -11.62 20.95
N ILE D 63 14.47 -12.48 21.72
CA ILE D 63 13.41 -13.32 21.17
C ILE D 63 12.05 -13.16 21.83
N ASN D 64 11.06 -12.83 21.01
CA ASN D 64 9.67 -12.70 21.42
C ASN D 64 8.92 -13.11 20.16
N SER D 65 8.77 -14.42 19.97
CA SER D 65 8.09 -14.91 18.79
C SER D 65 7.32 -16.20 19.08
N PRO D 66 6.31 -16.50 18.26
CA PRO D 66 5.51 -17.72 18.45
C PRO D 66 6.16 -18.89 17.70
N GLY D 67 7.30 -18.63 17.10
CA GLY D 67 7.99 -19.66 16.35
C GLY D 67 7.63 -19.57 14.88
N GLY D 68 7.71 -20.69 14.17
CA GLY D 68 7.39 -20.70 12.76
C GLY D 68 8.02 -21.83 11.99
N SER D 69 8.51 -21.53 10.80
CA SER D 69 9.14 -22.51 9.93
C SER D 69 10.38 -23.20 10.50
N ILE D 70 10.40 -24.51 10.41
CA ILE D 70 11.52 -25.28 10.90
C ILE D 70 12.78 -24.98 10.09
N THR D 71 12.68 -25.02 8.76
CA THR D 71 13.84 -24.76 7.92
C THR D 71 14.35 -23.33 8.11
N ALA D 72 13.44 -22.37 8.27
CA ALA D 72 13.82 -20.99 8.49
C ALA D 72 14.52 -20.90 9.84
N GLY D 73 13.97 -21.59 10.84
CA GLY D 73 14.57 -21.60 12.15
C GLY D 73 15.97 -22.20 12.13
N MET D 74 16.15 -23.28 11.38
CA MET D 74 17.46 -23.93 11.30
C MET D 74 18.50 -23.07 10.59
N ALA D 75 18.02 -22.24 9.66
CA ALA D 75 18.91 -21.36 8.93
C ALA D 75 19.53 -20.39 9.94
N ILE D 76 18.71 -19.93 10.89
CA ILE D 76 19.19 -19.02 11.92
C ILE D 76 20.12 -19.77 12.85
N TYR D 77 19.73 -20.98 13.23
CA TYR D 77 20.51 -21.82 14.13
C TYR D 77 21.91 -22.10 13.58
N ASP D 78 21.98 -22.49 12.32
CA ASP D 78 23.26 -22.80 11.68
C ASP D 78 24.16 -21.59 11.56
N THR D 79 23.56 -20.41 11.40
CA THR D 79 24.33 -19.19 11.26
C THR D 79 24.90 -18.78 12.61
N MET D 80 24.11 -18.96 13.67
CA MET D 80 24.55 -18.63 15.01
C MET D 80 25.79 -19.48 15.34
N GLN D 81 25.71 -20.76 14.99
CA GLN D 81 26.80 -21.69 15.24
C GLN D 81 28.02 -21.43 14.38
N PHE D 82 27.80 -21.02 13.13
CA PHE D 82 28.90 -20.79 12.22
C PHE D 82 29.79 -19.58 12.55
N ILE D 83 29.18 -18.47 12.94
CA ILE D 83 29.94 -17.27 13.23
C ILE D 83 30.78 -17.36 14.50
N LYS D 84 31.83 -16.56 14.55
CA LYS D 84 32.75 -16.54 15.69
C LYS D 84 32.15 -15.95 16.94
N PRO D 85 31.47 -14.80 16.82
CA PRO D 85 30.86 -14.15 18.00
C PRO D 85 29.93 -15.09 18.75
N LYS D 86 29.97 -15.04 20.07
CA LYS D 86 29.09 -15.86 20.89
C LYS D 86 27.74 -15.14 20.87
N VAL D 87 26.67 -15.89 20.63
CA VAL D 87 25.35 -15.29 20.58
C VAL D 87 24.53 -15.53 21.84
N SER D 88 24.22 -14.45 22.53
CA SER D 88 23.41 -14.54 23.73
C SER D 88 21.96 -14.49 23.28
N THR D 89 21.09 -15.16 24.02
CA THR D 89 19.68 -15.14 23.67
C THR D 89 18.92 -14.68 24.90
N ILE D 90 17.91 -13.83 24.67
CA ILE D 90 17.07 -13.33 25.75
C ILE D 90 15.59 -13.55 25.42
N CYS D 91 14.89 -14.25 26.29
CA CYS D 91 13.46 -14.50 26.09
C CYS D 91 12.64 -13.36 26.66
N ILE D 92 11.96 -12.65 25.79
CA ILE D 92 11.11 -11.53 26.18
C ILE D 92 9.66 -11.85 25.82
N GLY D 93 8.79 -11.88 26.82
CA GLY D 93 7.39 -12.17 26.58
C GLY D 93 7.17 -13.64 26.34
N MET D 94 7.41 -14.08 25.11
CA MET D 94 7.22 -15.49 24.76
C MET D 94 8.18 -16.02 23.69
N ALA D 95 8.76 -17.18 23.95
CA ALA D 95 9.66 -17.83 22.99
C ALA D 95 9.05 -19.22 22.82
N ALA D 96 8.23 -19.38 21.78
CA ALA D 96 7.56 -20.66 21.54
C ALA D 96 8.08 -21.41 20.32
N SER D 97 7.99 -22.73 20.37
CA SER D 97 8.39 -23.58 19.26
C SER D 97 9.81 -23.25 18.76
N MET D 98 9.97 -22.93 17.47
CA MET D 98 11.29 -22.61 16.96
C MET D 98 11.92 -21.41 17.64
N GLY D 99 11.08 -20.57 18.24
CA GLY D 99 11.57 -19.42 18.96
C GLY D 99 12.26 -19.90 20.22
N ALA D 100 11.67 -20.92 20.86
CA ALA D 100 12.24 -21.51 22.06
C ALA D 100 13.50 -22.29 21.66
N PHE D 101 13.42 -22.98 20.52
CA PHE D 101 14.57 -23.75 20.04
C PHE D 101 15.78 -22.79 19.90
N LEU D 102 15.54 -21.61 19.36
CA LEU D 102 16.62 -20.64 19.18
C LEU D 102 17.08 -20.04 20.50
N LEU D 103 16.16 -19.92 21.46
CA LEU D 103 16.46 -19.41 22.78
C LEU D 103 17.44 -20.39 23.42
N ALA D 104 17.10 -21.67 23.36
CA ALA D 104 17.93 -22.71 23.93
C ALA D 104 19.26 -22.90 23.19
N ALA D 105 19.34 -22.35 21.98
CA ALA D 105 20.54 -22.46 21.15
C ALA D 105 21.56 -21.37 21.43
N GLY D 106 21.22 -20.45 22.33
CA GLY D 106 22.14 -19.37 22.66
C GLY D 106 23.37 -19.92 23.35
N GLU D 107 24.48 -19.19 23.28
CA GLU D 107 25.73 -19.62 23.91
C GLU D 107 25.43 -20.14 25.32
N LYS D 108 26.03 -21.26 25.68
CA LYS D 108 25.80 -21.85 27.00
C LYS D 108 26.23 -20.87 28.09
N GLY D 109 25.36 -20.65 29.07
CA GLY D 109 25.66 -19.71 30.13
C GLY D 109 25.14 -18.33 29.82
N LYS D 110 24.89 -18.06 28.53
CA LYS D 110 24.38 -16.76 28.11
C LYS D 110 22.96 -16.82 27.54
N ARG D 111 22.13 -17.69 28.10
CA ARG D 111 20.75 -17.79 27.65
C ARG D 111 19.90 -17.23 28.80
N TYR D 112 19.21 -16.13 28.54
CA TYR D 112 18.41 -15.48 29.58
C TYR D 112 16.91 -15.40 29.33
N ALA D 113 16.18 -15.02 30.38
CA ALA D 113 14.74 -14.83 30.31
C ALA D 113 14.31 -13.80 31.34
N LEU D 114 13.35 -12.96 30.97
CA LEU D 114 12.84 -11.97 31.89
C LEU D 114 11.96 -12.73 32.87
N PRO D 115 11.80 -12.23 34.10
CA PRO D 115 11.01 -12.86 35.16
C PRO D 115 9.65 -13.45 34.79
N ASN D 116 8.89 -12.78 33.94
CA ASN D 116 7.57 -13.28 33.57
C ASN D 116 7.45 -13.79 32.13
N SER D 117 8.60 -14.06 31.52
CA SER D 117 8.62 -14.57 30.16
C SER D 117 8.07 -15.99 30.15
N GLU D 118 7.63 -16.45 28.99
CA GLU D 118 7.12 -17.82 28.85
C GLU D 118 7.91 -18.54 27.75
N VAL D 119 8.13 -19.84 27.95
CA VAL D 119 8.85 -20.63 26.98
C VAL D 119 7.97 -21.85 26.67
N MET D 120 7.67 -22.10 25.40
CA MET D 120 6.83 -23.27 25.05
C MET D 120 7.45 -24.15 23.98
N ILE D 121 7.51 -25.45 24.25
CA ILE D 121 8.06 -26.41 23.29
C ILE D 121 7.00 -27.46 22.94
N HIS D 122 6.99 -27.87 21.68
CA HIS D 122 6.03 -28.87 21.22
C HIS D 122 6.62 -29.57 20.01
N GLN D 123 5.80 -30.33 19.29
CA GLN D 123 6.31 -31.02 18.13
C GLN D 123 6.03 -30.27 16.84
N PRO D 124 6.74 -30.64 15.77
CA PRO D 124 6.54 -30.00 14.47
C PRO D 124 5.11 -30.23 14.00
N LEU D 125 4.59 -29.27 13.24
CA LEU D 125 3.24 -29.34 12.70
C LEU D 125 3.37 -29.32 11.18
N GLY D 126 2.48 -30.04 10.51
CA GLY D 126 2.50 -30.06 9.05
C GLY D 126 1.24 -30.69 8.46
N GLY D 127 1.35 -31.14 7.22
CA GLY D 127 0.20 -31.74 6.56
C GLY D 127 0.59 -32.56 5.35
N ALA D 128 -0.28 -33.48 4.96
CA ALA D 128 -0.02 -34.35 3.81
C ALA D 128 -1.33 -34.66 3.09
N GLN D 129 -1.29 -34.60 1.76
CA GLN D 129 -2.48 -34.86 0.96
C GLN D 129 -2.07 -35.64 -0.28
N GLY D 130 -2.91 -36.60 -0.70
CA GLY D 130 -2.61 -37.38 -1.89
C GLY D 130 -2.58 -38.88 -1.69
N GLN D 131 -1.71 -39.54 -2.45
CA GLN D 131 -1.57 -40.99 -2.40
C GLN D 131 -0.85 -41.46 -1.14
N ALA D 132 -1.15 -42.69 -0.71
CA ALA D 132 -0.48 -43.26 0.45
C ALA D 132 1.03 -43.00 0.37
N THR D 133 1.60 -43.17 -0.82
CA THR D 133 3.04 -42.97 -1.04
C THR D 133 3.49 -41.56 -0.71
N GLU D 134 2.72 -40.58 -1.16
CA GLU D 134 3.03 -39.18 -0.90
C GLU D 134 2.88 -38.85 0.58
N ILE D 135 1.84 -39.41 1.20
CA ILE D 135 1.59 -39.19 2.61
C ILE D 135 2.73 -39.79 3.44
N GLU D 136 3.26 -40.92 2.96
CA GLU D 136 4.36 -41.58 3.64
C GLU D 136 5.60 -40.69 3.60
N ILE D 137 5.90 -40.17 2.41
CA ILE D 137 7.03 -39.29 2.20
C ILE D 137 6.98 -38.09 3.15
N ALA D 138 5.80 -37.48 3.25
CA ALA D 138 5.60 -36.33 4.12
C ALA D 138 5.74 -36.74 5.59
N ALA D 139 5.18 -37.89 5.94
CA ALA D 139 5.26 -38.39 7.30
C ALA D 139 6.71 -38.63 7.70
N LYS D 140 7.45 -39.36 6.87
CA LYS D 140 8.84 -39.65 7.16
C LYS D 140 9.63 -38.37 7.39
N ARG D 141 9.39 -37.36 6.54
CA ARG D 141 10.11 -36.10 6.67
C ARG D 141 9.87 -35.39 8.00
N ILE D 142 8.60 -35.19 8.36
CA ILE D 142 8.30 -34.50 9.61
C ILE D 142 8.79 -35.25 10.84
N LEU D 143 8.75 -36.58 10.83
CA LEU D 143 9.25 -37.35 11.96
C LEU D 143 10.78 -37.18 12.02
N LEU D 144 11.43 -37.10 10.86
CA LEU D 144 12.88 -36.93 10.78
C LEU D 144 13.23 -35.52 11.28
N LEU D 145 12.42 -34.54 10.92
CA LEU D 145 12.65 -33.16 11.37
C LEU D 145 12.50 -33.12 12.88
N ARG D 146 11.51 -33.84 13.40
CA ARG D 146 11.29 -33.88 14.83
C ARG D 146 12.51 -34.44 15.58
N ASP D 147 13.05 -35.56 15.10
CA ASP D 147 14.22 -36.17 15.74
C ASP D 147 15.42 -35.23 15.67
N LYS D 148 15.59 -34.60 14.52
CA LYS D 148 16.68 -33.65 14.32
C LYS D 148 16.61 -32.52 15.36
N LEU D 149 15.43 -31.93 15.52
CA LEU D 149 15.25 -30.86 16.48
C LEU D 149 15.44 -31.36 17.91
N ASN D 150 14.77 -32.46 18.24
CA ASN D 150 14.86 -33.01 19.58
C ASN D 150 16.29 -33.39 20.02
N LYS D 151 17.11 -33.88 19.09
CA LYS D 151 18.48 -34.26 19.44
C LYS D 151 19.26 -33.01 19.84
N VAL D 152 19.01 -31.90 19.14
CA VAL D 152 19.69 -30.65 19.45
C VAL D 152 19.20 -30.15 20.82
N LEU D 153 17.89 -30.12 21.01
CA LEU D 153 17.33 -29.71 22.29
C LEU D 153 17.90 -30.56 23.42
N ALA D 154 18.07 -31.85 23.15
CA ALA D 154 18.63 -32.77 24.14
C ALA D 154 20.03 -32.30 24.52
N GLU D 155 20.86 -32.10 23.50
CA GLU D 155 22.21 -31.64 23.70
C GLU D 155 22.26 -30.31 24.45
N ARG D 156 21.40 -29.38 24.03
CA ARG D 156 21.34 -28.04 24.63
C ARG D 156 20.83 -27.97 26.07
N THR D 157 19.88 -28.84 26.41
CA THR D 157 19.29 -28.82 27.74
C THR D 157 19.83 -29.84 28.76
N GLY D 158 20.40 -30.93 28.28
CA GLY D 158 20.86 -31.96 29.20
C GLY D 158 19.83 -33.08 29.34
N GLN D 159 18.65 -32.88 28.76
CA GLN D 159 17.59 -33.92 28.82
C GLN D 159 17.87 -34.92 27.71
N PRO D 160 17.67 -36.22 27.99
CA PRO D 160 17.92 -37.21 26.93
C PRO D 160 16.85 -37.06 25.86
N LEU D 161 17.15 -37.52 24.65
CA LEU D 161 16.23 -37.43 23.50
C LEU D 161 14.82 -37.94 23.80
N GLU D 162 14.71 -39.10 24.42
CA GLU D 162 13.41 -39.67 24.72
C GLU D 162 12.57 -38.84 25.69
N VAL D 163 13.25 -38.06 26.54
CA VAL D 163 12.55 -37.20 27.49
C VAL D 163 12.05 -35.98 26.73
N ILE D 164 12.92 -35.39 25.90
CA ILE D 164 12.54 -34.25 25.08
C ILE D 164 11.30 -34.69 24.28
N GLU D 165 11.40 -35.86 23.66
CA GLU D 165 10.29 -36.39 22.88
C GLU D 165 9.00 -36.46 23.70
N ARG D 166 9.04 -37.16 24.83
CA ARG D 166 7.86 -37.29 25.69
C ARG D 166 7.26 -35.93 26.10
N ASP D 167 8.13 -35.01 26.51
CA ASP D 167 7.72 -33.68 26.98
C ASP D 167 7.20 -32.73 25.90
N THR D 168 7.48 -33.01 24.64
CA THR D 168 7.02 -32.15 23.55
C THR D 168 5.85 -32.80 22.80
N ASP D 169 5.35 -33.91 23.32
CA ASP D 169 4.23 -34.59 22.66
C ASP D 169 3.05 -33.63 22.54
N ARG D 170 2.80 -32.87 23.61
CA ARG D 170 1.73 -31.88 23.67
C ARG D 170 2.37 -30.52 23.93
N ASP D 171 1.61 -29.44 23.72
CA ASP D 171 2.12 -28.10 23.99
C ASP D 171 2.58 -28.08 25.43
N ASN D 172 3.83 -27.69 25.66
CA ASN D 172 4.41 -27.68 27.00
C ASN D 172 4.87 -26.28 27.34
N PHE D 173 4.04 -25.54 28.08
CA PHE D 173 4.35 -24.17 28.48
C PHE D 173 5.10 -24.17 29.80
N LYS D 174 6.18 -23.40 29.86
CA LYS D 174 6.97 -23.34 31.09
C LYS D 174 7.26 -21.89 31.49
N SER D 175 7.33 -21.63 32.79
CA SER D 175 7.63 -20.29 33.31
C SER D 175 9.13 -20.11 33.14
N ALA D 176 9.65 -18.96 33.57
CA ALA D 176 11.09 -18.73 33.46
C ALA D 176 11.79 -19.75 34.37
N GLU D 177 11.27 -19.90 35.58
CA GLU D 177 11.83 -20.83 36.55
C GLU D 177 11.90 -22.27 36.02
N GLU D 178 10.80 -22.75 35.46
CA GLU D 178 10.75 -24.10 34.92
C GLU D 178 11.70 -24.25 33.73
N ALA D 179 11.80 -23.22 32.89
CA ALA D 179 12.68 -23.28 31.74
C ALA D 179 14.13 -23.42 32.23
N LEU D 180 14.47 -22.70 33.30
CA LEU D 180 15.83 -22.78 33.85
C LEU D 180 16.05 -24.21 34.35
N GLU D 181 15.14 -24.68 35.18
CA GLU D 181 15.24 -26.03 35.73
C GLU D 181 15.36 -27.08 34.63
N TYR D 182 14.74 -26.83 33.48
CA TYR D 182 14.76 -27.76 32.36
C TYR D 182 16.06 -27.74 31.57
N GLY D 183 16.75 -26.61 31.59
CA GLY D 183 18.01 -26.51 30.87
C GLY D 183 17.90 -25.69 29.59
N LEU D 184 16.75 -25.05 29.39
CA LEU D 184 16.52 -24.22 28.21
C LEU D 184 17.22 -22.87 28.34
N ILE D 185 17.30 -22.36 29.56
CA ILE D 185 17.99 -21.08 29.81
C ILE D 185 18.97 -21.26 30.96
N ASP D 186 19.89 -20.30 31.10
CA ASP D 186 20.91 -20.34 32.15
C ASP D 186 20.63 -19.40 33.30
N LYS D 187 19.97 -18.28 33.02
CA LYS D 187 19.67 -17.35 34.09
C LYS D 187 18.47 -16.47 33.84
N ILE D 188 17.84 -16.06 34.93
CA ILE D 188 16.69 -15.19 34.86
C ILE D 188 17.14 -13.78 35.26
N LEU D 189 16.82 -12.80 34.43
CA LEU D 189 17.18 -11.41 34.71
C LEU D 189 16.26 -10.82 35.76
N THR D 190 16.47 -11.18 37.02
CA THR D 190 15.63 -10.69 38.11
C THR D 190 16.08 -9.34 38.65
N HIS D 191 15.11 -8.45 38.86
CA HIS D 191 15.34 -7.10 39.37
C HIS D 191 16.22 -6.25 38.46
N ASP E 18 20.94 -0.23 3.25
CA ASP E 18 20.24 -1.55 3.13
C ASP E 18 21.20 -2.69 3.45
N ILE E 19 20.69 -3.72 4.10
CA ILE E 19 21.51 -4.88 4.47
C ILE E 19 21.93 -5.72 3.27
N TYR E 20 20.99 -5.98 2.36
CA TYR E 20 21.29 -6.78 1.18
C TYR E 20 22.19 -6.01 0.21
N SER E 21 22.03 -4.70 0.18
CA SER E 21 22.85 -3.86 -0.70
C SER E 21 24.29 -3.90 -0.20
N ARG E 22 24.45 -4.11 1.10
CA ARG E 22 25.77 -4.17 1.71
C ARG E 22 26.38 -5.55 1.43
N LEU E 23 25.51 -6.56 1.32
CA LEU E 23 25.95 -7.91 1.04
C LEU E 23 26.35 -8.02 -0.43
N LEU E 24 25.62 -7.32 -1.30
CA LEU E 24 25.92 -7.33 -2.72
C LEU E 24 27.28 -6.66 -2.94
N LYS E 25 27.61 -5.73 -2.05
CA LYS E 25 28.87 -5.01 -2.12
C LYS E 25 29.98 -6.05 -1.99
N ASP E 26 29.76 -7.04 -1.14
CA ASP E 26 30.70 -8.13 -0.92
C ASP E 26 30.47 -9.25 -1.92
N ARG E 27 29.76 -8.94 -2.99
CA ARG E 27 29.48 -9.90 -4.04
C ARG E 27 28.72 -11.12 -3.54
N ILE E 28 27.69 -10.88 -2.75
CA ILE E 28 26.84 -11.94 -2.24
C ILE E 28 25.44 -11.65 -2.76
N ILE E 29 24.84 -12.65 -3.41
CA ILE E 29 23.49 -12.50 -3.93
C ILE E 29 22.58 -13.44 -3.15
N MET E 30 21.45 -12.91 -2.71
CA MET E 30 20.52 -13.69 -1.92
C MET E 30 19.26 -14.16 -2.65
N LEU E 31 19.13 -15.47 -2.80
CA LEU E 31 17.92 -16.05 -3.40
C LEU E 31 17.21 -16.59 -2.17
N GLY E 32 16.38 -15.75 -1.57
CA GLY E 32 15.67 -16.15 -0.36
C GLY E 32 14.16 -16.29 -0.47
N SER E 33 13.67 -16.65 -1.65
CA SER E 33 12.23 -16.83 -1.82
C SER E 33 11.90 -17.73 -3.00
N ALA E 34 10.61 -17.95 -3.21
CA ALA E 34 10.16 -18.78 -4.33
C ALA E 34 10.65 -18.07 -5.59
N ILE E 35 11.00 -18.85 -6.61
CA ILE E 35 11.49 -18.28 -7.86
C ILE E 35 10.40 -18.01 -8.90
N ASP E 36 10.21 -16.75 -9.24
CA ASP E 36 9.25 -16.35 -10.24
C ASP E 36 10.03 -15.46 -11.19
N ASP E 37 9.39 -14.92 -12.21
CA ASP E 37 10.10 -14.08 -13.16
C ASP E 37 10.77 -12.85 -12.53
N ASN E 38 10.09 -12.19 -11.60
CA ASN E 38 10.66 -11.01 -10.96
C ASN E 38 11.93 -11.31 -10.19
N VAL E 39 11.91 -12.40 -9.43
CA VAL E 39 13.08 -12.81 -8.66
C VAL E 39 14.22 -13.17 -9.62
N ALA E 40 13.88 -13.93 -10.66
CA ALA E 40 14.89 -14.34 -11.64
C ALA E 40 15.53 -13.13 -12.31
N ASN E 41 14.70 -12.19 -12.75
CA ASN E 41 15.22 -11.01 -13.42
C ASN E 41 16.12 -10.19 -12.49
N SER E 42 15.80 -10.20 -11.20
CA SER E 42 16.61 -9.46 -10.22
C SER E 42 17.98 -10.12 -10.04
N ILE E 43 17.99 -11.44 -9.85
CA ILE E 43 19.23 -12.17 -9.67
C ILE E 43 20.09 -12.14 -10.94
N VAL E 44 19.45 -12.23 -12.10
CA VAL E 44 20.17 -12.19 -13.37
C VAL E 44 20.93 -10.87 -13.48
N SER E 45 20.24 -9.78 -13.16
CA SER E 45 20.83 -8.45 -13.22
C SER E 45 22.02 -8.34 -12.27
N GLN E 46 21.83 -8.82 -11.05
CA GLN E 46 22.89 -8.78 -10.05
C GLN E 46 24.11 -9.55 -10.53
N LEU E 47 23.89 -10.72 -11.13
CA LEU E 47 25.00 -11.52 -11.63
C LEU E 47 25.77 -10.78 -12.71
N LEU E 48 25.05 -10.06 -13.58
CA LEU E 48 25.68 -9.30 -14.66
C LEU E 48 26.41 -8.09 -14.10
N PHE E 49 25.80 -7.46 -13.10
CA PHE E 49 26.39 -6.28 -12.47
C PHE E 49 27.72 -6.66 -11.82
N LEU E 50 27.70 -7.65 -10.94
CA LEU E 50 28.92 -8.09 -10.27
C LEU E 50 29.98 -8.56 -11.25
N ALA E 51 29.55 -9.21 -12.33
CA ALA E 51 30.48 -9.70 -13.35
C ALA E 51 31.15 -8.51 -14.04
N ALA E 52 30.43 -7.40 -14.10
CA ALA E 52 30.94 -6.17 -14.71
C ALA E 52 31.93 -5.51 -13.77
N GLU E 53 31.56 -5.40 -12.49
CA GLU E 53 32.41 -4.80 -11.48
C GLU E 53 33.79 -5.46 -11.52
N ASP E 54 33.80 -6.79 -11.65
CA ASP E 54 35.05 -7.53 -11.70
C ASP E 54 34.78 -8.94 -12.25
N PRO E 55 35.25 -9.22 -13.47
CA PRO E 55 35.06 -10.52 -14.11
C PRO E 55 35.93 -11.62 -13.51
N GLU E 56 36.83 -11.23 -12.62
CA GLU E 56 37.72 -12.19 -11.97
C GLU E 56 37.19 -12.56 -10.59
N LYS E 57 36.69 -11.57 -9.87
CA LYS E 57 36.15 -11.76 -8.53
C LYS E 57 35.03 -12.80 -8.46
N GLU E 58 35.14 -13.70 -7.50
CA GLU E 58 34.17 -14.76 -7.30
C GLU E 58 32.84 -14.19 -6.80
N ILE E 59 31.75 -14.90 -7.09
CA ILE E 59 30.43 -14.47 -6.64
C ILE E 59 29.79 -15.58 -5.81
N SER E 60 29.08 -15.19 -4.76
CA SER E 60 28.41 -16.16 -3.89
C SER E 60 26.90 -16.04 -3.98
N LEU E 61 26.23 -17.16 -4.21
CA LEU E 61 24.77 -17.20 -4.29
C LEU E 61 24.26 -17.98 -3.10
N TYR E 62 23.62 -17.28 -2.17
CA TYR E 62 23.07 -17.90 -0.96
C TYR E 62 21.64 -18.35 -1.29
N ILE E 63 21.32 -19.59 -0.97
CA ILE E 63 20.00 -20.12 -1.32
C ILE E 63 19.15 -20.69 -0.20
N ASN E 64 17.98 -20.07 -0.03
CA ASN E 64 16.97 -20.49 0.92
C ASN E 64 15.69 -20.25 0.13
N SER E 65 15.37 -21.23 -0.71
CA SER E 65 14.19 -21.14 -1.57
C SER E 65 13.52 -22.51 -1.76
N PRO E 66 12.19 -22.51 -1.96
CA PRO E 66 11.42 -23.74 -2.17
C PRO E 66 11.30 -24.03 -3.67
N GLY E 67 12.02 -23.27 -4.48
CA GLY E 67 11.97 -23.45 -5.92
C GLY E 67 10.92 -22.56 -6.58
N GLY E 68 10.42 -22.98 -7.73
CA GLY E 68 9.41 -22.20 -8.44
C GLY E 68 9.40 -22.45 -9.93
N SER E 69 9.25 -21.37 -10.70
CA SER E 69 9.21 -21.45 -12.16
C SER E 69 10.49 -22.02 -12.76
N ILE E 70 10.31 -23.00 -13.65
CA ILE E 70 11.42 -23.65 -14.33
C ILE E 70 12.16 -22.70 -15.27
N THR E 71 11.42 -21.91 -16.04
CA THR E 71 12.06 -20.98 -16.96
C THR E 71 12.81 -19.88 -16.21
N ALA E 72 12.25 -19.43 -15.10
CA ALA E 72 12.88 -18.39 -14.30
C ALA E 72 14.17 -18.95 -13.70
N GLY E 73 14.12 -20.20 -13.27
CA GLY E 73 15.29 -20.85 -12.70
C GLY E 73 16.36 -21.03 -13.77
N MET E 74 15.96 -21.48 -14.95
CA MET E 74 16.91 -21.68 -16.03
C MET E 74 17.57 -20.37 -16.45
N ALA E 75 16.85 -19.26 -16.32
CA ALA E 75 17.39 -17.96 -16.67
C ALA E 75 18.58 -17.63 -15.76
N ILE E 76 18.47 -18.00 -14.48
CA ILE E 76 19.54 -17.76 -13.51
C ILE E 76 20.68 -18.71 -13.82
N TYR E 77 20.33 -19.97 -14.08
CA TYR E 77 21.31 -21.00 -14.42
C TYR E 77 22.17 -20.55 -15.60
N ASP E 78 21.51 -20.16 -16.69
CA ASP E 78 22.19 -19.72 -17.89
C ASP E 78 23.09 -18.51 -17.64
N THR E 79 22.65 -17.60 -16.78
CA THR E 79 23.43 -16.41 -16.46
C THR E 79 24.70 -16.83 -15.71
N MET E 80 24.55 -17.81 -14.83
CA MET E 80 25.68 -18.32 -14.06
C MET E 80 26.72 -18.95 -14.99
N GLN E 81 26.24 -19.63 -16.01
CA GLN E 81 27.14 -20.28 -16.97
C GLN E 81 27.79 -19.25 -17.88
N PHE E 82 27.06 -18.19 -18.20
CA PHE E 82 27.56 -17.17 -19.10
C PHE E 82 28.70 -16.31 -18.55
N ILE E 83 28.52 -15.75 -17.35
CA ILE E 83 29.54 -14.88 -16.75
C ILE E 83 30.87 -15.58 -16.46
N LYS E 84 31.95 -14.81 -16.50
CA LYS E 84 33.29 -15.35 -16.23
C LYS E 84 33.47 -15.74 -14.76
N PRO E 85 33.13 -14.84 -13.83
CA PRO E 85 33.26 -15.14 -12.40
C PRO E 85 32.70 -16.50 -12.01
N LYS E 86 33.41 -17.24 -11.16
CA LYS E 86 32.93 -18.54 -10.71
C LYS E 86 31.86 -18.23 -9.68
N VAL E 87 30.75 -18.96 -9.71
CA VAL E 87 29.67 -18.73 -8.75
C VAL E 87 29.50 -19.89 -7.79
N SER E 88 29.85 -19.66 -6.52
CA SER E 88 29.70 -20.70 -5.52
C SER E 88 28.28 -20.61 -5.00
N THR E 89 27.79 -21.70 -4.45
CA THR E 89 26.44 -21.74 -3.93
C THR E 89 26.40 -22.26 -2.50
N ILE E 90 25.52 -21.69 -1.69
CA ILE E 90 25.38 -22.11 -0.30
C ILE E 90 23.92 -22.35 0.04
N CYS E 91 23.61 -23.55 0.50
CA CYS E 91 22.24 -23.87 0.87
C CYS E 91 22.03 -23.54 2.34
N ILE E 92 21.17 -22.55 2.58
CA ILE E 92 20.83 -22.10 3.93
C ILE E 92 19.35 -22.43 4.17
N GLY E 93 19.07 -23.28 5.15
CA GLY E 93 17.70 -23.63 5.44
C GLY E 93 17.15 -24.67 4.48
N MET E 94 16.76 -24.23 3.28
CA MET E 94 16.22 -25.17 2.29
C MET E 94 16.47 -24.72 0.86
N ALA E 95 16.85 -25.68 0.02
CA ALA E 95 17.07 -25.44 -1.39
C ALA E 95 16.29 -26.58 -2.03
N ALA E 96 15.06 -26.29 -2.42
CA ALA E 96 14.19 -27.31 -3.01
C ALA E 96 13.85 -27.06 -4.48
N SER E 97 13.64 -28.14 -5.21
CA SER E 97 13.26 -28.05 -6.62
C SER E 97 14.28 -27.29 -7.45
N MET E 98 13.87 -26.19 -8.08
CA MET E 98 14.81 -25.42 -8.89
C MET E 98 15.86 -24.75 -8.00
N GLY E 99 15.55 -24.65 -6.71
CA GLY E 99 16.49 -24.05 -5.78
C GLY E 99 17.63 -25.02 -5.59
N ALA E 100 17.29 -26.31 -5.56
CA ALA E 100 18.28 -27.37 -5.42
C ALA E 100 19.08 -27.47 -6.72
N PHE E 101 18.38 -27.33 -7.84
CA PHE E 101 18.99 -27.38 -9.17
C PHE E 101 20.07 -26.30 -9.26
N LEU E 102 19.75 -25.10 -8.79
CA LEU E 102 20.68 -23.98 -8.81
C LEU E 102 21.84 -24.20 -7.85
N LEU E 103 21.53 -24.78 -6.69
CA LEU E 103 22.56 -25.08 -5.69
C LEU E 103 23.59 -25.99 -6.34
N ALA E 104 23.10 -27.07 -6.94
CA ALA E 104 23.94 -28.05 -7.60
C ALA E 104 24.64 -27.49 -8.82
N ALA E 105 24.18 -26.33 -9.29
CA ALA E 105 24.76 -25.72 -10.48
C ALA E 105 25.94 -24.81 -10.14
N GLY E 106 26.27 -24.69 -8.87
CA GLY E 106 27.39 -23.84 -8.49
C GLY E 106 28.70 -24.43 -8.95
N GLU E 107 29.72 -23.58 -9.05
CA GLU E 107 31.05 -24.02 -9.50
C GLU E 107 31.44 -25.28 -8.74
N LYS E 108 31.89 -26.30 -9.48
CA LYS E 108 32.28 -27.56 -8.87
C LYS E 108 33.34 -27.32 -7.80
N GLY E 109 33.09 -27.85 -6.60
CA GLY E 109 34.02 -27.67 -5.49
C GLY E 109 33.66 -26.48 -4.62
N LYS E 110 32.76 -25.64 -5.13
CA LYS E 110 32.33 -24.45 -4.40
C LYS E 110 30.83 -24.46 -4.07
N ARG E 111 30.28 -25.66 -3.88
CA ARG E 111 28.87 -25.80 -3.53
C ARG E 111 28.79 -26.20 -2.05
N TYR E 112 28.19 -25.34 -1.24
CA TYR E 112 28.09 -25.57 0.20
C TYR E 112 26.70 -25.75 0.78
N ALA E 113 26.66 -26.26 2.00
CA ALA E 113 25.41 -26.44 2.72
C ALA E 113 25.68 -26.33 4.22
N LEU E 114 24.78 -25.68 4.95
CA LEU E 114 24.93 -25.56 6.39
C LEU E 114 24.57 -26.91 7.00
N PRO E 115 25.12 -27.22 8.18
CA PRO E 115 24.87 -28.49 8.87
C PRO E 115 23.45 -29.01 8.82
N ASN E 116 22.47 -28.17 9.15
CA ASN E 116 21.07 -28.61 9.16
C ASN E 116 20.24 -28.22 7.95
N SER E 117 20.90 -27.78 6.88
CA SER E 117 20.21 -27.40 5.67
C SER E 117 19.50 -28.63 5.10
N GLU E 118 18.53 -28.39 4.23
CA GLU E 118 17.79 -29.46 3.61
C GLU E 118 17.77 -29.21 2.11
N VAL E 119 17.90 -30.27 1.32
CA VAL E 119 17.88 -30.17 -0.13
C VAL E 119 16.80 -31.14 -0.61
N MET E 120 16.03 -30.74 -1.61
CA MET E 120 14.99 -31.63 -2.15
C MET E 120 14.91 -31.55 -3.66
N ILE E 121 14.94 -32.71 -4.30
CA ILE E 121 14.84 -32.77 -5.75
C ILE E 121 13.59 -33.60 -6.10
N HIS E 122 13.03 -33.37 -7.28
CA HIS E 122 11.85 -34.10 -7.74
C HIS E 122 11.57 -33.75 -9.21
N GLN E 123 10.41 -34.10 -9.74
CA GLN E 123 10.12 -33.75 -11.13
C GLN E 123 9.33 -32.46 -11.24
N PRO E 124 9.36 -31.83 -12.42
CA PRO E 124 8.63 -30.59 -12.68
C PRO E 124 7.14 -30.76 -12.43
N LEU E 125 6.51 -29.69 -11.98
CA LEU E 125 5.07 -29.69 -11.71
C LEU E 125 4.44 -28.75 -12.72
N GLY E 126 3.20 -29.04 -13.12
CA GLY E 126 2.53 -28.19 -14.07
C GLY E 126 1.07 -28.53 -14.28
N GLY E 127 0.48 -27.93 -15.31
CA GLY E 127 -0.92 -28.17 -15.60
C GLY E 127 -1.21 -28.18 -17.09
N ALA E 128 -2.37 -28.73 -17.44
CA ALA E 128 -2.82 -28.81 -18.82
C ALA E 128 -4.34 -28.91 -18.80
N GLN E 129 -4.99 -27.98 -19.49
CA GLN E 129 -6.45 -27.94 -19.54
C GLN E 129 -6.87 -27.68 -20.98
N GLY E 130 -8.00 -28.23 -21.39
CA GLY E 130 -8.47 -28.01 -22.74
C GLY E 130 -8.73 -29.28 -23.52
N GLN E 131 -8.64 -29.18 -24.84
CA GLN E 131 -8.86 -30.32 -25.72
C GLN E 131 -7.69 -31.29 -25.61
N ALA E 132 -7.92 -32.54 -26.01
CA ALA E 132 -6.90 -33.56 -25.99
C ALA E 132 -5.56 -33.06 -26.56
N THR E 133 -5.63 -32.40 -27.71
CA THR E 133 -4.46 -31.88 -28.39
C THR E 133 -3.72 -30.78 -27.62
N GLU E 134 -4.45 -30.01 -26.82
CA GLU E 134 -3.84 -28.95 -26.04
C GLU E 134 -3.10 -29.58 -24.87
N ILE E 135 -3.73 -30.58 -24.27
CA ILE E 135 -3.14 -31.31 -23.15
C ILE E 135 -1.88 -32.03 -23.62
N GLU E 136 -1.89 -32.49 -24.87
CA GLU E 136 -0.74 -33.19 -25.44
C GLU E 136 0.43 -32.23 -25.60
N ILE E 137 0.14 -30.98 -25.94
CA ILE E 137 1.18 -29.97 -26.11
C ILE E 137 1.89 -29.71 -24.77
N ALA E 138 1.09 -29.47 -23.73
CA ALA E 138 1.64 -29.20 -22.40
C ALA E 138 2.41 -30.40 -21.86
N ALA E 139 1.88 -31.60 -22.10
CA ALA E 139 2.51 -32.84 -21.66
C ALA E 139 3.90 -33.00 -22.29
N LYS E 140 3.95 -32.92 -23.62
CA LYS E 140 5.21 -33.06 -24.32
C LYS E 140 6.21 -32.03 -23.80
N ARG E 141 5.74 -30.82 -23.52
CA ARG E 141 6.62 -29.77 -23.02
C ARG E 141 7.20 -30.07 -21.64
N ILE E 142 6.35 -30.42 -20.68
CA ILE E 142 6.83 -30.68 -19.34
C ILE E 142 7.71 -31.93 -19.31
N LEU E 143 7.45 -32.90 -20.19
CA LEU E 143 8.30 -34.09 -20.23
C LEU E 143 9.67 -33.73 -20.78
N LEU E 144 9.73 -32.78 -21.70
CA LEU E 144 11.02 -32.35 -22.25
C LEU E 144 11.82 -31.58 -21.20
N LEU E 145 11.13 -30.77 -20.42
CA LEU E 145 11.79 -30.01 -19.36
C LEU E 145 12.43 -30.95 -18.33
N ARG E 146 11.69 -31.97 -17.92
CA ARG E 146 12.20 -32.93 -16.94
C ARG E 146 13.45 -33.63 -17.47
N ASP E 147 13.46 -33.96 -18.76
CA ASP E 147 14.61 -34.61 -19.37
C ASP E 147 15.80 -33.66 -19.33
N LYS E 148 15.57 -32.42 -19.75
CA LYS E 148 16.60 -31.38 -19.77
C LYS E 148 17.17 -31.13 -18.38
N LEU E 149 16.29 -31.07 -17.37
CA LEU E 149 16.71 -30.84 -15.99
C LEU E 149 17.47 -32.04 -15.41
N ASN E 150 16.97 -33.24 -15.65
CA ASN E 150 17.63 -34.45 -15.14
C ASN E 150 19.01 -34.68 -15.74
N LYS E 151 19.16 -34.34 -17.02
CA LYS E 151 20.45 -34.52 -17.66
C LYS E 151 21.49 -33.61 -17.01
N VAL E 152 21.08 -32.38 -16.68
CA VAL E 152 22.01 -31.47 -16.05
C VAL E 152 22.35 -31.97 -14.64
N LEU E 153 21.33 -32.37 -13.88
CA LEU E 153 21.56 -32.87 -12.53
C LEU E 153 22.52 -34.05 -12.58
N ALA E 154 22.34 -34.93 -13.56
CA ALA E 154 23.20 -36.09 -13.71
C ALA E 154 24.66 -35.62 -13.89
N GLU E 155 24.84 -34.59 -14.70
CA GLU E 155 26.18 -34.04 -14.95
C GLU E 155 26.76 -33.42 -13.68
N ARG E 156 25.96 -32.60 -13.01
CA ARG E 156 26.38 -31.91 -11.79
C ARG E 156 26.74 -32.82 -10.63
N THR E 157 25.97 -33.88 -10.43
CA THR E 157 26.20 -34.80 -9.32
C THR E 157 27.09 -35.99 -9.65
N GLY E 158 27.19 -36.35 -10.92
CA GLY E 158 28.00 -37.49 -11.31
C GLY E 158 27.20 -38.80 -11.24
N GLN E 159 25.91 -38.69 -10.97
CA GLN E 159 25.02 -39.85 -10.89
C GLN E 159 24.56 -40.24 -12.29
N PRO E 160 24.39 -41.54 -12.56
CA PRO E 160 23.94 -41.87 -13.91
C PRO E 160 22.51 -41.32 -14.09
N LEU E 161 22.14 -41.02 -15.32
CA LEU E 161 20.82 -40.48 -15.61
C LEU E 161 19.66 -41.31 -15.07
N GLU E 162 19.79 -42.63 -15.17
CA GLU E 162 18.72 -43.52 -14.70
C GLU E 162 18.54 -43.46 -13.20
N VAL E 163 19.57 -43.01 -12.48
CA VAL E 163 19.48 -42.89 -11.03
C VAL E 163 18.72 -41.60 -10.71
N ILE E 164 19.06 -40.54 -11.44
CA ILE E 164 18.41 -39.25 -11.27
C ILE E 164 16.91 -39.41 -11.59
N GLU E 165 16.61 -40.14 -12.66
CA GLU E 165 15.23 -40.36 -13.06
C GLU E 165 14.44 -41.07 -11.98
N ARG E 166 14.99 -42.15 -11.43
CA ARG E 166 14.29 -42.89 -10.38
C ARG E 166 14.22 -42.08 -9.09
N ASP E 167 15.30 -41.37 -8.76
CA ASP E 167 15.37 -40.60 -7.53
C ASP E 167 14.51 -39.32 -7.51
N THR E 168 14.14 -38.80 -8.68
CA THR E 168 13.31 -37.60 -8.72
C THR E 168 11.83 -37.94 -8.96
N ASP E 169 11.50 -39.21 -9.09
CA ASP E 169 10.12 -39.61 -9.35
C ASP E 169 9.15 -39.00 -8.34
N ARG E 170 9.55 -38.95 -7.08
CA ARG E 170 8.71 -38.38 -6.04
C ARG E 170 9.60 -37.47 -5.19
N ASP E 171 8.99 -36.58 -4.41
CA ASP E 171 9.73 -35.66 -3.55
C ASP E 171 10.80 -36.42 -2.79
N ASN E 172 12.05 -36.06 -3.05
CA ASN E 172 13.20 -36.71 -2.43
C ASN E 172 13.98 -35.70 -1.58
N PHE E 173 13.69 -35.69 -0.28
CA PHE E 173 14.34 -34.79 0.68
C PHE E 173 15.65 -35.39 1.18
N LYS E 174 16.70 -34.58 1.21
CA LYS E 174 18.00 -35.05 1.68
C LYS E 174 18.62 -34.09 2.69
N SER E 175 19.39 -34.67 3.63
CA SER E 175 20.07 -33.88 4.64
C SER E 175 21.32 -33.34 3.97
N ALA E 176 22.04 -32.47 4.67
CA ALA E 176 23.27 -31.92 4.12
C ALA E 176 24.23 -33.07 3.83
N GLU E 177 24.26 -34.06 4.72
CA GLU E 177 25.14 -35.22 4.56
C GLU E 177 24.76 -36.07 3.35
N GLU E 178 23.47 -36.27 3.15
CA GLU E 178 23.01 -37.07 2.01
C GLU E 178 23.26 -36.32 0.72
N ALA E 179 23.07 -35.01 0.73
CA ALA E 179 23.29 -34.18 -0.45
C ALA E 179 24.76 -34.21 -0.87
N LEU E 180 25.65 -34.27 0.12
CA LEU E 180 27.09 -34.31 -0.14
C LEU E 180 27.40 -35.66 -0.77
N GLU E 181 26.86 -36.71 -0.17
CA GLU E 181 27.06 -38.07 -0.64
C GLU E 181 26.50 -38.21 -2.06
N TYR E 182 25.36 -37.59 -2.32
CA TYR E 182 24.70 -37.66 -3.62
C TYR E 182 25.43 -36.90 -4.70
N GLY E 183 26.22 -35.91 -4.32
CA GLY E 183 26.94 -35.13 -5.30
C GLY E 183 26.28 -33.79 -5.61
N LEU E 184 25.29 -33.38 -4.81
CA LEU E 184 24.63 -32.10 -5.03
C LEU E 184 25.48 -30.95 -4.48
N ILE E 185 26.22 -31.22 -3.41
CA ILE E 185 27.10 -30.21 -2.82
C ILE E 185 28.49 -30.80 -2.65
N ASP E 186 29.47 -29.93 -2.45
CA ASP E 186 30.86 -30.34 -2.29
C ASP E 186 31.33 -30.35 -0.84
N LYS E 187 30.77 -29.49 -0.01
CA LYS E 187 31.17 -29.43 1.38
C LYS E 187 30.12 -28.83 2.31
N ILE E 188 30.15 -29.28 3.56
CA ILE E 188 29.24 -28.78 4.58
C ILE E 188 30.04 -27.83 5.48
N LEU E 189 29.49 -26.64 5.74
CA LEU E 189 30.14 -25.67 6.59
C LEU E 189 29.75 -26.03 8.03
N THR E 190 30.56 -25.64 9.00
CA THR E 190 30.23 -25.96 10.38
C THR E 190 30.47 -24.83 11.38
N HIS E 191 31.72 -24.38 11.47
CA HIS E 191 32.09 -23.33 12.41
C HIS E 191 33.29 -22.51 11.93
N ASP F 18 17.92 2.08 -9.00
CA ASP F 18 18.11 0.70 -8.48
C ASP F 18 18.93 -0.14 -9.44
N ILE F 19 18.75 -1.46 -9.41
CA ILE F 19 19.49 -2.36 -10.29
C ILE F 19 19.13 -2.10 -11.76
N TYR F 20 17.87 -1.80 -12.03
CA TYR F 20 17.45 -1.53 -13.40
C TYR F 20 17.91 -0.18 -13.90
N SER F 21 18.04 0.78 -12.99
CA SER F 21 18.51 2.11 -13.38
C SER F 21 19.93 1.92 -13.90
N ARG F 22 20.68 1.04 -13.25
CA ARG F 22 22.05 0.75 -13.66
C ARG F 22 22.01 0.20 -15.07
N LEU F 23 21.14 -0.79 -15.29
CA LEU F 23 20.98 -1.41 -16.60
C LEU F 23 20.64 -0.40 -17.69
N LEU F 24 19.74 0.51 -17.36
CA LEU F 24 19.31 1.54 -18.31
C LEU F 24 20.50 2.43 -18.69
N LYS F 25 21.35 2.75 -17.73
CA LYS F 25 22.51 3.59 -18.02
C LYS F 25 23.39 2.91 -19.05
N ASP F 26 23.38 1.57 -19.07
CA ASP F 26 24.17 0.81 -20.03
C ASP F 26 23.34 0.50 -21.29
N ARG F 27 22.25 1.25 -21.46
CA ARG F 27 21.37 1.10 -22.61
C ARG F 27 20.75 -0.28 -22.71
N ILE F 28 20.32 -0.79 -21.56
CA ILE F 28 19.66 -2.09 -21.46
C ILE F 28 18.25 -1.83 -20.92
N ILE F 29 17.25 -2.24 -21.67
CA ILE F 29 15.87 -2.08 -21.26
C ILE F 29 15.34 -3.47 -20.90
N MET F 30 14.75 -3.59 -19.72
CA MET F 30 14.23 -4.86 -19.25
C MET F 30 12.73 -5.06 -19.49
N LEU F 31 12.39 -5.98 -20.37
CA LEU F 31 10.99 -6.31 -20.62
C LEU F 31 10.85 -7.61 -19.84
N GLY F 32 10.51 -7.48 -18.55
CA GLY F 32 10.41 -8.66 -17.72
C GLY F 32 9.08 -8.95 -17.05
N SER F 33 8.00 -8.75 -17.77
CA SER F 33 6.67 -9.02 -17.23
C SER F 33 5.68 -9.13 -18.37
N ALA F 34 4.43 -9.48 -18.04
CA ALA F 34 3.41 -9.57 -19.06
C ALA F 34 3.33 -8.17 -19.66
N ILE F 35 2.95 -8.06 -20.93
CA ILE F 35 2.87 -6.78 -21.60
C ILE F 35 1.46 -6.18 -21.58
N ASP F 36 1.31 -5.05 -20.91
CA ASP F 36 0.03 -4.33 -20.87
C ASP F 36 0.39 -2.92 -21.29
N ASP F 37 -0.61 -2.04 -21.44
CA ASP F 37 -0.31 -0.67 -21.87
C ASP F 37 0.69 0.02 -20.97
N ASN F 38 0.60 -0.25 -19.68
CA ASN F 38 1.51 0.38 -18.72
C ASN F 38 2.94 0.02 -19.06
N VAL F 39 3.21 -1.27 -19.16
CA VAL F 39 4.54 -1.75 -19.49
C VAL F 39 4.97 -1.23 -20.85
N ALA F 40 4.05 -1.28 -21.81
CA ALA F 40 4.34 -0.81 -23.15
C ALA F 40 4.78 0.65 -23.16
N ASN F 41 3.99 1.51 -22.50
CA ASN F 41 4.31 2.93 -22.45
C ASN F 41 5.66 3.18 -21.78
N SER F 42 5.99 2.34 -20.80
CA SER F 42 7.25 2.47 -20.10
C SER F 42 8.43 2.14 -21.01
N ILE F 43 8.29 1.07 -21.79
CA ILE F 43 9.36 0.66 -22.70
C ILE F 43 9.50 1.64 -23.86
N VAL F 44 8.37 2.16 -24.33
CA VAL F 44 8.40 3.13 -25.42
C VAL F 44 9.17 4.37 -24.95
N SER F 45 8.91 4.79 -23.71
CA SER F 45 9.58 5.95 -23.12
C SER F 45 11.08 5.72 -23.07
N GLN F 46 11.48 4.55 -22.60
CA GLN F 46 12.88 4.21 -22.47
C GLN F 46 13.60 4.18 -23.82
N LEU F 47 12.93 3.67 -24.85
CA LEU F 47 13.50 3.61 -26.17
C LEU F 47 13.71 5.03 -26.70
N LEU F 48 12.68 5.87 -26.51
CA LEU F 48 12.75 7.26 -26.95
C LEU F 48 13.83 8.01 -26.18
N PHE F 49 13.95 7.72 -24.90
CA PHE F 49 14.95 8.38 -24.07
C PHE F 49 16.35 8.01 -24.54
N LEU F 50 16.66 6.71 -24.55
CA LEU F 50 17.97 6.25 -24.99
C LEU F 50 18.33 6.71 -26.40
N ALA F 51 17.32 6.80 -27.27
CA ALA F 51 17.54 7.23 -28.64
C ALA F 51 17.95 8.71 -28.65
N ALA F 52 17.36 9.48 -27.74
CA ALA F 52 17.66 10.90 -27.62
C ALA F 52 19.06 11.05 -27.02
N GLU F 53 19.33 10.25 -25.99
CA GLU F 53 20.61 10.26 -25.30
C GLU F 53 21.74 10.03 -26.28
N ASP F 54 21.58 9.04 -27.15
CA ASP F 54 22.61 8.70 -28.14
C ASP F 54 21.96 7.90 -29.27
N PRO F 55 21.68 8.55 -30.41
CA PRO F 55 21.06 7.90 -31.57
C PRO F 55 21.96 6.92 -32.32
N GLU F 56 23.25 6.91 -31.97
CA GLU F 56 24.20 6.02 -32.63
C GLU F 56 24.40 4.71 -31.88
N LYS F 57 24.48 4.79 -30.56
CA LYS F 57 24.67 3.60 -29.75
C LYS F 57 23.46 2.68 -29.78
N GLU F 58 23.70 1.40 -30.02
CA GLU F 58 22.60 0.45 -30.05
C GLU F 58 22.00 0.27 -28.67
N ILE F 59 20.79 -0.28 -28.64
CA ILE F 59 20.08 -0.51 -27.39
C ILE F 59 19.84 -2.01 -27.25
N SER F 60 19.75 -2.47 -26.01
CA SER F 60 19.53 -3.89 -25.73
C SER F 60 18.21 -4.09 -25.00
N LEU F 61 17.33 -4.87 -25.61
CA LEU F 61 16.04 -5.16 -24.99
C LEU F 61 16.11 -6.59 -24.48
N TYR F 62 16.13 -6.74 -23.17
CA TYR F 62 16.17 -8.07 -22.56
C TYR F 62 14.74 -8.51 -22.40
N ILE F 63 14.46 -9.75 -22.79
CA ILE F 63 13.08 -10.25 -22.72
C ILE F 63 12.87 -11.54 -21.97
N ASN F 64 12.00 -11.48 -20.96
CA ASN F 64 11.60 -12.63 -20.17
C ASN F 64 10.16 -12.27 -19.89
N SER F 65 9.28 -12.61 -20.83
CA SER F 65 7.86 -12.26 -20.74
C SER F 65 6.95 -13.31 -21.37
N PRO F 66 5.75 -13.50 -20.79
CA PRO F 66 4.78 -14.47 -21.33
C PRO F 66 3.95 -13.79 -22.42
N GLY F 67 4.30 -12.55 -22.72
CA GLY F 67 3.60 -11.80 -23.75
C GLY F 67 2.53 -10.91 -23.15
N GLY F 68 1.48 -10.61 -23.91
CA GLY F 68 0.42 -9.77 -23.41
C GLY F 68 -0.45 -9.17 -24.50
N SER F 69 -0.84 -7.91 -24.31
CA SER F 69 -1.68 -7.21 -25.26
C SER F 69 -0.99 -7.00 -26.60
N ILE F 70 -1.73 -7.25 -27.67
CA ILE F 70 -1.20 -7.09 -29.03
C ILE F 70 -0.91 -5.64 -29.39
N THR F 71 -1.83 -4.73 -29.07
CA THR F 71 -1.63 -3.32 -29.39
C THR F 71 -0.46 -2.73 -28.57
N ALA F 72 -0.31 -3.20 -27.33
CA ALA F 72 0.79 -2.71 -26.50
C ALA F 72 2.11 -3.25 -27.07
N GLY F 73 2.09 -4.49 -27.53
CA GLY F 73 3.28 -5.08 -28.12
C GLY F 73 3.66 -4.35 -29.39
N MET F 74 2.66 -3.96 -30.17
CA MET F 74 2.92 -3.26 -31.42
C MET F 74 3.45 -1.83 -31.21
N ALA F 75 3.12 -1.23 -30.06
CA ALA F 75 3.61 0.11 -29.76
C ALA F 75 5.13 0.01 -29.57
N ILE F 76 5.56 -0.99 -28.81
CA ILE F 76 6.97 -1.25 -28.55
C ILE F 76 7.68 -1.52 -29.88
N TYR F 77 7.08 -2.41 -30.66
CA TYR F 77 7.61 -2.80 -31.95
C TYR F 77 7.83 -1.61 -32.89
N ASP F 78 6.81 -0.77 -33.03
CA ASP F 78 6.91 0.39 -33.92
C ASP F 78 7.97 1.39 -33.45
N THR F 79 8.19 1.45 -32.14
CA THR F 79 9.16 2.38 -31.60
C THR F 79 10.55 1.87 -31.89
N MET F 80 10.75 0.55 -31.75
CA MET F 80 12.03 -0.06 -32.04
C MET F 80 12.44 0.29 -33.47
N GLN F 81 11.50 0.17 -34.39
CA GLN F 81 11.76 0.45 -35.80
C GLN F 81 11.89 1.94 -36.12
N PHE F 82 11.14 2.78 -35.40
CA PHE F 82 11.22 4.20 -35.66
C PHE F 82 12.55 4.83 -35.28
N ILE F 83 13.07 4.46 -34.11
CA ILE F 83 14.31 5.05 -33.63
C ILE F 83 15.55 4.65 -34.42
N LYS F 84 16.55 5.54 -34.38
CA LYS F 84 17.81 5.36 -35.08
C LYS F 84 18.67 4.24 -34.55
N PRO F 85 18.81 4.13 -33.22
CA PRO F 85 19.63 3.06 -32.65
C PRO F 85 19.11 1.68 -33.03
N LYS F 86 20.03 0.76 -33.29
CA LYS F 86 19.64 -0.60 -33.62
C LYS F 86 19.30 -1.24 -32.28
N VAL F 87 18.24 -2.04 -32.24
CA VAL F 87 17.85 -2.66 -30.98
C VAL F 87 18.12 -4.15 -31.00
N SER F 88 18.99 -4.58 -30.09
CA SER F 88 19.32 -5.99 -29.98
C SER F 88 18.27 -6.57 -29.04
N THR F 89 17.94 -7.84 -29.23
CA THR F 89 16.99 -8.49 -28.35
C THR F 89 17.66 -9.72 -27.79
N ILE F 90 17.37 -9.98 -26.51
CA ILE F 90 17.94 -11.11 -25.80
C ILE F 90 16.84 -11.85 -25.08
N CYS F 91 16.68 -13.13 -25.39
CA CYS F 91 15.66 -13.93 -24.72
C CYS F 91 16.24 -14.60 -23.49
N ILE F 92 15.67 -14.29 -22.33
CA ILE F 92 16.11 -14.85 -21.06
C ILE F 92 14.95 -15.60 -20.43
N GLY F 93 15.14 -16.88 -20.15
CA GLY F 93 14.06 -17.64 -19.57
C GLY F 93 12.98 -17.94 -20.60
N MET F 94 12.02 -17.03 -20.77
CA MET F 94 10.95 -17.26 -21.74
C MET F 94 10.48 -16.02 -22.50
N ALA F 95 10.32 -16.17 -23.81
CA ALA F 95 9.81 -15.11 -24.67
C ALA F 95 8.62 -15.76 -25.38
N ALA F 96 7.42 -15.53 -24.86
CA ALA F 96 6.22 -16.14 -25.43
C ALA F 96 5.27 -15.12 -26.05
N SER F 97 4.55 -15.56 -27.09
CA SER F 97 3.58 -14.72 -27.78
C SER F 97 4.17 -13.38 -28.23
N MET F 98 3.57 -12.26 -27.81
CA MET F 98 4.10 -10.96 -28.22
C MET F 98 5.54 -10.74 -27.74
N GLY F 99 5.93 -11.50 -26.72
CA GLY F 99 7.29 -11.42 -26.21
C GLY F 99 8.21 -12.05 -27.25
N ALA F 100 7.74 -13.11 -27.88
CA ALA F 100 8.51 -13.79 -28.92
C ALA F 100 8.52 -12.89 -30.15
N PHE F 101 7.39 -12.22 -30.37
CA PHE F 101 7.25 -11.33 -31.52
C PHE F 101 8.34 -10.26 -31.43
N LEU F 102 8.45 -9.64 -30.26
CA LEU F 102 9.46 -8.58 -30.05
C LEU F 102 10.87 -9.15 -30.18
N LEU F 103 11.10 -10.32 -29.61
CA LEU F 103 12.40 -10.97 -29.71
C LEU F 103 12.80 -11.05 -31.18
N ALA F 104 11.87 -11.55 -32.01
CA ALA F 104 12.12 -11.69 -33.44
C ALA F 104 12.26 -10.38 -34.20
N ALA F 105 11.80 -9.28 -33.60
CA ALA F 105 11.88 -7.97 -34.26
C ALA F 105 13.22 -7.28 -34.01
N GLY F 106 14.09 -7.91 -33.22
CA GLY F 106 15.38 -7.30 -32.97
C GLY F 106 16.15 -7.12 -34.26
N GLU F 107 17.15 -6.24 -34.25
CA GLU F 107 17.95 -6.02 -35.45
C GLU F 107 18.48 -7.36 -35.94
N LYS F 108 18.42 -7.60 -37.23
CA LYS F 108 18.89 -8.86 -37.82
C LYS F 108 20.38 -9.06 -37.48
N GLY F 109 20.70 -10.20 -36.90
CA GLY F 109 22.09 -10.47 -36.54
C GLY F 109 22.37 -10.10 -35.09
N LYS F 110 21.41 -9.43 -34.46
CA LYS F 110 21.54 -9.02 -33.06
C LYS F 110 20.39 -9.57 -32.21
N ARG F 111 19.86 -10.72 -32.60
CA ARG F 111 18.80 -11.37 -31.86
C ARG F 111 19.44 -12.57 -31.15
N TYR F 112 19.42 -12.55 -29.82
CA TYR F 112 20.06 -13.61 -29.03
C TYR F 112 19.16 -14.34 -28.04
N ALA F 113 19.66 -15.46 -27.55
CA ALA F 113 18.96 -16.25 -26.56
C ALA F 113 19.96 -17.04 -25.73
N LEU F 114 19.62 -17.28 -24.47
CA LEU F 114 20.47 -18.07 -23.60
C LEU F 114 20.21 -19.52 -23.98
N PRO F 115 21.19 -20.39 -23.77
CA PRO F 115 21.12 -21.81 -24.10
C PRO F 115 19.85 -22.54 -23.67
N ASN F 116 19.33 -22.25 -22.49
CA ASN F 116 18.14 -22.94 -22.02
C ASN F 116 16.85 -22.12 -22.00
N SER F 117 16.82 -20.99 -22.71
CA SER F 117 15.61 -20.20 -22.73
C SER F 117 14.63 -20.82 -23.75
N GLU F 118 13.37 -20.41 -23.70
CA GLU F 118 12.34 -20.93 -24.60
C GLU F 118 11.67 -19.79 -25.36
N VAL F 119 11.13 -20.13 -26.53
CA VAL F 119 10.43 -19.17 -27.36
C VAL F 119 9.14 -19.86 -27.79
N MET F 120 8.00 -19.19 -27.58
CA MET F 120 6.72 -19.77 -27.94
C MET F 120 5.89 -18.82 -28.79
N ILE F 121 5.37 -19.32 -29.90
CA ILE F 121 4.53 -18.51 -30.77
C ILE F 121 3.21 -19.24 -30.92
N HIS F 122 2.14 -18.48 -31.11
CA HIS F 122 0.80 -19.03 -31.27
C HIS F 122 -0.07 -17.95 -31.88
N GLN F 123 -1.39 -18.06 -31.80
CA GLN F 123 -2.22 -17.02 -32.40
C GLN F 123 -2.86 -16.09 -31.39
N PRO F 124 -3.37 -14.94 -31.87
CA PRO F 124 -4.02 -13.96 -30.98
C PRO F 124 -5.16 -14.58 -30.19
N LEU F 125 -5.32 -14.11 -28.96
CA LEU F 125 -6.39 -14.57 -28.08
C LEU F 125 -7.32 -13.37 -27.90
N GLY F 126 -8.62 -13.64 -27.79
CA GLY F 126 -9.57 -12.57 -27.62
C GLY F 126 -10.94 -13.05 -27.16
N GLY F 127 -11.91 -12.15 -27.19
CA GLY F 127 -13.25 -12.49 -26.79
C GLY F 127 -14.27 -11.71 -27.59
N ALA F 128 -15.54 -12.05 -27.40
CA ALA F 128 -16.63 -11.40 -28.09
C ALA F 128 -17.94 -11.84 -27.47
N GLN F 129 -18.79 -10.87 -27.15
CA GLN F 129 -20.09 -11.15 -26.55
C GLN F 129 -21.11 -10.18 -27.12
N GLY F 130 -22.35 -10.65 -27.29
CA GLY F 130 -23.38 -9.76 -27.80
C GLY F 130 -24.10 -10.23 -29.06
N GLN F 131 -24.49 -9.25 -29.88
CA GLN F 131 -25.21 -9.54 -31.11
C GLN F 131 -24.30 -10.11 -32.19
N ALA F 132 -24.89 -10.88 -33.10
CA ALA F 132 -24.13 -11.47 -34.21
C ALA F 132 -23.22 -10.45 -34.89
N THR F 133 -23.75 -9.29 -35.25
CA THR F 133 -22.93 -8.30 -35.92
C THR F 133 -21.79 -7.79 -35.04
N GLU F 134 -21.99 -7.81 -33.73
CA GLU F 134 -20.95 -7.37 -32.80
C GLU F 134 -19.85 -8.43 -32.72
N ILE F 135 -20.26 -9.70 -32.73
CA ILE F 135 -19.31 -10.81 -32.70
C ILE F 135 -18.50 -10.78 -33.98
N GLU F 136 -19.18 -10.44 -35.08
CA GLU F 136 -18.53 -10.37 -36.40
C GLU F 136 -17.46 -9.29 -36.45
N ILE F 137 -17.76 -8.14 -35.85
CA ILE F 137 -16.82 -7.01 -35.80
C ILE F 137 -15.54 -7.48 -35.11
N ALA F 138 -15.71 -8.12 -33.96
CA ALA F 138 -14.62 -8.63 -33.15
C ALA F 138 -13.83 -9.72 -33.86
N ALA F 139 -14.54 -10.62 -34.52
CA ALA F 139 -13.91 -11.71 -35.27
C ALA F 139 -13.03 -11.16 -36.38
N LYS F 140 -13.56 -10.23 -37.17
CA LYS F 140 -12.80 -9.63 -38.26
C LYS F 140 -11.53 -8.95 -37.75
N ARG F 141 -11.64 -8.21 -36.64
CA ARG F 141 -10.47 -7.52 -36.10
C ARG F 141 -9.35 -8.48 -35.69
N ILE F 142 -9.69 -9.52 -34.91
CA ILE F 142 -8.68 -10.45 -34.44
C ILE F 142 -8.05 -11.24 -35.59
N LEU F 143 -8.84 -11.57 -36.61
CA LEU F 143 -8.29 -12.29 -37.76
C LEU F 143 -7.34 -11.35 -38.51
N LEU F 144 -7.69 -10.07 -38.59
CA LEU F 144 -6.81 -9.11 -39.25
C LEU F 144 -5.53 -8.96 -38.44
N LEU F 145 -5.66 -9.01 -37.11
CA LEU F 145 -4.49 -8.88 -36.23
C LEU F 145 -3.53 -10.04 -36.47
N ARG F 146 -4.07 -11.25 -36.54
CA ARG F 146 -3.26 -12.44 -36.77
C ARG F 146 -2.52 -12.31 -38.10
N ASP F 147 -3.23 -11.93 -39.16
CA ASP F 147 -2.60 -11.80 -40.47
C ASP F 147 -1.45 -10.80 -40.42
N LYS F 148 -1.67 -9.69 -39.73
CA LYS F 148 -0.65 -8.65 -39.61
C LYS F 148 0.59 -9.17 -38.87
N LEU F 149 0.38 -9.85 -37.75
CA LEU F 149 1.50 -10.38 -36.98
C LEU F 149 2.19 -11.51 -37.73
N ASN F 150 1.41 -12.38 -38.39
CA ASN F 150 1.99 -13.49 -39.14
C ASN F 150 2.85 -12.99 -40.29
N LYS F 151 2.43 -11.92 -40.97
CA LYS F 151 3.20 -11.37 -42.08
C LYS F 151 4.52 -10.80 -41.62
N VAL F 152 4.53 -10.16 -40.44
CA VAL F 152 5.77 -9.61 -39.93
C VAL F 152 6.69 -10.75 -39.52
N LEU F 153 6.13 -11.79 -38.89
CA LEU F 153 6.93 -12.92 -38.47
C LEU F 153 7.58 -13.59 -39.67
N ALA F 154 6.80 -13.74 -40.73
CA ALA F 154 7.30 -14.35 -41.96
C ALA F 154 8.48 -13.52 -42.49
N GLU F 155 8.29 -12.21 -42.52
CA GLU F 155 9.32 -11.29 -43.00
C GLU F 155 10.56 -11.32 -42.10
N ARG F 156 10.35 -11.39 -40.79
CA ARG F 156 11.44 -11.41 -39.82
C ARG F 156 12.22 -12.73 -39.74
N THR F 157 11.54 -13.85 -39.94
CA THR F 157 12.16 -15.17 -39.85
C THR F 157 12.70 -15.69 -41.19
N GLY F 158 12.12 -15.21 -42.30
CA GLY F 158 12.52 -15.69 -43.61
C GLY F 158 11.61 -16.83 -44.05
N GLN F 159 10.74 -17.28 -43.15
CA GLN F 159 9.80 -18.38 -43.41
C GLN F 159 8.61 -17.98 -44.29
N PRO F 160 8.12 -18.92 -45.12
CA PRO F 160 6.98 -18.52 -45.95
C PRO F 160 5.76 -18.28 -45.04
N LEU F 161 4.86 -17.40 -45.46
CA LEU F 161 3.67 -17.09 -44.67
C LEU F 161 2.85 -18.32 -44.29
N GLU F 162 2.69 -19.25 -45.24
CA GLU F 162 1.94 -20.48 -45.01
C GLU F 162 2.52 -21.26 -43.84
N VAL F 163 3.84 -21.25 -43.72
CA VAL F 163 4.49 -21.96 -42.65
C VAL F 163 4.17 -21.29 -41.31
N ILE F 164 4.26 -19.98 -41.27
CA ILE F 164 3.97 -19.25 -40.04
C ILE F 164 2.52 -19.50 -39.61
N GLU F 165 1.58 -19.42 -40.56
CA GLU F 165 0.16 -19.64 -40.26
C GLU F 165 -0.09 -21.01 -39.65
N ARG F 166 0.46 -22.04 -40.27
CA ARG F 166 0.26 -23.40 -39.77
C ARG F 166 0.99 -23.62 -38.43
N ASP F 167 2.17 -23.03 -38.29
CA ASP F 167 2.96 -23.20 -37.07
C ASP F 167 2.43 -22.45 -35.86
N THR F 168 1.60 -21.44 -36.08
CA THR F 168 1.05 -20.67 -34.97
C THR F 168 -0.38 -21.07 -34.61
N ASP F 169 -0.87 -22.14 -35.23
CA ASP F 169 -2.24 -22.59 -34.96
C ASP F 169 -2.42 -22.85 -33.48
N ARG F 170 -1.45 -23.51 -32.86
CA ARG F 170 -1.53 -23.80 -31.43
C ARG F 170 -0.22 -23.39 -30.75
N ASP F 171 -0.16 -23.50 -29.43
CA ASP F 171 1.05 -23.14 -28.67
C ASP F 171 2.24 -23.91 -29.24
N ASN F 172 3.22 -23.17 -29.74
CA ASN F 172 4.40 -23.75 -30.38
C ASN F 172 5.69 -23.41 -29.60
N PHE F 173 6.09 -24.32 -28.72
CA PHE F 173 7.28 -24.14 -27.89
C PHE F 173 8.56 -24.63 -28.58
N LYS F 174 9.58 -23.77 -28.61
CA LYS F 174 10.85 -24.09 -29.24
C LYS F 174 12.00 -23.78 -28.30
N SER F 175 13.08 -24.55 -28.40
CA SER F 175 14.28 -24.33 -27.59
C SER F 175 15.05 -23.20 -28.27
N ALA F 176 16.13 -22.73 -27.66
CA ALA F 176 16.90 -21.66 -28.28
C ALA F 176 17.39 -22.15 -29.64
N GLU F 177 17.90 -23.37 -29.67
CA GLU F 177 18.40 -23.96 -30.90
C GLU F 177 17.32 -24.01 -31.98
N GLU F 178 16.13 -24.49 -31.62
CA GLU F 178 15.02 -24.57 -32.56
C GLU F 178 14.61 -23.18 -33.05
N ALA F 179 14.64 -22.20 -32.14
CA ALA F 179 14.27 -20.84 -32.50
C ALA F 179 15.27 -20.28 -33.50
N LEU F 180 16.54 -20.63 -33.31
CA LEU F 180 17.60 -20.18 -34.21
C LEU F 180 17.44 -20.81 -35.59
N GLU F 181 17.18 -22.11 -35.62
CA GLU F 181 17.02 -22.81 -36.89
C GLU F 181 15.72 -22.43 -37.59
N TYR F 182 14.83 -21.77 -36.86
CA TYR F 182 13.54 -21.33 -37.40
C TYR F 182 13.68 -19.91 -37.95
N GLY F 183 14.62 -19.16 -37.39
CA GLY F 183 14.83 -17.80 -37.85
C GLY F 183 14.27 -16.76 -36.88
N LEU F 184 13.96 -17.16 -35.66
CA LEU F 184 13.42 -16.23 -34.66
C LEU F 184 14.58 -15.46 -34.01
N ILE F 185 15.73 -16.11 -33.89
CA ILE F 185 16.90 -15.45 -33.33
C ILE F 185 18.08 -15.73 -34.26
N ASP F 186 19.22 -15.12 -33.97
CA ASP F 186 20.39 -15.30 -34.81
C ASP F 186 21.53 -16.02 -34.10
N LYS F 187 21.58 -15.91 -32.79
CA LYS F 187 22.68 -16.52 -32.07
C LYS F 187 22.34 -16.92 -30.65
N ILE F 188 23.01 -17.96 -30.18
CA ILE F 188 22.82 -18.44 -28.82
C ILE F 188 24.00 -17.98 -27.96
N LEU F 189 23.70 -17.37 -26.82
CA LEU F 189 24.75 -16.89 -25.91
C LEU F 189 25.21 -18.06 -25.04
N THR F 190 26.36 -18.64 -25.37
CA THR F 190 26.86 -19.77 -24.59
C THR F 190 27.69 -19.35 -23.39
N HIS F 191 28.98 -19.07 -23.61
CA HIS F 191 29.89 -18.67 -22.54
C HIS F 191 31.30 -18.47 -23.07
N ASP G 18 11.88 10.24 -12.43
CA ASP G 18 10.86 9.57 -13.30
C ASP G 18 11.27 9.73 -14.76
N ILE G 19 10.71 8.88 -15.62
CA ILE G 19 11.03 8.92 -17.05
C ILE G 19 10.06 9.86 -17.77
N TYR G 20 8.82 9.89 -17.33
CA TYR G 20 7.80 10.74 -17.94
C TYR G 20 8.10 12.21 -17.69
N SER G 21 8.71 12.49 -16.54
CA SER G 21 9.07 13.86 -16.18
C SER G 21 10.13 14.36 -17.17
N ARG G 22 11.01 13.46 -17.56
CA ARG G 22 12.08 13.78 -18.50
C ARG G 22 11.48 14.14 -19.86
N LEU G 23 10.40 13.46 -20.23
CA LEU G 23 9.72 13.72 -21.50
C LEU G 23 8.90 14.99 -21.44
N LEU G 24 8.36 15.31 -20.26
CA LEU G 24 7.57 16.52 -20.10
C LEU G 24 8.46 17.73 -20.39
N LYS G 25 9.71 17.66 -19.95
CA LYS G 25 10.65 18.76 -20.18
C LYS G 25 10.77 18.99 -21.69
N ASP G 26 10.65 17.93 -22.49
CA ASP G 26 10.72 18.05 -23.95
C ASP G 26 9.33 18.41 -24.50
N ARG G 27 8.43 18.79 -23.59
CA ARG G 27 7.07 19.18 -23.95
C ARG G 27 6.26 18.04 -24.57
N ILE G 28 6.45 16.84 -24.01
CA ILE G 28 5.73 15.66 -24.44
C ILE G 28 4.85 15.22 -23.31
N ILE G 29 3.55 15.04 -23.59
CA ILE G 29 2.59 14.60 -22.58
C ILE G 29 2.12 13.20 -22.94
N MET G 30 2.06 12.34 -21.94
CA MET G 30 1.66 10.95 -22.12
C MET G 30 0.24 10.61 -21.66
N LEU G 31 -0.61 10.25 -22.61
CA LEU G 31 -1.97 9.85 -22.30
C LEU G 31 -1.93 8.36 -22.63
N GLY G 32 -1.51 7.55 -21.65
CA GLY G 32 -1.39 6.13 -21.89
C GLY G 32 -2.27 5.21 -21.09
N SER G 33 -3.47 5.69 -20.74
CA SER G 33 -4.39 4.86 -19.98
C SER G 33 -5.82 5.25 -20.27
N ALA G 34 -6.74 4.57 -19.60
CA ALA G 34 -8.16 4.87 -19.75
C ALA G 34 -8.34 6.29 -19.23
N ILE G 35 -9.11 7.08 -19.97
CA ILE G 35 -9.35 8.46 -19.59
C ILE G 35 -10.41 8.59 -18.51
N ASP G 36 -10.00 9.04 -17.33
CA ASP G 36 -10.92 9.27 -16.24
C ASP G 36 -10.63 10.67 -15.73
N ASP G 37 -11.35 11.10 -14.69
CA ASP G 37 -11.16 12.44 -14.16
C ASP G 37 -9.71 12.69 -13.71
N ASN G 38 -9.12 11.76 -12.98
CA ASN G 38 -7.74 11.92 -12.52
C ASN G 38 -6.78 12.13 -13.69
N VAL G 39 -6.90 11.27 -14.70
CA VAL G 39 -6.04 11.35 -15.88
C VAL G 39 -6.27 12.66 -16.61
N ALA G 40 -7.53 13.02 -16.75
CA ALA G 40 -7.88 14.26 -17.43
C ALA G 40 -7.28 15.47 -16.70
N ASN G 41 -7.51 15.56 -15.40
CA ASN G 41 -7.00 16.69 -14.64
C ASN G 41 -5.47 16.78 -14.71
N SER G 42 -4.83 15.62 -14.75
CA SER G 42 -3.37 15.54 -14.86
C SER G 42 -2.91 16.09 -16.21
N ILE G 43 -3.56 15.65 -17.28
CA ILE G 43 -3.24 16.08 -18.63
C ILE G 43 -3.51 17.57 -18.78
N VAL G 44 -4.66 18.03 -18.26
CA VAL G 44 -5.01 19.44 -18.33
C VAL G 44 -3.93 20.27 -17.63
N SER G 45 -3.44 19.77 -16.51
CA SER G 45 -2.40 20.45 -15.76
C SER G 45 -1.13 20.64 -16.58
N GLN G 46 -0.66 19.55 -17.16
CA GLN G 46 0.56 19.57 -17.98
C GLN G 46 0.43 20.53 -19.16
N LEU G 47 -0.75 20.57 -19.77
CA LEU G 47 -1.00 21.46 -20.90
C LEU G 47 -0.88 22.93 -20.49
N LEU G 48 -1.48 23.27 -19.35
CA LEU G 48 -1.43 24.63 -18.86
C LEU G 48 0.00 25.00 -18.45
N PHE G 49 0.71 24.01 -17.93
CA PHE G 49 2.09 24.20 -17.50
C PHE G 49 3.00 24.50 -18.69
N LEU G 50 2.96 23.64 -19.70
CA LEU G 50 3.79 23.83 -20.88
C LEU G 50 3.42 25.13 -21.59
N ALA G 51 2.13 25.48 -21.59
CA ALA G 51 1.69 26.71 -22.23
C ALA G 51 2.34 27.91 -21.54
N ALA G 52 2.45 27.83 -20.21
CA ALA G 52 3.06 28.88 -19.43
C ALA G 52 4.55 28.96 -19.79
N GLU G 53 5.23 27.82 -19.70
CA GLU G 53 6.65 27.72 -20.02
C GLU G 53 7.00 28.51 -21.29
N ASP G 54 6.24 28.25 -22.35
CA ASP G 54 6.45 28.92 -23.62
C ASP G 54 5.20 28.71 -24.48
N PRO G 55 4.39 29.75 -24.62
CA PRO G 55 3.14 29.72 -25.40
C PRO G 55 3.32 29.61 -26.90
N GLU G 56 4.58 29.59 -27.36
CA GLU G 56 4.87 29.50 -28.78
C GLU G 56 5.31 28.09 -29.19
N LYS G 57 6.18 27.48 -28.38
CA LYS G 57 6.69 26.15 -28.69
C LYS G 57 5.58 25.10 -28.68
N GLU G 58 5.50 24.32 -29.75
CA GLU G 58 4.47 23.30 -29.88
C GLU G 58 4.54 22.26 -28.76
N ILE G 59 3.46 21.51 -28.61
CA ILE G 59 3.36 20.47 -27.58
C ILE G 59 2.96 19.15 -28.24
N SER G 60 3.48 18.06 -27.71
CA SER G 60 3.19 16.73 -28.25
C SER G 60 2.41 15.88 -27.26
N LEU G 61 1.29 15.34 -27.73
CA LEU G 61 0.45 14.46 -26.90
C LEU G 61 0.49 13.06 -27.49
N TYR G 62 1.15 12.15 -26.78
CA TYR G 62 1.24 10.76 -27.23
C TYR G 62 0.03 10.03 -26.69
N ILE G 63 -0.65 9.28 -27.56
CA ILE G 63 -1.86 8.58 -27.15
C ILE G 63 -1.88 7.08 -27.37
N ASN G 64 -2.13 6.37 -26.28
CA ASN G 64 -2.28 4.93 -26.25
C ASN G 64 -3.33 4.75 -25.17
N SER G 65 -4.58 4.81 -25.58
CA SER G 65 -5.70 4.72 -24.66
C SER G 65 -6.95 4.11 -25.29
N PRO G 66 -7.75 3.38 -24.50
CA PRO G 66 -8.99 2.72 -24.93
C PRO G 66 -10.16 3.70 -24.82
N GLY G 67 -9.87 4.90 -24.29
CA GLY G 67 -10.90 5.92 -24.13
C GLY G 67 -11.38 6.00 -22.69
N GLY G 68 -12.59 6.52 -22.49
CA GLY G 68 -13.12 6.64 -21.15
C GLY G 68 -14.22 7.69 -21.06
N SER G 69 -14.23 8.42 -19.94
CA SER G 69 -15.24 9.45 -19.70
C SER G 69 -15.30 10.52 -20.78
N ILE G 70 -16.52 10.80 -21.23
CA ILE G 70 -16.74 11.82 -22.24
C ILE G 70 -16.38 13.19 -21.66
N THR G 71 -16.84 13.47 -20.44
CA THR G 71 -16.55 14.77 -19.82
C THR G 71 -15.05 14.91 -19.56
N ALA G 72 -14.41 13.86 -19.10
CA ALA G 72 -12.96 13.93 -18.86
C ALA G 72 -12.23 14.22 -20.17
N GLY G 73 -12.70 13.61 -21.25
CA GLY G 73 -12.10 13.81 -22.56
C GLY G 73 -12.28 15.22 -23.08
N MET G 74 -13.48 15.77 -22.91
CA MET G 74 -13.76 17.11 -23.38
C MET G 74 -12.92 18.14 -22.62
N ALA G 75 -12.64 17.87 -21.35
CA ALA G 75 -11.82 18.78 -20.55
C ALA G 75 -10.45 18.89 -21.20
N ILE G 76 -9.93 17.74 -21.64
CA ILE G 76 -8.64 17.68 -22.31
C ILE G 76 -8.74 18.44 -23.62
N TYR G 77 -9.77 18.12 -24.39
CA TYR G 77 -10.06 18.75 -25.66
C TYR G 77 -10.17 20.27 -25.56
N ASP G 78 -10.95 20.76 -24.60
CA ASP G 78 -11.14 22.20 -24.42
C ASP G 78 -9.84 22.89 -24.02
N THR G 79 -8.99 22.20 -23.28
CA THR G 79 -7.72 22.77 -22.85
C THR G 79 -6.76 22.85 -24.05
N MET G 80 -6.84 21.88 -24.94
CA MET G 80 -6.00 21.85 -26.12
C MET G 80 -6.35 23.05 -27.02
N GLN G 81 -7.63 23.38 -27.08
CA GLN G 81 -8.09 24.49 -27.89
C GLN G 81 -7.76 25.85 -27.27
N PHE G 82 -7.88 25.95 -25.96
CA PHE G 82 -7.63 27.21 -25.26
C PHE G 82 -6.19 27.72 -25.34
N ILE G 83 -5.23 26.86 -25.01
CA ILE G 83 -3.82 27.26 -25.02
C ILE G 83 -3.29 27.67 -26.39
N LYS G 84 -2.31 28.57 -26.39
CA LYS G 84 -1.70 29.06 -27.62
C LYS G 84 -0.83 28.02 -28.33
N PRO G 85 -0.01 27.28 -27.59
CA PRO G 85 0.85 26.26 -28.20
C PRO G 85 0.03 25.25 -29.00
N LYS G 86 0.39 25.03 -30.26
CA LYS G 86 -0.32 24.07 -31.08
C LYS G 86 0.03 22.69 -30.54
N VAL G 87 -0.98 21.84 -30.36
CA VAL G 87 -0.75 20.51 -29.83
C VAL G 87 -0.85 19.45 -30.93
N SER G 88 0.24 18.73 -31.15
CA SER G 88 0.26 17.67 -32.14
C SER G 88 -0.09 16.37 -31.42
N THR G 89 -0.69 15.44 -32.15
CA THR G 89 -1.06 14.16 -31.55
C THR G 89 -0.41 12.98 -32.25
N ILE G 90 -0.10 11.94 -31.48
CA ILE G 90 0.53 10.74 -32.02
C ILE G 90 -0.10 9.48 -31.44
N CYS G 91 -0.70 8.68 -32.31
CA CYS G 91 -1.32 7.45 -31.89
C CYS G 91 -0.27 6.33 -31.86
N ILE G 92 -0.07 5.73 -30.68
CA ILE G 92 0.88 4.63 -30.54
C ILE G 92 0.10 3.45 -29.94
N GLY G 93 0.09 2.34 -30.65
CA GLY G 93 -0.65 1.18 -30.18
C GLY G 93 -2.13 1.33 -30.48
N MET G 94 -2.83 2.09 -29.64
CA MET G 94 -4.27 2.29 -29.83
C MET G 94 -4.82 3.63 -29.34
N ALA G 95 -5.76 4.16 -30.10
CA ALA G 95 -6.46 5.39 -29.79
C ALA G 95 -7.90 5.06 -30.09
N ALA G 96 -8.62 4.60 -29.08
CA ALA G 96 -10.02 4.23 -29.24
C ALA G 96 -10.96 5.20 -28.53
N SER G 97 -12.19 5.29 -29.04
CA SER G 97 -13.21 6.15 -28.45
C SER G 97 -12.74 7.59 -28.26
N MET G 98 -12.80 8.08 -27.03
CA MET G 98 -12.37 9.45 -26.76
C MET G 98 -10.89 9.65 -27.03
N GLY G 99 -10.11 8.57 -26.94
CA GLY G 99 -8.69 8.66 -27.23
C GLY G 99 -8.51 9.01 -28.70
N ALA G 100 -9.38 8.44 -29.53
CA ALA G 100 -9.35 8.68 -30.96
C ALA G 100 -9.89 10.08 -31.20
N PHE G 101 -10.84 10.51 -30.38
CA PHE G 101 -11.41 11.84 -30.53
C PHE G 101 -10.29 12.86 -30.36
N LEU G 102 -9.52 12.68 -29.29
CA LEU G 102 -8.40 13.58 -28.98
C LEU G 102 -7.32 13.53 -30.06
N LEU G 103 -7.09 12.35 -30.62
CA LEU G 103 -6.10 12.19 -31.68
C LEU G 103 -6.46 13.07 -32.87
N ALA G 104 -7.73 13.02 -33.24
CA ALA G 104 -8.24 13.78 -34.37
C ALA G 104 -8.28 15.27 -34.08
N ALA G 105 -8.30 15.62 -32.79
CA ALA G 105 -8.36 17.01 -32.38
C ALA G 105 -6.97 17.66 -32.39
N GLY G 106 -5.95 16.88 -32.74
CA GLY G 106 -4.62 17.43 -32.80
C GLY G 106 -4.54 18.49 -33.89
N GLU G 107 -3.57 19.40 -33.77
CA GLU G 107 -3.38 20.47 -34.74
C GLU G 107 -3.38 19.93 -36.17
N LYS G 108 -4.30 20.42 -37.01
CA LYS G 108 -4.39 19.96 -38.39
C LYS G 108 -2.99 19.96 -39.00
N GLY G 109 -2.61 18.83 -39.60
CA GLY G 109 -1.29 18.71 -40.19
C GLY G 109 -0.27 18.15 -39.20
N LYS G 110 -0.66 18.07 -37.92
CA LYS G 110 0.25 17.56 -36.90
C LYS G 110 -0.32 16.38 -36.10
N ARG G 111 -1.17 15.60 -36.77
CA ARG G 111 -1.77 14.42 -36.17
C ARG G 111 -1.06 13.22 -36.81
N TYR G 112 -0.41 12.40 -35.98
CA TYR G 112 0.36 11.25 -36.47
C TYR G 112 -0.07 9.89 -35.93
N ALA G 113 0.56 8.84 -36.45
CA ALA G 113 0.30 7.47 -36.02
C ALA G 113 1.43 6.55 -36.49
N LEU G 114 1.86 5.65 -35.63
CA LEU G 114 2.92 4.71 -36.00
C LEU G 114 2.33 3.72 -37.00
N PRO G 115 3.18 3.05 -37.80
CA PRO G 115 2.78 2.08 -38.82
C PRO G 115 1.73 1.04 -38.43
N ASN G 116 1.88 0.44 -37.27
CA ASN G 116 0.93 -0.58 -36.83
C ASN G 116 -0.04 -0.18 -35.73
N SER G 117 -0.24 1.12 -35.57
CA SER G 117 -1.17 1.59 -34.53
C SER G 117 -2.60 1.42 -35.02
N GLU G 118 -3.53 1.34 -34.09
CA GLU G 118 -4.93 1.16 -34.41
C GLU G 118 -5.75 2.36 -33.90
N VAL G 119 -6.79 2.72 -34.64
CA VAL G 119 -7.67 3.83 -34.27
C VAL G 119 -9.11 3.33 -34.37
N MET G 120 -9.88 3.51 -33.30
CA MET G 120 -11.28 3.06 -33.28
C MET G 120 -12.25 4.17 -32.89
N ILE G 121 -13.35 4.29 -33.64
CA ILE G 121 -14.38 5.29 -33.34
C ILE G 121 -15.71 4.56 -33.28
N HIS G 122 -16.58 5.03 -32.39
CA HIS G 122 -17.91 4.44 -32.22
C HIS G 122 -18.79 5.49 -31.55
N GLN G 123 -19.87 5.08 -30.91
CA GLN G 123 -20.72 6.06 -30.27
C GLN G 123 -20.59 5.98 -28.76
N PRO G 124 -20.99 7.05 -28.06
CA PRO G 124 -20.92 7.09 -26.59
C PRO G 124 -21.57 5.89 -25.92
N LEU G 125 -20.99 5.49 -24.79
CA LEU G 125 -21.50 4.37 -24.01
C LEU G 125 -22.02 4.91 -22.69
N GLY G 126 -23.16 4.40 -22.25
CA GLY G 126 -23.71 4.89 -20.99
C GLY G 126 -24.64 3.93 -20.27
N GLY G 127 -25.39 4.46 -19.32
CA GLY G 127 -26.31 3.67 -18.55
C GLY G 127 -27.49 4.50 -18.10
N ALA G 128 -28.60 3.84 -17.79
CA ALA G 128 -29.83 4.50 -17.35
C ALA G 128 -30.61 3.54 -16.46
N GLN G 129 -30.92 3.97 -15.24
CA GLN G 129 -31.66 3.14 -14.29
C GLN G 129 -32.71 3.98 -13.57
N GLY G 130 -33.76 3.33 -13.08
CA GLY G 130 -34.78 4.06 -12.36
C GLY G 130 -36.10 4.21 -13.08
N GLN G 131 -36.85 5.26 -12.75
CA GLN G 131 -38.15 5.54 -13.36
C GLN G 131 -38.04 5.92 -14.83
N ALA G 132 -39.10 5.67 -15.59
CA ALA G 132 -39.13 6.02 -17.00
C ALA G 132 -38.55 7.42 -17.22
N THR G 133 -39.02 8.36 -16.42
CA THR G 133 -38.57 9.75 -16.50
C THR G 133 -37.07 9.95 -16.26
N GLU G 134 -36.47 9.11 -15.44
CA GLU G 134 -35.05 9.23 -15.16
C GLU G 134 -34.26 8.65 -16.33
N ILE G 135 -34.80 7.58 -16.91
CA ILE G 135 -34.15 6.94 -18.05
C ILE G 135 -34.21 7.93 -19.22
N GLU G 136 -35.28 8.72 -19.29
CA GLU G 136 -35.43 9.71 -20.35
C GLU G 136 -34.33 10.80 -20.21
N ILE G 137 -34.08 11.23 -18.98
CA ILE G 137 -33.05 12.25 -18.71
C ILE G 137 -31.70 11.76 -19.26
N ALA G 138 -31.31 10.56 -18.83
CA ALA G 138 -30.06 9.96 -19.24
C ALA G 138 -29.96 9.81 -20.75
N ALA G 139 -31.02 9.27 -21.36
CA ALA G 139 -31.06 9.05 -22.80
C ALA G 139 -30.85 10.34 -23.57
N LYS G 140 -31.59 11.39 -23.18
CA LYS G 140 -31.47 12.67 -23.83
C LYS G 140 -30.04 13.19 -23.73
N ARG G 141 -29.45 13.05 -22.55
CA ARG G 141 -28.08 13.52 -22.36
C ARG G 141 -27.08 12.81 -23.27
N ILE G 142 -27.06 11.47 -23.25
CA ILE G 142 -26.12 10.72 -24.07
C ILE G 142 -26.31 10.97 -25.58
N LEU G 143 -27.54 11.19 -26.02
CA LEU G 143 -27.80 11.46 -27.43
C LEU G 143 -27.24 12.83 -27.79
N LEU G 144 -27.34 13.79 -26.88
CA LEU G 144 -26.81 15.13 -27.15
C LEU G 144 -25.29 15.05 -27.25
N LEU G 145 -24.70 14.25 -26.36
CA LEU G 145 -23.25 14.07 -26.36
C LEU G 145 -22.79 13.47 -27.68
N ARG G 146 -23.48 12.41 -28.11
CA ARG G 146 -23.13 11.75 -29.37
C ARG G 146 -23.17 12.71 -30.54
N ASP G 147 -24.14 13.62 -30.54
CA ASP G 147 -24.26 14.59 -31.61
C ASP G 147 -23.15 15.64 -31.52
N LYS G 148 -22.79 16.02 -30.28
CA LYS G 148 -21.74 17.02 -30.05
C LYS G 148 -20.40 16.47 -30.52
N LEU G 149 -20.13 15.22 -30.18
CA LEU G 149 -18.88 14.59 -30.58
C LEU G 149 -18.84 14.33 -32.09
N ASN G 150 -19.94 13.86 -32.65
CA ASN G 150 -19.98 13.59 -34.09
C ASN G 150 -19.76 14.85 -34.91
N LYS G 151 -20.28 15.96 -34.42
CA LYS G 151 -20.15 17.22 -35.12
C LYS G 151 -18.69 17.66 -35.18
N VAL G 152 -17.96 17.45 -34.10
CA VAL G 152 -16.55 17.83 -34.08
C VAL G 152 -15.73 16.86 -34.93
N LEU G 153 -16.09 15.59 -34.85
CA LEU G 153 -15.38 14.56 -35.63
C LEU G 153 -15.53 14.86 -37.12
N ALA G 154 -16.70 15.33 -37.53
CA ALA G 154 -16.94 15.65 -38.94
C ALA G 154 -16.07 16.84 -39.37
N GLU G 155 -15.94 17.82 -38.48
CA GLU G 155 -15.14 19.00 -38.76
C GLU G 155 -13.65 18.69 -38.85
N ARG G 156 -13.17 17.86 -37.93
CA ARG G 156 -11.76 17.48 -37.89
C ARG G 156 -11.34 16.60 -39.06
N THR G 157 -12.24 15.73 -39.50
CA THR G 157 -11.95 14.80 -40.58
C THR G 157 -12.32 15.25 -41.99
N GLY G 158 -13.27 16.18 -42.10
CA GLY G 158 -13.69 16.64 -43.41
C GLY G 158 -14.84 15.78 -43.91
N GLN G 159 -15.14 14.72 -43.16
CA GLN G 159 -16.22 13.81 -43.49
C GLN G 159 -17.55 14.48 -43.19
N PRO G 160 -18.56 14.26 -44.05
CA PRO G 160 -19.86 14.88 -43.78
C PRO G 160 -20.46 14.22 -42.54
N LEU G 161 -21.29 14.97 -41.82
CA LEU G 161 -21.91 14.48 -40.59
C LEU G 161 -22.65 13.16 -40.79
N GLU G 162 -23.35 13.05 -41.91
CA GLU G 162 -24.11 11.86 -42.26
C GLU G 162 -23.20 10.63 -42.28
N VAL G 163 -21.95 10.80 -42.71
CA VAL G 163 -21.02 9.68 -42.78
C VAL G 163 -20.48 9.31 -41.39
N ILE G 164 -20.21 10.32 -40.57
CA ILE G 164 -19.71 10.06 -39.23
C ILE G 164 -20.78 9.32 -38.44
N GLU G 165 -22.02 9.81 -38.49
CA GLU G 165 -23.11 9.16 -37.77
C GLU G 165 -23.22 7.70 -38.21
N ARG G 166 -23.17 7.47 -39.52
CA ARG G 166 -23.25 6.12 -40.07
C ARG G 166 -22.06 5.25 -39.63
N ASP G 167 -20.85 5.77 -39.82
CA ASP G 167 -19.62 5.04 -39.49
C ASP G 167 -19.35 4.80 -38.01
N THR G 168 -20.06 5.48 -37.12
CA THR G 168 -19.84 5.28 -35.69
C THR G 168 -20.95 4.45 -35.03
N ASP G 169 -21.90 3.97 -35.80
CA ASP G 169 -23.00 3.18 -35.24
C ASP G 169 -22.46 2.02 -34.42
N ARG G 170 -21.42 1.35 -34.90
CA ARG G 170 -20.83 0.24 -34.17
C ARG G 170 -19.31 0.38 -34.15
N ASP G 171 -18.63 -0.38 -33.29
CA ASP G 171 -17.18 -0.29 -33.22
C ASP G 171 -16.58 -0.32 -34.62
N ASN G 172 -15.81 0.72 -34.95
CA ASN G 172 -15.20 0.86 -36.26
C ASN G 172 -13.69 0.96 -36.11
N PHE G 173 -13.02 -0.18 -36.26
CA PHE G 173 -11.56 -0.24 -36.14
C PHE G 173 -10.90 0.08 -37.47
N LYS G 174 -9.90 0.96 -37.43
CA LYS G 174 -9.17 1.37 -38.62
C LYS G 174 -7.67 1.25 -38.42
N SER G 175 -6.97 0.95 -39.52
CA SER G 175 -5.52 0.84 -39.51
C SER G 175 -5.00 2.26 -39.67
N ALA G 176 -3.70 2.44 -39.51
CA ALA G 176 -3.11 3.76 -39.67
C ALA G 176 -3.44 4.30 -41.07
N GLU G 177 -3.30 3.44 -42.06
CA GLU G 177 -3.58 3.83 -43.44
C GLU G 177 -5.05 4.28 -43.59
N GLU G 178 -5.96 3.53 -42.98
CA GLU G 178 -7.39 3.86 -43.05
C GLU G 178 -7.71 5.13 -42.25
N ALA G 179 -7.01 5.31 -41.15
CA ALA G 179 -7.22 6.50 -40.32
C ALA G 179 -6.84 7.71 -41.17
N LEU G 180 -5.75 7.56 -41.92
CA LEU G 180 -5.24 8.61 -42.78
C LEU G 180 -6.26 8.95 -43.86
N GLU G 181 -6.70 7.94 -44.62
CA GLU G 181 -7.68 8.19 -45.66
C GLU G 181 -8.97 8.79 -45.13
N TYR G 182 -9.32 8.43 -43.90
CA TYR G 182 -10.55 8.93 -43.30
C TYR G 182 -10.42 10.39 -42.87
N GLY G 183 -9.21 10.81 -42.53
CA GLY G 183 -9.00 12.18 -42.12
C GLY G 183 -8.77 12.31 -40.62
N LEU G 184 -8.67 11.18 -39.92
CA LEU G 184 -8.45 11.20 -38.48
C LEU G 184 -7.02 11.64 -38.14
N ILE G 185 -6.08 11.37 -39.05
CA ILE G 185 -4.69 11.76 -38.85
C ILE G 185 -4.15 12.34 -40.15
N ASP G 186 -2.98 12.96 -40.09
CA ASP G 186 -2.38 13.56 -41.27
C ASP G 186 -1.16 12.83 -41.82
N LYS G 187 -0.48 12.07 -40.97
CA LYS G 187 0.71 11.37 -41.43
C LYS G 187 1.07 10.14 -40.60
N ILE G 188 1.71 9.17 -41.24
CA ILE G 188 2.14 7.94 -40.59
C ILE G 188 3.64 7.99 -40.39
N LEU G 189 4.08 7.86 -39.14
CA LEU G 189 5.52 7.87 -38.82
C LEU G 189 6.13 6.54 -39.17
N THR G 190 6.85 6.48 -40.29
CA THR G 190 7.47 5.23 -40.71
C THR G 190 8.91 5.14 -40.20
N HIS G 191 9.84 5.71 -40.97
CA HIS G 191 11.24 5.70 -40.60
C HIS G 191 11.51 6.79 -39.57
C1 OTT H 1 -7.76 31.79 9.46
C2 OTT H 1 -6.55 30.95 9.46
C3 OTT H 1 -5.48 31.24 8.61
C4 OTT H 1 -4.29 30.39 8.62
C5 OTT H 1 -3.23 30.61 7.82
C6 OTT H 1 -1.98 29.83 7.74
C7 OTT H 1 -1.00 30.21 6.88
C8 OTT H 1 0.28 29.54 6.69
O11 OTT H 1 -7.86 32.84 8.76
N PHE H 2 -8.81 31.39 10.27
CA PHE H 2 -10.09 32.13 10.35
C PHE H 2 -9.94 33.22 11.50
N SER H 3 -9.25 34.33 11.03
CA SER H 3 -8.92 35.54 11.76
C SER H 3 -9.32 36.87 11.04
N PRO H 4 -10.00 37.87 11.85
CA PRO H 4 -10.41 37.92 13.35
C PRO H 4 -11.46 36.71 13.68
N MAA H 5 -11.32 35.82 14.81
CM MAA H 5 -12.41 34.75 14.97
CA MAA H 5 -10.17 35.87 15.86
CB MAA H 5 -10.66 36.77 17.06
C MAA H 5 -9.62 34.46 16.40
O MAA H 5 -9.25 34.29 17.61
N ALA H 6 -9.58 33.43 15.46
CA ALA H 6 -9.12 32.06 15.73
C ALA H 6 -8.14 31.41 14.64
C MP8 H 7 -6.72 34.59 14.19
N MP8 H 7 -6.86 31.99 14.29
O MP8 H 7 -6.94 35.58 14.91
CA MP8 H 7 -6.18 33.24 14.79
CB MP8 H 7 -4.69 33.00 14.52
CD MP8 H 7 -5.95 31.35 13.26
CE MP8 H 7 -3.38 31.50 12.95
CG MP8 H 7 -4.70 32.26 13.18
C1 OTT I 1 -4.35 29.08 -17.19
C2 OTT I 1 -3.50 28.59 -16.10
C3 OTT I 1 -2.11 28.65 -16.18
C4 OTT I 1 -1.24 28.17 -15.11
C5 OTT I 1 0.11 28.23 -15.18
C6 OTT I 1 1.09 27.80 -14.17
C7 OTT I 1 2.42 27.94 -14.42
C8 OTT I 1 3.52 27.55 -13.54
O11 OTT I 1 -3.87 29.52 -18.27
N PHE I 2 -5.73 29.04 -17.01
CA PHE I 2 -6.69 29.50 -18.04
C PHE I 2 -6.84 31.09 -17.91
N SER I 3 -5.78 31.71 -18.52
CA SER I 3 -5.53 33.12 -18.62
C SER I 3 -5.21 33.62 -20.07
N PRO I 4 -5.87 34.84 -20.50
CA PRO I 4 -6.89 35.78 -19.79
C PRO I 4 -8.24 34.94 -19.45
N MAA I 5 -8.92 34.99 -18.18
CM MAA I 5 -10.18 34.13 -18.05
CA MAA I 5 -8.49 35.85 -16.95
CB MAA I 5 -9.33 37.18 -16.99
C MAA I 5 -8.59 35.17 -15.51
O MAA I 5 -8.86 35.84 -14.46
N ALA I 6 -8.36 33.78 -15.46
CA ALA I 6 -8.42 32.98 -14.22
C ALA I 6 -7.23 31.93 -13.98
C MP8 I 7 -5.04 34.24 -15.48
N MP8 I 7 -5.81 32.34 -13.89
O MP8 I 7 -5.35 35.40 -15.77
CA MP8 I 7 -5.18 33.70 -14.00
CB MP8 I 7 -3.85 33.55 -13.27
CD MP8 I 7 -4.71 31.31 -13.65
CE MP8 I 7 -2.37 31.59 -12.59
CG MP8 I 7 -3.40 32.12 -13.61
C1 OTT J 1 25.83 -8.39 -20.18
C2 OTT J 1 25.38 -7.12 -19.59
C3 OTT J 1 26.02 -6.55 -18.49
C4 OTT J 1 25.55 -5.29 -17.93
C5 OTT J 1 26.11 -4.67 -16.88
C6 OTT J 1 25.67 -3.41 -16.27
C7 OTT J 1 26.34 -2.89 -15.20
C8 OTT J 1 26.00 -1.64 -14.50
O11 OTT J 1 26.90 -8.96 -19.82
N PHE J 2 25.04 -8.96 -21.17
CA PHE J 2 25.36 -10.23 -21.84
C PHE J 2 26.27 -9.88 -23.11
N SER J 3 27.53 -9.49 -22.70
CA SER J 3 28.63 -9.09 -23.55
C SER J 3 29.95 -9.91 -23.34
N PRO J 4 30.68 -10.30 -24.53
CA PRO J 4 30.38 -10.07 -26.04
C PRO J 4 28.96 -10.82 -26.41
N MAA J 5 27.92 -10.22 -27.22
CM MAA J 5 26.68 -11.09 -27.45
CA MAA J 5 27.97 -8.80 -27.87
CB MAA J 5 28.40 -8.99 -29.37
C MAA J 5 26.63 -7.94 -27.78
O MAA J 5 26.28 -7.14 -28.69
N ALA J 6 25.85 -8.14 -26.63
CA ALA J 6 24.58 -7.44 -26.36
C ALA J 6 24.37 -6.80 -24.91
C MP8 J 7 27.78 -6.06 -24.86
N MP8 J 7 25.26 -5.79 -24.35
O MP8 J 7 28.55 -6.16 -25.83
CA MP8 J 7 26.49 -5.16 -24.93
CB MP8 J 7 26.63 -3.83 -24.16
CD MP8 J 7 25.01 -5.20 -22.97
CE MP8 J 7 25.70 -2.91 -22.00
CG MP8 J 7 26.14 -4.17 -22.76
C1 OTT K 1 2.87 17.07 29.24
C2 OTT K 1 3.79 16.64 28.16
C3 OTT K 1 4.39 17.58 27.32
C4 OTT K 1 5.30 17.19 26.26
C5 OTT K 1 5.89 18.08 25.44
C6 OTT K 1 6.82 17.83 24.35
C7 OTT K 1 7.31 18.87 23.64
C8 OTT K 1 8.24 18.80 22.51
O11 OTT K 1 2.53 18.28 29.37
N PHE K 2 2.40 16.10 30.10
CA PHE K 2 1.46 16.41 31.20
C PHE K 2 2.32 16.63 32.53
N SER K 3 3.00 17.83 32.48
CA SER K 3 3.87 18.40 33.49
C SER K 3 3.45 19.82 33.99
N PRO K 4 3.45 20.04 35.42
CA PRO K 4 3.79 19.11 36.63
C PRO K 4 2.78 17.83 36.67
N MAA K 5 3.23 16.47 36.85
CM MAA K 5 2.13 15.39 36.87
CA MAA K 5 4.71 16.01 37.03
CB MAA K 5 4.97 15.82 38.58
C MAA K 5 5.17 14.71 36.23
O MAA K 5 6.11 13.96 36.64
N ALA K 6 4.48 14.44 35.03
CA ALA K 6 4.75 13.28 34.16
C ALA K 6 5.07 13.56 32.61
C MP8 K 7 6.70 16.53 33.56
N MP8 K 7 6.18 14.41 32.16
O MP8 K 7 6.99 16.87 34.71
CA MP8 K 7 7.21 15.17 32.94
CB MP8 K 7 8.38 15.34 31.97
CD MP8 K 7 6.45 14.63 30.68
CE MP8 K 7 8.64 15.28 29.46
CG MP8 K 7 7.68 15.56 30.63
C1 OTT L 1 19.68 -3.87 27.58
C2 OTT L 1 19.91 -3.34 26.22
C3 OTT L 1 20.04 -1.97 25.99
C4 OTT L 1 20.27 -1.48 24.64
C5 OTT L 1 20.40 -0.17 24.33
C6 OTT L 1 20.64 0.41 23.00
C7 OTT L 1 20.75 1.75 22.84
C8 OTT L 1 20.98 2.45 21.57
O11 OTT L 1 19.65 -3.12 28.59
N PHE L 2 19.50 -5.25 27.71
CA PHE L 2 19.26 -5.89 29.03
C PHE L 2 20.67 -6.37 29.58
N SER L 3 21.35 -5.32 30.15
CA SER L 3 22.66 -5.37 30.77
C SER L 3 22.70 -4.85 32.24
N PRO L 4 23.45 -5.62 33.22
CA PRO L 4 24.28 -6.95 33.10
C PRO L 4 23.31 -8.17 32.63
N MAA L 5 23.64 -9.11 31.58
CM MAA L 5 22.59 -10.19 31.30
CA MAA L 5 24.96 -9.10 30.75
CB MAA L 5 25.97 -10.07 31.47
C MAA L 5 24.82 -9.46 29.20
O MAA L 5 25.72 -10.12 28.57
N ALA L 6 23.65 -9.01 28.58
CA ALA L 6 23.32 -9.23 27.16
C ALA L 6 22.74 -7.98 26.34
C MP8 L 7 24.88 -5.89 28.23
N MP8 L 7 23.47 -6.71 26.18
O MP8 L 7 25.78 -6.32 28.95
CA MP8 L 7 24.83 -6.28 26.70
CB MP8 L 7 25.23 -5.14 25.75
CD MP8 L 7 22.87 -5.56 25.39
CE MP8 L 7 24.02 -3.62 24.13
CG MP8 L 7 23.91 -4.43 25.44
C1 OTT M 1 29.98 -15.07 5.43
C2 OTT M 1 29.51 -13.83 4.82
C3 OTT M 1 29.63 -12.60 5.47
C4 OTT M 1 29.15 -11.37 4.84
C5 OTT M 1 29.23 -10.16 5.41
C6 OTT M 1 28.78 -8.88 4.84
C7 OTT M 1 28.93 -7.74 5.54
C8 OTT M 1 28.52 -6.41 5.09
O11 OTT M 1 30.77 -15.08 6.42
N PHE M 2 29.52 -16.27 4.86
CA PHE M 2 29.92 -17.61 5.37
C PHE M 2 31.37 -17.96 4.79
N SER M 3 32.33 -17.31 5.51
CA SER M 3 33.76 -17.36 5.29
C SER M 3 34.62 -17.69 6.56
N PRO M 4 35.70 -18.63 6.36
CA PRO M 4 36.19 -19.41 5.10
C PRO M 4 35.00 -20.42 4.60
N MAA M 5 34.63 -20.63 3.22
CM MAA M 5 33.48 -21.62 2.97
CA MAA M 5 35.30 -19.95 1.99
CB MAA M 5 36.32 -20.98 1.37
C MAA M 5 34.31 -19.39 0.86
O MAA M 5 34.64 -19.36 -0.36
N ALA M 6 33.06 -18.96 1.31
CA ALA M 6 32.00 -18.41 0.43
C ALA M 6 31.28 -17.05 0.87
C MP8 M 7 34.35 -16.00 2.27
N MP8 M 7 32.02 -15.82 1.12
O MP8 M 7 35.42 -16.61 2.13
CA MP8 M 7 33.50 -15.51 1.03
CB MP8 M 7 33.56 -13.99 0.81
CD MP8 M 7 31.29 -14.54 1.52
CE MP8 M 7 31.98 -12.06 1.19
CG MP8 M 7 32.40 -13.47 1.66
C1 OTT N 1 10.49 11.20 -30.50
C2 OTT N 1 10.52 11.69 -29.12
C3 OTT N 1 11.66 11.61 -28.33
C4 OTT N 1 11.63 12.10 -26.96
C5 OTT N 1 12.68 12.06 -26.12
C6 OTT N 1 12.72 12.53 -24.73
C7 OTT N 1 13.86 12.42 -24.01
C8 OTT N 1 14.01 12.85 -22.63
O11 OTT N 1 11.53 10.76 -31.07
N PHE N 2 9.28 11.26 -31.17
CA PHE N 2 9.09 10.80 -32.55
C PHE N 2 9.26 12.09 -33.49
N SER N 3 10.59 12.39 -33.62
CA SER N 3 11.18 13.47 -34.39
C SER N 3 12.25 13.03 -35.44
N PRO N 4 12.14 13.59 -36.77
CA PRO N 4 11.11 14.58 -37.40
C PRO N 4 9.61 13.93 -37.38
N MAA N 5 8.41 14.66 -36.99
CM MAA N 5 7.10 13.87 -37.04
CA MAA N 5 8.36 16.15 -36.53
CB MAA N 5 7.99 17.02 -37.80
C MAA N 5 7.38 16.48 -35.32
O MAA N 5 6.68 17.55 -35.27
N ALA N 6 7.33 15.51 -34.30
CA ALA N 6 6.49 15.61 -33.09
C ALA N 6 7.11 15.09 -31.71
C MP8 N 7 10.22 16.26 -32.86
N MP8 N 7 8.36 15.64 -31.15
O MP8 N 7 10.27 16.89 -33.92
CA MP8 N 7 9.27 16.71 -31.68
CB MP8 N 7 10.01 17.22 -30.43
CD MP8 N 7 8.91 15.14 -29.83
CE MP8 N 7 10.42 16.33 -28.10
CG MP8 N 7 10.19 15.96 -29.58
S DMS O . -27.37 20.82 -5.77
O DMS O . -27.58 20.33 -7.12
C1 DMS O . -28.55 22.12 -5.53
C2 DMS O . -27.79 19.57 -4.60
C3' NHE P . -22.34 11.64 10.04
C2' NHE P . -22.46 12.17 8.61
C1' NHE P . -23.79 12.78 8.20
C6' NHE P . -24.54 13.61 9.29
N NHE P . -23.58 13.63 7.07
C1 NHE P . -23.59 13.24 5.69
C2 NHE P . -23.35 14.48 4.88
S NHE P . -24.54 14.90 3.80
O1 NHE P . -24.29 15.36 2.39
O2 NHE P . -25.95 14.87 4.33
O3 NHE P . -24.28 16.24 4.38
C5' NHE P . -23.86 13.70 10.66
C4' NHE P . -23.13 12.43 11.12
S DMS Q . -22.88 13.82 22.57
O DMS Q . -23.84 14.24 21.55
C1 DMS Q . -23.72 14.00 24.13
C2 DMS Q . -22.56 12.09 22.43
C3' NHE R . -12.22 -1.72 24.08
C2' NHE R . -13.05 -0.57 23.52
C1' NHE R . -14.29 -0.13 24.28
C6' NHE R . -14.22 -0.24 25.84
N NHE R . -14.57 1.21 23.95
C1 NHE R . -15.54 1.67 22.99
C2 NHE R . -15.46 3.17 23.01
S NHE R . -16.89 3.99 23.29
O1 NHE R . -17.38 5.15 22.46
O2 NHE R . -17.66 3.56 24.50
O3 NHE R . -15.96 4.83 24.07
C5' NHE R . -12.91 -0.77 26.44
C4' NHE R . -12.21 -1.86 25.62
S DMS S . -6.31 -7.82 33.69
O DMS S . -7.62 -7.21 33.80
C1 DMS S . -6.04 -8.73 35.19
C2 DMS S . -6.31 -9.04 32.41
C3' NHE T . 1.50 -18.22 19.93
C2' NHE T . 0.76 -17.20 20.79
C1' NHE T . 0.02 -17.70 22.01
C6' NHE T . 0.69 -18.87 22.78
N NHE T . -0.16 -16.62 22.93
C1 NHE T . -1.25 -15.69 22.98
C2 NHE T . -0.95 -14.77 24.14
S NHE T . -2.12 -14.62 25.32
O1 NHE T . -2.75 -13.32 25.72
O2 NHE T . -2.51 -15.88 26.04
O3 NHE T . -0.92 -14.41 26.15
C5' NHE T . 2.03 -19.39 22.24
C4' NHE T . 2.17 -19.38 20.70
S DMS U . 10.23 -27.25 19.14
O DMS U . 9.35 -27.28 20.28
C1 DMS U . 11.33 -28.63 19.32
C2 DMS U . 9.32 -27.57 17.66
C3' NHE V . 8.21 -26.07 0.25
C2' NHE V . 8.10 -25.91 1.77
C1' NHE V . 8.29 -27.14 2.64
C6' NHE V . 9.34 -28.18 2.13
N NHE V . 8.69 -26.72 3.95
C1 NHE V . 7.81 -26.35 5.04
C2 NHE V . 8.70 -25.99 6.20
S NHE V . 8.38 -26.75 7.66
O1 NHE V . 8.21 -26.04 8.97
O2 NHE V . 8.34 -28.26 7.60
O3 NHE V . 9.84 -26.69 7.73
C5' NHE V . 10.05 -27.85 0.81
C4' NHE V . 9.21 -27.13 -0.25
S DMS W . 14.12 -30.48 -10.08
O DMS W . 14.01 -31.18 -8.82
C1 DMS W . 14.80 -31.65 -11.24
C2 DMS W . 12.53 -30.06 -10.71
C3' NHE X . 2.94 -18.37 -19.68
C2' NHE X . 3.73 -19.23 -18.69
C1' NHE X . 4.15 -20.62 -19.14
C6' NHE X . 4.54 -20.78 -20.63
N NHE X . 5.28 -21.03 -18.36
C1 NHE X . 5.26 -21.79 -17.13
C2 NHE X . 6.69 -21.97 -16.71
S NHE X . 7.08 -23.44 -15.99
O1 NHE X . 7.87 -23.59 -14.72
O2 NHE X . 6.67 -24.67 -16.75
O3 NHE X . 8.29 -23.24 -16.80
C5' NHE X . 4.46 -19.52 -21.52
C4' NHE X . 3.32 -18.53 -21.17
S DMS Y . 2.32 -14.24 -31.63
O DMS Y . 2.41 -15.63 -31.26
C1 DMS Y . 1.85 -14.22 -33.35
C2 DMS Y . 0.99 -13.46 -30.78
C3' NHE Z . -10.26 -1.33 -25.49
C2' NHE Z . -9.23 -2.45 -25.54
C1' NHE Z . -9.24 -3.38 -26.75
C6' NHE Z . -9.58 -2.72 -28.11
N NHE Z . -7.95 -3.97 -26.87
C1 NHE Z . -7.65 -5.38 -26.73
C2 NHE Z . -6.17 -5.52 -26.93
S NHE Z . -5.64 -6.87 -27.76
O1 NHE Z . -4.58 -7.82 -27.27
O2 NHE Z . -6.23 -7.07 -29.12
O3 NHE Z . -4.65 -5.89 -28.25
C5' NHE Z . -9.88 -1.20 -28.09
C4' NHE Z . -10.62 -0.69 -26.84
S DMS AA . -16.28 8.67 -30.35
O DMS AA . -15.90 7.45 -31.03
C1 DMS AA . -17.28 9.59 -31.49
C2 DMS AA . -17.34 8.31 -28.98
C3' NHE BA . -21.38 11.84 -12.02
C2' NHE BA . -20.78 11.31 -13.32
C1' NHE BA . -21.64 11.38 -14.58
C6' NHE BA . -22.57 12.62 -14.72
N NHE BA . -20.79 11.36 -15.72
C1 NHE BA . -20.47 10.23 -16.54
C2 NHE BA . -19.55 10.73 -17.63
S NHE BA . -19.82 10.14 -19.17
O1 NHE BA . -18.75 9.56 -20.05
O2 NHE BA . -21.22 10.27 -19.69
O3 NHE BA . -19.48 11.52 -19.50
C5' NHE BA . -22.52 13.64 -13.57
C4' NHE BA . -22.33 13.06 -12.17
#